data_7VDT
#
_entry.id   7VDT
#
_cell.length_a   1.00
_cell.length_b   1.00
_cell.length_c   1.00
_cell.angle_alpha   90.00
_cell.angle_beta   90.00
_cell.angle_gamma   90.00
#
_symmetry.space_group_name_H-M   'P 1'
#
loop_
_entity.id
_entity.type
_entity.pdbx_description
1 polymer 'Isoform 2 of Transcription activator BRG1'
2 polymer 'Histone H4'
3 polymer 'Histone H2A'
4 polymer 'Histone H2B 1.1'
5 polymer 'Histone H3'
6 polymer 'DNA (207-MER)'
7 polymer 'DNA (207-MER)'
8 non-polymer 'BERYLLIUM TRIFLUORIDE ION'
9 non-polymer 'MAGNESIUM ION'
10 non-polymer "ADENOSINE-5'-DIPHOSPHATE"
#
loop_
_entity_poly.entity_id
_entity_poly.type
_entity_poly.pdbx_seq_one_letter_code
_entity_poly.pdbx_strand_id
1 'polypeptide(L)'
;MQALGQQNRGPTPFNQNQLHQLRAQIMAYKMLARGQPLPDHLQMAVQGKRPMPGMQQQMPTLPPPSVSATGPGPGPGPGP
GPGPGPAPPNYSRPHGMGGPNMPPPGPSGVPPGMPGQPPGGPPKPWPEGPMANAAAPTSTPQKLIPPQPTGRPSPAPPAV
PPAASPVMPPQTQSPGQPAQPAPMVPLHQKQSRITPIQKPRGLDPVEILQEREYRLQARIAHRIQELENLPGSLAGDLRT
KATIELKALRLLNFQRQLRQEVVVCMRRDTALETALNAKAYKRSKRQSLREARITEKLEKQQKIEQERKRRQKHQEYLNS
ILQHAKDFKEYHRSVTGKIQKLTKAVATYHANTEREQKKENERIEKERMRRLMAEDEEGYRKLIDQKKDKRLAYLLQQTD
EYVANLTELVRQHKAAQVAKEKKKKKKKKKAENAEGQTPAIGPDGEPLDETSQMSDLPVKVIHVESGKILTGTDAPKAGQ
LEAWLEMNPGYEVAPRSDSEESGSEEEEEEEEEEQPQAAQPPTLPVEEKKKIPDPDSDDVSEVDARHIIENAKQDVDDEY
GVSQALARGLQSYYAVAHAVTERVDKQSALMVNGVLKQYQIKGLEWLVSLYNNNLNGILADEMGLGKTIQTIALITYLME
HKRINGPFLIIVPLSTLSNWAYEFDKWAPSVVKVSYKGSPAARRAFVPQLRSGKFNVLLTTYEYIIKDKHILAKIRWKYM
IVDEGHRMKNHHCKLTQVLNTHYVAPRRLLLTGTPLQNKLPELWALLNFLLPTIFKSCSTFEQWFNAPFAMTGEKVDLNE
EETILIIRRLHKVLRPFLLRRLKKEVEAQLPEKVEYVIKCDMSALQRVLYRHMQAKGVLLTDGSEKDKKGKGGTKTLMNT
IMQLRKICNHPYMFQHIEESFSEHLGFTGGIVQGLDLYRASGKFELLDRILPKLRATNHKVLLFCQMTSLMTIMEDYFAY
RGFKYLRLDGTTKAEDRGMLLKTFNEPGSEYFIFLLSTRAGGLGLNLQSADTVIIFDSDWNPHQDLQAQDRAHRIGQQNE
VRVLRLCTVNSVEEKILAAAKYKLNVDQKVIQAGMFDQKSSSHERRAFLQAILEHEEQDEEEDEVPDDETVNQMIARHEE
EFDLFMRMDLDRRREEARNPKRKPRLMEEDELPSWIIKDDAEVERLTCEEEEEKMFGRGSRHRKEVDYSDSLTEKQWLKA
IEEGTLEEIEEEVRQKKSSRKRKRDSDAGSSTPTTSTRSRDKDDESKKQKKRGRPPAEKLSPNPPNLTKKMKKIVDAVIK
YKDSSSGRQLSEVFIQLPSRKELPEYYELIRKPVDFKKIKERIRNHKYRSLNDLEKDVMLLCQNAQTFNLEGSLIYEDSI
VLQSVFTSVRQKIEKEDDSEGEESEEEEEGEEEGSESESRSVKVKIKLGRKEKAQDRLKGGRRRPSRGSRAKPVVSDDDS
EEEQEEDRSGSGSEEDASGGSWSHPQFEKWSHPQFEKWSHPQFEK
;
A
2 'polypeptide(L)'
;MSGRGKGGKGLGKGGAKRHRKVLRDNIQGITKPAIRRLARRGGVKRISGLIYEETRGVLKVFLENVIRDAVTYTEHAKRK
TVTAMDVVYALKRQGRTLYGFGG
;
B,F
3 'polypeptide(L)'
;MSGRGKQGGKTRAKAKTRSSRAGLQFPVGRVHRLLRKGNYAERVGAGAPVYLAAVLEYLTAEILELAGNAARDNKKTRII
PRHLQLAVRNDEELNKLLGRVTIAQGGVLPNIQSVLLPKKTESSKSAKSK
;
C,G
4 'polypeptide(L)'
;MPEPAKSAPAPKKGSKKAVTKTQKKDGKKRRKSRKESYAIYVYKVLKQVHPDTGISSKAMSIMNSFVNDVFERIAGEASR
LAHYNKRSTITSREIQTAVRLLLPGELAKHAVSEGTKAVTKYTSAK
;
D,H
5 'polypeptide(L)'
;MARTKQTARKSTGGKAPRKQLATKAARKSAPATGGVKKPHRYRPGTVALREIRRYQKSTELLIRKLPFQRLVREIAQDFK
TDLRFQSSAVMALQEASEAYLVALFEDTNLCAIHAKRVTIMPKDIQLARRIRGERA
;
E,K
6 'polydeoxyribonucleotide'
;(DG)(DG)(DA)(DC)(DC)(DC)(DT)(DA)(DT)(DA)(DC)(DG)(DC)(DG)(DG)(DC)(DC)(DG)(DC)(DC)
(DC)(DT)(DG)(DG)(DA)(DG)(DA)(DA)(DT)(DC)(DC)(DC)(DG)(DG)(DT)(DG)(DC)(DC)(DG)(DA)
(DG)(DG)(DC)(DC)(DG)(DC)(DT)(DC)(DA)(DA)(DT)(DT)(DG)(DG)(DT)(DC)(DG)(DT)(DA)(DG)
(DA)(DC)(DA)(DG)(DC)(DT)(DC)(DT)(DA)(DG)(DC)(DA)(DC)(DC)(DG)(DC)(DT)(DT)(DA)(DA)
(DA)(DC)(DG)(DC)(DA)(DC)(DG)(DT)(DA)(DC)(DG)(DC)(DG)(DC)(DT)(DG)(DT)(DC)(DC)(DC)
(DC)(DC)(DG)(DC)(DG)(DT)(DT)(DT)(DT)(DA)(DA)(DC)(DC)(DG)(DC)(DC)(DA)(DA)(DG)(DG)
(DG)(DG)(DA)(DT)(DT)(DA)(DC)(DT)(DC)(DC)(DC)(DT)(DA)(DG)(DT)(DC)(DT)(DC)(DC)(DA)
(DG)(DG)(DC)(DA)(DC)(DG)(DT)(DG)(DT)(DC)(DA)(DG)(DA)(DT)(DA)(DT)(DA)(DT)(DA)(DC)
(DA)(DT)(DC)(DC)(DT)(DG)(DA)(DA)(DG)(DC)(DT)(DT)(DG)(DT)(DC)(DG)(DA)(DG)(DA)(DA)
(DG)(DT)(DA)(DC)(DT)(DA)(DG)(DA)(DG)(DG)(DA)(DT)(DC)(DA)(DT)(DA)(DA)(DT)(DC)(DA)
(DG)(DC)(DC)(DA)(DT)(DA)(DC)
;
I
7 'polydeoxyribonucleotide'
;(DG)(DT)(DA)(DT)(DG)(DG)(DC)(DT)(DG)(DA)(DT)(DT)(DA)(DT)(DG)(DA)(DT)(DC)(DC)(DT)
(DC)(DT)(DA)(DG)(DT)(DA)(DC)(DT)(DT)(DC)(DT)(DC)(DG)(DA)(DC)(DA)(DA)(DG)(DC)(DT)
(DT)(DC)(DA)(DG)(DG)(DA)(DT)(DG)(DT)(DA)(DT)(DA)(DT)(DA)(DT)(DC)(DT)(DG)(DA)(DC)
(DA)(DC)(DG)(DT)(DG)(DC)(DC)(DT)(DG)(DG)(DA)(DG)(DA)(DC)(DT)(DA)(DG)(DG)(DG)(DA)
(DG)(DT)(DA)(DA)(DT)(DC)(DC)(DC)(DC)(DT)(DT)(DG)(DG)(DC)(DG)(DG)(DT)(DT)(DA)(DA)
(DA)(DA)(DC)(DG)(DC)(DG)(DG)(DG)(DG)(DG)(DA)(DC)(DA)(DG)(DC)(DG)(DC)(DG)(DT)(DA)
(DC)(DG)(DT)(DG)(DC)(DG)(DT)(DT)(DT)(DA)(DA)(DG)(DC)(DG)(DG)(DT)(DG)(DC)(DT)(DA)
(DG)(DA)(DG)(DC)(DT)(DG)(DT)(DC)(DT)(DA)(DC)(DG)(DA)(DC)(DC)(DA)(DA)(DT)(DT)(DG)
(DA)(DG)(DC)(DG)(DG)(DC)(DC)(DT)(DC)(DG)(DG)(DC)(DA)(DC)(DC)(DG)(DG)(DG)(DA)(DT)
(DT)(DC)(DT)(DC)(DC)(DA)(DG)(DG)(DG)(DC)(DG)(DG)(DC)(DC)(DG)(DC)(DG)(DT)(DA)(DT)
(DA)(DG)(DG)(DG)(DT)(DC)(DC)
;
J
#
loop_
_chem_comp.id
_chem_comp.type
_chem_comp.name
_chem_comp.formula
ADP non-polymer ADENOSINE-5'-DIPHOSPHATE 'C10 H15 N5 O10 P2'
BEF non-polymer 'BERYLLIUM TRIFLUORIDE ION' 'Be F3 -1'
DA DNA linking 2'-DEOXYADENOSINE-5'-MONOPHOSPHATE 'C10 H14 N5 O6 P'
DC DNA linking 2'-DEOXYCYTIDINE-5'-MONOPHOSPHATE 'C9 H14 N3 O7 P'
DG DNA linking 2'-DEOXYGUANOSINE-5'-MONOPHOSPHATE 'C10 H14 N5 O7 P'
DT DNA linking THYMIDINE-5'-MONOPHOSPHATE 'C10 H15 N2 O8 P'
MG non-polymer 'MAGNESIUM ION' 'Mg 2'
#
# COMPACT_ATOMS: atom_id res chain seq x y z
N LYS A 382 12.98 22.16 -43.22
CA LYS A 382 11.57 21.80 -43.30
C LYS A 382 11.42 20.41 -43.87
N LEU A 383 12.20 20.14 -44.92
CA LEU A 383 12.25 18.86 -45.65
C LEU A 383 10.95 18.06 -45.71
N ILE A 384 9.81 18.74 -45.83
CA ILE A 384 8.55 18.04 -45.88
C ILE A 384 8.51 17.04 -47.04
N ASP A 385 9.07 17.44 -48.17
CA ASP A 385 9.09 16.58 -49.35
C ASP A 385 9.84 15.27 -49.12
N GLN A 386 11.07 15.35 -48.63
CA GLN A 386 11.85 14.14 -48.40
C GLN A 386 11.37 13.40 -47.16
N LYS A 387 10.07 13.28 -46.99
CA LYS A 387 9.39 12.39 -46.05
C LYS A 387 8.23 11.65 -46.69
N LYS A 388 7.47 12.31 -47.56
CA LYS A 388 6.39 11.62 -48.26
C LYS A 388 6.95 10.60 -49.25
N ASP A 389 8.11 10.88 -49.83
CA ASP A 389 8.70 9.97 -50.80
C ASP A 389 8.88 8.58 -50.20
N LYS A 390 9.29 8.51 -48.94
CA LYS A 390 9.40 7.23 -48.25
C LYS A 390 8.04 6.56 -48.08
N ARG A 391 7.01 7.36 -47.78
CA ARG A 391 5.65 6.81 -47.80
C ARG A 391 5.34 6.18 -49.14
N LEU A 392 5.62 6.89 -50.25
CA LEU A 392 5.35 6.34 -51.57
C LEU A 392 6.04 5.01 -51.78
N ALA A 393 7.17 4.77 -51.12
CA ALA A 393 7.84 3.48 -51.25
C ALA A 393 6.96 2.36 -50.71
N TYR A 394 6.47 2.51 -49.48
CA TYR A 394 5.86 1.37 -48.79
C TYR A 394 4.54 0.95 -49.45
N LEU A 395 3.76 1.92 -49.94
CA LEU A 395 2.57 1.58 -50.70
C LEU A 395 2.92 0.68 -51.89
N LEU A 396 4.06 0.96 -52.51
CA LEU A 396 4.52 0.18 -53.64
C LEU A 396 4.91 -1.21 -53.15
N GLN A 397 5.88 -1.25 -52.25
CA GLN A 397 6.35 -2.50 -51.68
C GLN A 397 5.23 -3.18 -50.89
N GLN A 398 4.48 -2.38 -50.15
CA GLN A 398 3.38 -2.90 -49.32
C GLN A 398 2.28 -3.55 -50.16
N THR A 399 1.95 -2.93 -51.29
CA THR A 399 0.91 -3.45 -52.16
C THR A 399 1.27 -4.84 -52.68
N ASP A 400 2.52 -5.02 -53.05
CA ASP A 400 2.98 -6.32 -53.56
C ASP A 400 2.94 -7.37 -52.47
N GLU A 401 2.49 -8.57 -52.82
CA GLU A 401 2.40 -9.67 -51.87
C GLU A 401 2.75 -10.99 -52.56
N TYR A 573 0.76 9.03 -54.93
CA TYR A 573 -0.22 9.71 -54.13
C TYR A 573 -1.40 8.80 -53.81
N TYR A 574 -2.60 9.34 -53.99
CA TYR A 574 -3.81 8.54 -53.84
C TYR A 574 -3.88 7.44 -54.89
N ALA A 575 -3.52 7.76 -56.13
CA ALA A 575 -3.76 6.84 -57.25
C ALA A 575 -2.89 5.58 -57.13
N VAL A 576 -1.63 5.73 -56.70
CA VAL A 576 -0.78 4.56 -56.57
C VAL A 576 -1.31 3.64 -55.48
N ALA A 577 -1.88 4.20 -54.42
CA ALA A 577 -2.54 3.38 -53.41
C ALA A 577 -3.76 2.68 -53.98
N HIS A 578 -4.56 3.39 -54.77
CA HIS A 578 -5.75 2.81 -55.37
C HIS A 578 -5.43 2.35 -56.80
N ALA A 579 -4.72 1.22 -56.86
CA ALA A 579 -4.32 0.65 -58.13
C ALA A 579 -5.52 0.14 -58.92
N VAL A 580 -6.40 -0.60 -58.26
CA VAL A 580 -7.56 -1.21 -58.90
C VAL A 580 -8.80 -0.39 -58.57
N THR A 581 -9.58 -0.04 -59.58
CA THR A 581 -10.82 0.68 -59.41
C THR A 581 -11.97 -0.16 -59.98
N GLU A 582 -13.03 -0.32 -59.20
CA GLU A 582 -14.15 -1.16 -59.60
C GLU A 582 -15.45 -0.43 -59.27
N ARG A 583 -16.10 0.10 -60.31
CA ARG A 583 -17.37 0.81 -60.16
C ARG A 583 -18.50 -0.12 -60.60
N VAL A 584 -18.78 -1.12 -59.76
CA VAL A 584 -19.82 -2.10 -60.07
C VAL A 584 -20.80 -2.15 -58.90
N ASP A 585 -20.40 -1.58 -57.77
CA ASP A 585 -21.23 -1.64 -56.57
C ASP A 585 -22.58 -0.95 -56.74
N LYS A 586 -22.73 -0.07 -57.73
CA LYS A 586 -24.01 0.60 -57.94
C LYS A 586 -25.13 -0.40 -58.20
N GLN A 587 -24.81 -1.62 -58.64
CA GLN A 587 -25.81 -2.65 -58.85
C GLN A 587 -26.54 -2.96 -57.55
N SER A 588 -27.64 -3.69 -57.69
CA SER A 588 -28.46 -4.07 -56.54
C SER A 588 -27.73 -5.13 -55.72
N ALA A 589 -27.13 -4.70 -54.61
CA ALA A 589 -26.53 -5.64 -53.66
C ALA A 589 -27.64 -6.48 -53.05
N LEU A 590 -27.65 -7.77 -53.37
CA LEU A 590 -28.77 -8.64 -53.00
C LEU A 590 -28.71 -9.13 -51.57
N MET A 591 -29.57 -10.09 -51.22
CA MET A 591 -29.90 -10.48 -49.85
C MET A 591 -29.94 -9.30 -48.89
N VAL A 592 -30.78 -8.31 -49.21
CA VAL A 592 -31.05 -7.18 -48.32
C VAL A 592 -32.55 -6.92 -48.33
N ASN A 593 -33.01 -6.15 -47.34
CA ASN A 593 -34.41 -5.75 -47.26
C ASN A 593 -34.61 -4.26 -47.48
N GLY A 594 -33.91 -3.41 -46.74
CA GLY A 594 -33.94 -2.00 -47.00
C GLY A 594 -33.06 -1.62 -48.18
N VAL A 595 -33.01 -0.33 -48.44
CA VAL A 595 -32.22 0.22 -49.54
C VAL A 595 -31.17 1.16 -48.97
N LEU A 596 -29.95 1.06 -49.48
CA LEU A 596 -28.87 1.92 -49.01
C LEU A 596 -29.11 3.36 -49.44
N LYS A 597 -28.61 4.30 -48.64
CA LYS A 597 -28.59 5.68 -49.08
C LYS A 597 -27.57 5.84 -50.20
N GLN A 598 -27.71 6.92 -50.95
CA GLN A 598 -26.87 7.11 -52.12
C GLN A 598 -25.40 7.22 -51.73
N TYR A 599 -25.11 7.95 -50.65
CA TYR A 599 -23.73 8.12 -50.24
C TYR A 599 -23.17 6.85 -49.63
N GLN A 600 -24.00 6.04 -48.99
CA GLN A 600 -23.51 4.79 -48.40
C GLN A 600 -22.97 3.87 -49.47
N ILE A 601 -23.54 3.90 -50.67
CA ILE A 601 -23.00 3.14 -51.78
C ILE A 601 -21.61 3.66 -52.14
N LYS A 602 -21.43 4.99 -52.14
CA LYS A 602 -20.11 5.54 -52.38
C LYS A 602 -19.13 5.10 -51.29
N GLY A 603 -19.61 5.01 -50.05
CA GLY A 603 -18.77 4.47 -48.99
C GLY A 603 -18.39 3.02 -49.24
N LEU A 604 -19.34 2.23 -49.76
CA LEU A 604 -19.03 0.86 -50.12
C LEU A 604 -17.99 0.80 -51.24
N GLU A 605 -18.05 1.74 -52.18
CA GLU A 605 -17.01 1.83 -53.21
C GLU A 605 -15.65 2.00 -52.58
N TRP A 606 -15.51 2.97 -51.67
CA TRP A 606 -14.24 3.20 -51.00
C TRP A 606 -13.81 1.98 -50.20
N LEU A 607 -14.77 1.16 -49.77
CA LEU A 607 -14.45 0.01 -48.94
C LEU A 607 -13.90 -1.15 -49.77
N VAL A 608 -14.60 -1.51 -50.84
CA VAL A 608 -14.11 -2.58 -51.71
C VAL A 608 -12.82 -2.19 -52.38
N SER A 609 -12.58 -0.88 -52.58
CA SER A 609 -11.32 -0.44 -53.14
C SER A 609 -10.15 -0.80 -52.23
N LEU A 610 -10.34 -0.66 -50.92
CA LEU A 610 -9.32 -1.10 -49.98
C LEU A 610 -9.10 -2.60 -50.07
N TYR A 611 -10.18 -3.36 -50.29
CA TYR A 611 -10.06 -4.80 -50.44
C TYR A 611 -9.22 -5.15 -51.66
N ASN A 612 -9.50 -4.52 -52.81
CA ASN A 612 -8.74 -4.79 -54.02
C ASN A 612 -7.29 -4.39 -53.85
N ASN A 613 -7.03 -3.22 -53.27
CA ASN A 613 -5.68 -2.72 -53.10
C ASN A 613 -4.99 -3.26 -51.86
N ASN A 614 -5.65 -4.14 -51.12
CA ASN A 614 -5.09 -4.76 -49.92
C ASN A 614 -4.72 -3.70 -48.88
N LEU A 615 -5.70 -2.89 -48.50
CA LEU A 615 -5.48 -1.75 -47.64
C LEU A 615 -6.35 -1.85 -46.39
N ASN A 616 -5.92 -1.14 -45.34
CA ASN A 616 -6.66 -1.04 -44.09
C ASN A 616 -6.94 0.43 -43.82
N GLY A 617 -8.21 0.76 -43.57
CA GLY A 617 -8.62 2.14 -43.43
C GLY A 617 -9.56 2.35 -42.26
N ILE A 618 -10.00 3.60 -42.10
CA ILE A 618 -10.85 4.02 -41.01
C ILE A 618 -12.13 4.59 -41.60
N LEU A 619 -13.26 3.94 -41.32
CA LEU A 619 -14.57 4.45 -41.71
C LEU A 619 -15.01 5.50 -40.69
N ALA A 620 -14.34 6.64 -40.73
CA ALA A 620 -14.54 7.71 -39.74
C ALA A 620 -15.69 8.62 -40.15
N ASP A 621 -16.86 8.03 -40.36
CA ASP A 621 -18.04 8.84 -40.67
C ASP A 621 -18.46 9.64 -39.45
N GLU A 622 -19.52 10.43 -39.61
CA GLU A 622 -20.07 11.11 -38.45
C GLU A 622 -20.93 10.11 -37.66
N MET A 623 -21.32 10.53 -36.46
CA MET A 623 -21.82 9.62 -35.44
C MET A 623 -23.29 9.26 -35.61
N GLY A 624 -23.89 9.45 -36.79
CA GLY A 624 -25.23 8.94 -37.00
C GLY A 624 -25.52 8.45 -38.40
N LEU A 625 -24.50 8.39 -39.25
CA LEU A 625 -24.70 8.15 -40.68
C LEU A 625 -24.60 6.68 -41.06
N GLY A 626 -25.33 5.83 -40.36
CA GLY A 626 -25.46 4.45 -40.78
C GLY A 626 -24.17 3.68 -40.95
N LYS A 627 -23.25 3.81 -40.00
CA LYS A 627 -22.00 3.07 -40.08
C LYS A 627 -22.20 1.58 -39.89
N THR A 628 -23.26 1.16 -39.19
CA THR A 628 -23.46 -0.29 -39.06
C THR A 628 -23.87 -0.91 -40.38
N ILE A 629 -24.75 -0.23 -41.13
CA ILE A 629 -25.24 -0.77 -42.38
C ILE A 629 -24.15 -0.83 -43.43
N GLN A 630 -23.28 0.17 -43.48
CA GLN A 630 -22.21 0.16 -44.49
C GLN A 630 -21.30 -1.05 -44.31
N THR A 631 -20.95 -1.37 -43.07
CA THR A 631 -20.11 -2.54 -42.82
C THR A 631 -20.82 -3.83 -43.23
N ILE A 632 -22.13 -3.92 -42.94
CA ILE A 632 -22.89 -5.09 -43.37
C ILE A 632 -22.92 -5.17 -44.88
N ALA A 633 -22.98 -4.02 -45.55
CA ALA A 633 -22.97 -4.00 -47.01
C ALA A 633 -21.69 -4.60 -47.58
N LEU A 634 -20.55 -4.29 -46.95
CA LEU A 634 -19.30 -4.88 -47.41
C LEU A 634 -19.30 -6.39 -47.24
N ILE A 635 -19.80 -6.88 -46.11
CA ILE A 635 -19.78 -8.32 -45.85
C ILE A 635 -20.58 -9.07 -46.90
N THR A 636 -21.79 -8.57 -47.20
CA THR A 636 -22.62 -9.23 -48.19
C THR A 636 -22.02 -9.15 -49.59
N TYR A 637 -21.37 -8.02 -49.90
CA TYR A 637 -20.76 -7.87 -51.21
C TYR A 637 -19.62 -8.86 -51.41
N LEU A 638 -18.79 -9.04 -50.39
CA LEU A 638 -17.68 -9.99 -50.51
C LEU A 638 -18.18 -11.41 -50.65
N MET A 639 -19.25 -11.77 -49.94
CA MET A 639 -19.80 -13.10 -50.04
C MET A 639 -20.41 -13.40 -51.40
N GLU A 640 -20.69 -12.38 -52.21
CA GLU A 640 -21.31 -12.56 -53.51
C GLU A 640 -20.33 -12.36 -54.66
N HIS A 641 -19.79 -11.15 -54.78
CA HIS A 641 -18.95 -10.83 -55.93
C HIS A 641 -17.60 -11.52 -55.82
N LYS A 642 -16.98 -11.47 -54.65
CA LYS A 642 -15.75 -12.21 -54.42
C LYS A 642 -16.01 -13.66 -54.04
N ARG A 643 -17.25 -14.01 -53.68
CA ARG A 643 -17.67 -15.38 -53.37
C ARG A 643 -16.96 -15.98 -52.16
N ILE A 644 -16.16 -15.20 -51.45
CA ILE A 644 -15.43 -15.70 -50.29
C ILE A 644 -16.36 -15.69 -49.07
N ASN A 645 -16.40 -16.80 -48.36
CA ASN A 645 -17.23 -16.86 -47.15
C ASN A 645 -16.52 -16.20 -45.97
N GLY A 646 -15.37 -16.72 -45.58
CA GLY A 646 -14.60 -16.15 -44.50
C GLY A 646 -15.30 -16.22 -43.16
N PRO A 647 -14.55 -16.03 -42.08
CA PRO A 647 -15.18 -16.00 -40.75
C PRO A 647 -15.65 -14.63 -40.29
N PHE A 648 -15.01 -13.55 -40.74
CA PHE A 648 -15.51 -12.19 -40.55
C PHE A 648 -15.71 -11.83 -39.07
N LEU A 649 -14.59 -11.69 -38.36
CA LEU A 649 -14.64 -11.23 -36.97
C LEU A 649 -15.09 -9.78 -36.88
N ILE A 650 -15.89 -9.49 -35.84
CA ILE A 650 -16.37 -8.13 -35.57
C ILE A 650 -16.30 -7.86 -34.08
N ILE A 651 -15.73 -6.73 -33.68
CA ILE A 651 -15.54 -6.39 -32.27
C ILE A 651 -16.38 -5.15 -31.97
N VAL A 652 -17.27 -5.26 -30.99
CA VAL A 652 -18.19 -4.18 -30.69
C VAL A 652 -18.21 -3.95 -29.18
N PRO A 653 -18.64 -2.77 -28.74
CA PRO A 653 -18.92 -2.58 -27.31
C PRO A 653 -20.12 -3.40 -26.87
N LEU A 654 -20.18 -3.66 -25.57
CA LEU A 654 -21.19 -4.57 -25.05
C LEU A 654 -22.61 -4.08 -25.31
N SER A 655 -22.85 -2.79 -25.07
CA SER A 655 -24.21 -2.27 -25.22
C SER A 655 -24.67 -2.27 -26.67
N THR A 656 -23.73 -2.26 -27.61
CA THR A 656 -24.06 -2.27 -29.03
C THR A 656 -24.31 -3.68 -29.57
N LEU A 657 -23.95 -4.71 -28.81
CA LEU A 657 -23.95 -6.06 -29.35
C LEU A 657 -25.34 -6.52 -29.75
N SER A 658 -26.37 -6.11 -29.01
CA SER A 658 -27.73 -6.44 -29.39
C SER A 658 -28.11 -5.75 -30.69
N ASN A 659 -27.68 -4.51 -30.88
CA ASN A 659 -28.02 -3.78 -32.11
C ASN A 659 -27.37 -4.43 -33.32
N TRP A 660 -26.11 -4.83 -33.21
CA TRP A 660 -25.44 -5.46 -34.35
C TRP A 660 -26.14 -6.76 -34.75
N ALA A 661 -26.58 -7.53 -33.76
CA ALA A 661 -27.29 -8.76 -34.08
C ALA A 661 -28.58 -8.47 -34.84
N TYR A 662 -29.34 -7.48 -34.39
CA TYR A 662 -30.62 -7.18 -35.03
C TYR A 662 -30.44 -6.70 -36.46
N GLU A 663 -29.37 -5.95 -36.72
CA GLU A 663 -29.15 -5.44 -38.07
C GLU A 663 -28.93 -6.57 -39.06
N PHE A 664 -28.21 -7.61 -38.66
CA PHE A 664 -28.00 -8.73 -39.58
C PHE A 664 -29.30 -9.45 -39.91
N ASP A 665 -30.23 -9.53 -38.97
CA ASP A 665 -31.48 -10.24 -39.25
C ASP A 665 -32.28 -9.56 -40.36
N LYS A 666 -32.40 -8.23 -40.31
CA LYS A 666 -33.24 -7.55 -41.28
C LYS A 666 -32.48 -7.06 -42.50
N TRP A 667 -31.15 -7.11 -42.51
CA TRP A 667 -30.39 -6.66 -43.65
C TRP A 667 -29.65 -7.77 -44.38
N ALA A 668 -29.48 -8.94 -43.75
CA ALA A 668 -28.82 -10.06 -44.42
C ALA A 668 -29.18 -11.37 -43.73
N PRO A 669 -30.42 -11.82 -43.83
CA PRO A 669 -30.80 -13.04 -43.11
C PRO A 669 -30.03 -14.27 -43.52
N SER A 670 -29.59 -14.37 -44.78
CA SER A 670 -28.88 -15.55 -45.24
C SER A 670 -27.51 -15.69 -44.61
N VAL A 671 -27.01 -14.67 -43.94
CA VAL A 671 -25.69 -14.75 -43.32
C VAL A 671 -25.82 -15.46 -41.99
N VAL A 672 -25.02 -16.50 -41.79
CA VAL A 672 -25.03 -17.29 -40.57
C VAL A 672 -23.96 -16.73 -39.64
N LYS A 673 -24.38 -16.36 -38.43
CA LYS A 673 -23.53 -15.66 -37.49
C LYS A 673 -23.70 -16.23 -36.10
N VAL A 674 -22.65 -16.09 -35.29
CA VAL A 674 -22.68 -16.49 -33.89
C VAL A 674 -22.41 -15.26 -33.04
N SER A 675 -23.25 -15.05 -32.05
CA SER A 675 -23.10 -13.94 -31.10
C SER A 675 -22.40 -14.50 -29.87
N TYR A 676 -21.08 -14.33 -29.82
CA TYR A 676 -20.23 -15.00 -28.83
C TYR A 676 -20.26 -14.19 -27.54
N LYS A 677 -21.15 -14.57 -26.64
CA LYS A 677 -21.34 -13.87 -25.38
C LYS A 677 -21.94 -14.84 -24.37
N GLY A 678 -21.85 -14.46 -23.10
CA GLY A 678 -22.52 -15.18 -22.03
C GLY A 678 -21.55 -15.76 -21.04
N SER A 679 -22.09 -16.57 -20.13
CA SER A 679 -21.30 -17.22 -19.11
C SER A 679 -20.39 -18.27 -19.76
N PRO A 680 -19.30 -18.66 -19.08
CA PRO A 680 -18.37 -19.60 -19.71
C PRO A 680 -19.01 -20.91 -20.14
N ALA A 681 -20.07 -21.34 -19.45
CA ALA A 681 -20.79 -22.53 -19.88
C ALA A 681 -21.42 -22.32 -21.25
N ALA A 682 -22.04 -21.16 -21.45
CA ALA A 682 -22.61 -20.85 -22.77
C ALA A 682 -21.52 -20.72 -23.82
N ARG A 683 -20.39 -20.11 -23.46
CA ARG A 683 -19.36 -19.84 -24.45
C ARG A 683 -18.59 -21.09 -24.87
N ARG A 684 -18.58 -22.16 -24.05
CA ARG A 684 -17.99 -23.39 -24.57
C ARG A 684 -18.95 -24.16 -25.46
N ALA A 685 -20.24 -23.81 -25.47
CA ALA A 685 -21.16 -24.46 -26.40
C ALA A 685 -20.84 -24.13 -27.85
N PHE A 686 -20.31 -22.93 -28.10
CA PHE A 686 -20.03 -22.51 -29.47
C PHE A 686 -18.78 -23.19 -30.04
N VAL A 687 -17.93 -23.75 -29.18
CA VAL A 687 -16.65 -24.29 -29.67
C VAL A 687 -16.84 -25.34 -30.75
N PRO A 688 -17.76 -26.32 -30.64
CA PRO A 688 -17.93 -27.26 -31.75
C PRO A 688 -18.26 -26.59 -33.07
N GLN A 689 -19.08 -25.55 -33.05
CA GLN A 689 -19.43 -24.87 -34.29
C GLN A 689 -18.25 -24.09 -34.84
N LEU A 690 -17.45 -23.49 -33.96
CA LEU A 690 -16.31 -22.70 -34.41
C LEU A 690 -15.27 -23.55 -35.13
N ARG A 691 -14.99 -24.74 -34.60
CA ARG A 691 -13.99 -25.60 -35.24
C ARG A 691 -14.47 -26.13 -36.58
N SER A 692 -15.76 -26.42 -36.70
CA SER A 692 -16.29 -26.87 -38.00
C SER A 692 -16.21 -25.76 -39.03
N GLY A 693 -16.45 -24.52 -38.61
CA GLY A 693 -16.38 -23.38 -39.51
C GLY A 693 -17.65 -23.07 -40.25
N LYS A 694 -18.79 -23.56 -39.80
CA LYS A 694 -20.05 -23.35 -40.52
C LYS A 694 -20.52 -21.91 -40.45
N PHE A 695 -20.03 -21.12 -39.50
CA PHE A 695 -20.46 -19.73 -39.37
C PHE A 695 -19.81 -18.85 -40.42
N ASN A 696 -20.42 -17.69 -40.64
CA ASN A 696 -19.87 -16.66 -41.52
C ASN A 696 -19.44 -15.40 -40.81
N VAL A 697 -20.05 -15.08 -39.68
CA VAL A 697 -19.76 -13.85 -38.93
C VAL A 697 -19.74 -14.20 -37.44
N LEU A 698 -18.84 -13.56 -36.70
CA LEU A 698 -18.75 -13.75 -35.26
C LEU A 698 -18.69 -12.39 -34.58
N LEU A 699 -19.61 -12.14 -33.66
CA LEU A 699 -19.69 -10.88 -32.93
C LEU A 699 -19.25 -11.11 -31.50
N THR A 700 -18.26 -10.35 -31.04
CA THR A 700 -17.84 -10.38 -29.64
C THR A 700 -17.76 -9.00 -29.04
N THR A 701 -17.17 -8.92 -27.86
CA THR A 701 -16.99 -7.69 -27.12
C THR A 701 -15.51 -7.58 -26.78
N TYR A 702 -15.06 -6.36 -26.46
CA TYR A 702 -13.64 -6.16 -26.16
C TYR A 702 -13.16 -7.09 -25.07
N GLU A 703 -14.02 -7.44 -24.12
CA GLU A 703 -13.60 -8.28 -22.99
C GLU A 703 -13.32 -9.70 -23.44
N TYR A 704 -14.17 -10.27 -24.28
CA TYR A 704 -14.01 -11.66 -24.66
C TYR A 704 -12.90 -11.87 -25.67
N ILE A 705 -12.41 -10.80 -26.30
CA ILE A 705 -11.21 -10.91 -27.14
C ILE A 705 -9.96 -11.06 -26.30
N ILE A 706 -10.01 -10.69 -25.03
CA ILE A 706 -8.89 -10.87 -24.12
C ILE A 706 -9.06 -12.12 -23.27
N LYS A 707 -10.27 -12.35 -22.76
CA LYS A 707 -10.52 -13.52 -21.93
C LYS A 707 -10.37 -14.81 -22.73
N ASP A 708 -10.98 -14.87 -23.90
CA ASP A 708 -11.02 -16.09 -24.71
C ASP A 708 -10.06 -16.05 -25.88
N LYS A 709 -8.88 -15.45 -25.71
CA LYS A 709 -7.93 -15.43 -26.81
C LYS A 709 -7.41 -16.82 -27.16
N HIS A 710 -7.41 -17.74 -26.21
CA HIS A 710 -6.84 -19.05 -26.46
C HIS A 710 -7.68 -19.89 -27.42
N ILE A 711 -8.95 -19.56 -27.60
CA ILE A 711 -9.78 -20.27 -28.56
C ILE A 711 -10.24 -19.39 -29.72
N LEU A 712 -10.16 -18.08 -29.58
CA LEU A 712 -10.55 -17.21 -30.70
C LEU A 712 -9.37 -16.95 -31.63
N ALA A 713 -8.16 -16.87 -31.07
CA ALA A 713 -6.98 -16.65 -31.91
C ALA A 713 -6.66 -17.84 -32.79
N LYS A 714 -7.18 -19.03 -32.46
CA LYS A 714 -6.93 -20.21 -33.28
C LYS A 714 -7.50 -20.04 -34.68
N ILE A 715 -8.69 -19.46 -34.77
CA ILE A 715 -9.33 -19.29 -36.08
C ILE A 715 -8.60 -18.24 -36.89
N ARG A 716 -8.31 -18.56 -38.15
CA ARG A 716 -7.77 -17.58 -39.07
C ARG A 716 -8.91 -16.73 -39.61
N TRP A 717 -8.76 -15.42 -39.50
CA TRP A 717 -9.84 -14.48 -39.78
C TRP A 717 -9.62 -13.82 -41.14
N LYS A 718 -10.55 -14.06 -42.06
CA LYS A 718 -10.44 -13.47 -43.38
C LYS A 718 -10.61 -11.96 -43.36
N TYR A 719 -11.18 -11.42 -42.28
CA TYR A 719 -11.39 -9.97 -42.19
C TYR A 719 -11.72 -9.60 -40.76
N MET A 720 -11.04 -8.60 -40.21
CA MET A 720 -11.26 -8.14 -38.85
C MET A 720 -11.86 -6.74 -38.87
N ILE A 721 -12.88 -6.52 -38.06
CA ILE A 721 -13.57 -5.24 -37.98
C ILE A 721 -13.75 -4.87 -36.52
N VAL A 722 -13.39 -3.65 -36.17
CA VAL A 722 -13.46 -3.18 -34.79
C VAL A 722 -14.32 -1.93 -34.75
N ASP A 723 -15.41 -1.99 -34.00
CA ASP A 723 -16.33 -0.87 -33.90
C ASP A 723 -15.95 0.03 -32.74
N GLU A 724 -16.18 1.33 -32.91
CA GLU A 724 -15.83 2.35 -31.93
C GLU A 724 -14.36 2.22 -31.52
N GLY A 725 -13.49 2.42 -32.51
CA GLY A 725 -12.08 2.18 -32.33
C GLY A 725 -11.35 3.17 -31.45
N HIS A 726 -12.09 3.85 -30.58
CA HIS A 726 -11.49 4.74 -29.60
C HIS A 726 -10.67 3.96 -28.59
N ARG A 727 -11.01 2.69 -28.36
CA ARG A 727 -10.35 1.89 -27.35
C ARG A 727 -8.86 1.77 -27.59
N MET A 728 -8.42 1.97 -28.83
CA MET A 728 -7.04 1.77 -29.21
C MET A 728 -6.25 3.07 -29.20
N LYS A 729 -6.80 4.15 -28.67
CA LYS A 729 -6.08 5.41 -28.58
C LYS A 729 -4.79 5.25 -27.77
N ASN A 730 -4.77 4.33 -26.82
CA ASN A 730 -3.56 4.05 -26.05
C ASN A 730 -2.77 2.97 -26.77
N HIS A 731 -1.47 3.22 -26.95
CA HIS A 731 -0.64 2.24 -27.65
C HIS A 731 -0.33 1.05 -26.76
N HIS A 732 -0.14 1.29 -25.46
CA HIS A 732 0.09 0.22 -24.50
C HIS A 732 -1.18 -0.46 -24.06
N CYS A 733 -2.26 -0.26 -24.81
CA CYS A 733 -3.53 -0.91 -24.54
C CYS A 733 -3.38 -2.42 -24.54
N LYS A 734 -3.96 -3.07 -23.54
CA LYS A 734 -3.93 -4.52 -23.48
C LYS A 734 -4.67 -5.15 -24.65
N LEU A 735 -5.69 -4.45 -25.17
CA LEU A 735 -6.43 -4.99 -26.30
C LEU A 735 -5.59 -4.98 -27.57
N THR A 736 -4.79 -3.94 -27.77
CA THR A 736 -3.93 -3.89 -28.95
C THR A 736 -2.89 -4.99 -28.92
N GLN A 737 -2.27 -5.22 -27.76
CA GLN A 737 -1.24 -6.25 -27.65
C GLN A 737 -1.81 -7.62 -27.99
N VAL A 738 -2.97 -7.95 -27.41
CA VAL A 738 -3.58 -9.25 -27.68
C VAL A 738 -4.01 -9.34 -29.13
N LEU A 739 -4.52 -8.23 -29.68
CA LEU A 739 -5.16 -8.31 -30.98
C LEU A 739 -4.14 -8.51 -32.10
N ASN A 740 -3.04 -7.75 -32.09
CA ASN A 740 -2.11 -7.86 -33.21
C ASN A 740 -1.21 -9.09 -33.08
N THR A 741 -0.82 -9.47 -31.87
CA THR A 741 0.05 -10.64 -31.72
C THR A 741 -0.72 -11.94 -31.92
N HIS A 742 -1.69 -12.20 -31.04
CA HIS A 742 -2.34 -13.51 -31.04
C HIS A 742 -3.24 -13.70 -32.25
N TYR A 743 -3.91 -12.65 -32.69
CA TYR A 743 -4.91 -12.75 -33.74
C TYR A 743 -4.29 -12.43 -35.09
N VAL A 744 -4.56 -13.29 -36.08
CA VAL A 744 -4.08 -13.09 -37.44
C VAL A 744 -5.27 -12.71 -38.30
N ALA A 745 -5.19 -11.55 -38.92
CA ALA A 745 -6.23 -11.04 -39.80
C ALA A 745 -5.62 -10.07 -40.80
N PRO A 746 -5.48 -10.47 -42.05
CA PRO A 746 -4.80 -9.60 -43.02
C PRO A 746 -5.47 -8.26 -43.23
N ARG A 747 -6.80 -8.20 -43.10
CA ARG A 747 -7.59 -7.09 -43.60
C ARG A 747 -8.43 -6.53 -42.47
N ARG A 748 -7.94 -5.46 -41.86
CA ARG A 748 -8.48 -4.90 -40.63
C ARG A 748 -9.10 -3.53 -40.91
N LEU A 749 -10.20 -3.25 -40.25
CA LEU A 749 -10.93 -2.01 -40.47
C LEU A 749 -11.38 -1.46 -39.12
N LEU A 750 -11.46 -0.14 -39.04
CA LEU A 750 -11.95 0.54 -37.85
C LEU A 750 -13.17 1.39 -38.18
N LEU A 751 -14.10 1.48 -37.22
CA LEU A 751 -15.24 2.36 -37.32
C LEU A 751 -15.19 3.31 -36.14
N THR A 752 -15.37 4.60 -36.40
CA THR A 752 -15.29 5.58 -35.34
C THR A 752 -15.91 6.88 -35.81
N GLY A 753 -16.45 7.63 -34.86
CA GLY A 753 -17.03 8.91 -35.17
C GLY A 753 -16.10 10.03 -34.77
N THR A 754 -15.19 9.73 -33.84
CA THR A 754 -14.19 10.66 -33.35
C THR A 754 -12.83 10.02 -33.58
N PRO A 755 -12.24 10.19 -34.77
CA PRO A 755 -11.00 9.45 -35.07
C PRO A 755 -9.86 9.76 -34.13
N LEU A 756 -9.71 11.02 -33.71
CA LEU A 756 -8.71 11.36 -32.71
C LEU A 756 -9.35 12.17 -31.59
N GLN A 757 -8.97 11.84 -30.37
CA GLN A 757 -9.36 12.57 -29.18
C GLN A 757 -8.34 13.66 -28.89
N ASN A 758 -8.36 14.19 -27.67
CA ASN A 758 -7.61 15.37 -27.24
C ASN A 758 -6.18 15.48 -27.75
N LYS A 759 -5.50 14.36 -27.97
CA LYS A 759 -4.10 14.37 -28.34
C LYS A 759 -3.92 13.87 -29.77
N LEU A 760 -2.91 14.40 -30.44
CA LEU A 760 -2.59 14.03 -31.81
C LEU A 760 -1.90 12.66 -31.91
N PRO A 761 -0.98 12.29 -31.02
CA PRO A 761 -0.34 10.97 -31.17
C PRO A 761 -1.30 9.81 -31.07
N GLU A 762 -2.50 10.00 -30.51
CA GLU A 762 -3.46 8.92 -30.41
C GLU A 762 -3.90 8.43 -31.78
N LEU A 763 -4.09 9.35 -32.73
CA LEU A 763 -4.44 8.94 -34.09
C LEU A 763 -3.36 8.06 -34.71
N TRP A 764 -2.09 8.30 -34.35
CA TRP A 764 -1.03 7.45 -34.87
C TRP A 764 -1.19 6.01 -34.39
N ALA A 765 -1.63 5.82 -33.14
CA ALA A 765 -1.80 4.47 -32.62
C ALA A 765 -2.86 3.70 -33.40
N LEU A 766 -3.92 4.37 -33.84
CA LEU A 766 -4.91 3.72 -34.68
C LEU A 766 -4.30 3.32 -36.02
N LEU A 767 -3.56 4.24 -36.64
CA LEU A 767 -2.92 3.94 -37.92
C LEU A 767 -1.84 2.87 -37.77
N ASN A 768 -1.04 2.95 -36.69
CA ASN A 768 -0.04 1.93 -36.44
C ASN A 768 -0.67 0.56 -36.30
N PHE A 769 -1.87 0.48 -35.73
CA PHE A 769 -2.52 -0.82 -35.62
C PHE A 769 -3.00 -1.29 -36.99
N LEU A 770 -3.56 -0.39 -37.80
CA LEU A 770 -4.08 -0.77 -39.11
C LEU A 770 -2.96 -1.17 -40.05
N LEU A 771 -1.90 -0.36 -40.12
CA LEU A 771 -0.77 -0.60 -41.02
C LEU A 771 0.49 -0.57 -40.16
N PRO A 772 0.95 -1.73 -39.70
CA PRO A 772 1.96 -1.76 -38.63
C PRO A 772 3.25 -1.05 -38.97
N THR A 773 3.92 -1.48 -40.04
CA THR A 773 5.16 -0.85 -40.49
C THR A 773 5.03 -0.19 -41.85
N ILE A 774 4.09 -0.66 -42.67
CA ILE A 774 3.95 -0.12 -44.01
C ILE A 774 3.49 1.33 -43.95
N PHE A 775 2.62 1.67 -43.00
CA PHE A 775 2.28 3.07 -42.79
C PHE A 775 3.55 3.82 -42.43
N LYS A 776 4.09 3.51 -41.25
CA LYS A 776 5.42 3.96 -40.86
C LYS A 776 5.75 3.26 -39.55
N SER A 777 6.99 2.80 -39.43
CA SER A 777 7.35 1.94 -38.31
C SER A 777 7.35 2.71 -37.00
N CYS A 778 7.21 1.95 -35.91
CA CYS A 778 7.24 2.55 -34.58
C CYS A 778 8.66 2.93 -34.18
N SER A 779 9.64 2.09 -34.50
CA SER A 779 11.03 2.38 -34.14
C SER A 779 11.55 3.63 -34.84
N THR A 780 11.14 3.85 -36.10
CA THR A 780 11.57 4.99 -36.88
C THR A 780 10.64 6.18 -36.74
N PHE A 781 10.04 6.36 -35.56
CA PHE A 781 8.90 7.27 -35.38
C PHE A 781 9.40 8.71 -35.47
N GLU A 782 9.69 9.12 -36.71
CA GLU A 782 9.88 10.51 -37.05
C GLU A 782 8.55 11.08 -37.53
N GLN A 783 8.28 12.33 -37.15
CA GLN A 783 6.95 12.90 -37.27
C GLN A 783 6.98 14.11 -38.20
N TRP A 784 5.82 14.44 -38.76
CA TRP A 784 5.67 15.75 -39.40
C TRP A 784 5.64 16.86 -38.37
N PHE A 785 4.92 16.65 -37.26
CA PHE A 785 4.87 17.66 -36.21
C PHE A 785 6.16 17.69 -35.41
N ASN A 786 6.71 16.51 -35.09
CA ASN A 786 7.98 16.36 -34.38
C ASN A 786 7.89 16.86 -32.94
N ALA A 787 6.75 17.42 -32.56
CA ALA A 787 6.55 17.98 -31.23
C ALA A 787 5.09 18.32 -31.01
N PRO A 788 4.54 18.04 -29.84
CA PRO A 788 3.19 18.52 -29.51
C PRO A 788 3.22 20.01 -29.22
N PHE A 789 2.28 20.74 -29.81
CA PHE A 789 2.13 22.17 -29.56
C PHE A 789 0.72 22.44 -29.09
N ALA A 790 0.58 22.97 -27.87
CA ALA A 790 -0.73 23.28 -27.33
C ALA A 790 -0.56 24.43 -26.34
N MET A 791 -0.88 25.64 -26.78
CA MET A 791 -0.86 26.82 -25.93
C MET A 791 -2.11 27.64 -26.28
N THR A 792 -2.39 28.67 -25.47
CA THR A 792 -3.62 29.43 -25.64
C THR A 792 -3.75 30.00 -27.05
N GLY A 793 -2.64 30.28 -27.72
CA GLY A 793 -2.70 30.73 -29.10
C GLY A 793 -3.02 29.61 -30.06
N GLU A 794 -4.25 29.59 -30.57
CA GLU A 794 -4.69 28.49 -31.43
C GLU A 794 -4.17 28.63 -32.85
N LYS A 795 -3.94 29.85 -33.34
CA LYS A 795 -3.48 30.04 -34.70
C LYS A 795 -2.16 29.34 -34.98
N VAL A 796 -1.40 29.04 -33.93
CA VAL A 796 -0.18 28.25 -34.03
C VAL A 796 -0.47 26.88 -33.43
N ASP A 797 -0.14 25.82 -34.18
CA ASP A 797 -0.31 24.45 -33.70
C ASP A 797 0.97 23.65 -33.84
N LEU A 798 2.11 24.29 -34.08
CA LEU A 798 3.37 23.58 -34.21
C LEU A 798 4.51 24.58 -34.03
N ASN A 799 5.71 24.05 -33.76
CA ASN A 799 6.89 24.88 -33.58
C ASN A 799 7.39 25.39 -34.93
N GLU A 800 6.59 26.27 -35.53
CA GLU A 800 6.88 26.82 -36.84
C GLU A 800 6.54 28.29 -36.87
N GLU A 801 6.97 28.96 -37.94
CA GLU A 801 6.89 30.42 -38.05
C GLU A 801 5.63 30.85 -38.78
N GLU A 802 4.48 30.46 -38.22
CA GLU A 802 3.18 30.71 -38.84
C GLU A 802 3.14 30.16 -40.26
N THR A 803 3.22 28.84 -40.36
CA THR A 803 3.25 28.14 -41.63
C THR A 803 2.03 27.24 -41.74
N ILE A 804 1.28 27.39 -42.82
CA ILE A 804 0.07 26.61 -43.04
C ILE A 804 0.34 25.32 -43.81
N LEU A 805 1.40 25.28 -44.64
CA LEU A 805 1.62 24.13 -45.50
C LEU A 805 1.90 22.87 -44.69
N ILE A 806 2.47 23.01 -43.50
CA ILE A 806 2.80 21.85 -42.68
C ILE A 806 1.53 21.07 -42.33
N ILE A 807 0.47 21.78 -41.96
CA ILE A 807 -0.81 21.12 -41.70
C ILE A 807 -1.33 20.49 -42.98
N ARG A 808 -1.26 21.22 -44.09
CA ARG A 808 -1.74 20.71 -45.37
C ARG A 808 -1.01 19.46 -45.82
N ARG A 809 0.19 19.20 -45.31
CA ARG A 809 0.89 17.98 -45.70
C ARG A 809 0.31 16.76 -45.00
N LEU A 810 -0.10 16.91 -43.73
CA LEU A 810 -0.73 15.80 -43.01
C LEU A 810 -2.00 15.36 -43.72
N HIS A 811 -2.81 16.31 -44.17
CA HIS A 811 -4.04 15.97 -44.87
C HIS A 811 -3.74 15.12 -46.09
N LYS A 812 -2.63 15.40 -46.78
CA LYS A 812 -2.25 14.61 -47.93
C LYS A 812 -1.71 13.24 -47.52
N VAL A 813 -1.05 13.16 -46.37
CA VAL A 813 -0.42 11.91 -45.96
C VAL A 813 -1.46 10.82 -45.71
N LEU A 814 -2.50 11.16 -44.94
CA LEU A 814 -3.50 10.19 -44.53
C LEU A 814 -4.79 10.31 -45.33
N ARG A 815 -4.76 11.04 -46.44
CA ARG A 815 -5.88 11.04 -47.38
C ARG A 815 -6.23 9.66 -47.94
N PRO A 816 -5.29 8.83 -48.39
CA PRO A 816 -5.69 7.61 -49.13
C PRO A 816 -6.61 6.69 -48.36
N PHE A 817 -6.41 6.56 -47.06
CA PHE A 817 -7.20 5.64 -46.23
C PHE A 817 -7.76 6.35 -45.00
N LEU A 818 -8.89 7.03 -45.22
CA LEU A 818 -9.76 7.61 -44.21
C LEU A 818 -10.95 8.18 -44.95
N LEU A 819 -12.17 7.96 -44.43
CA LEU A 819 -13.38 8.42 -45.10
C LEU A 819 -14.30 9.11 -44.08
N ARG A 820 -14.09 10.41 -43.90
CA ARG A 820 -15.01 11.22 -43.10
C ARG A 820 -16.15 11.73 -43.96
N ARG A 821 -17.33 11.83 -43.36
CA ARG A 821 -18.51 12.33 -44.05
C ARG A 821 -19.31 13.13 -43.04
N LEU A 822 -19.68 14.35 -43.41
CA LEU A 822 -20.38 15.24 -42.50
C LEU A 822 -21.88 15.01 -42.57
N LYS A 823 -22.55 15.27 -41.46
CA LYS A 823 -24.01 15.13 -41.44
C LYS A 823 -24.69 16.25 -42.22
N LYS A 824 -24.15 17.46 -42.18
CA LYS A 824 -24.81 18.59 -42.85
C LYS A 824 -24.83 18.43 -44.36
N GLU A 825 -23.68 18.13 -44.96
CA GLU A 825 -23.63 18.12 -46.41
C GLU A 825 -24.14 16.80 -47.00
N VAL A 826 -23.87 15.68 -46.33
CA VAL A 826 -24.31 14.39 -46.84
C VAL A 826 -25.82 14.21 -46.68
N GLU A 827 -26.35 14.53 -45.51
CA GLU A 827 -27.76 14.29 -45.20
C GLU A 827 -28.36 15.58 -44.63
N ALA A 828 -28.88 16.42 -45.52
CA ALA A 828 -29.32 17.75 -45.14
C ALA A 828 -30.71 17.80 -44.54
N GLN A 829 -31.52 16.75 -44.68
CA GLN A 829 -32.90 16.80 -44.24
C GLN A 829 -33.06 16.64 -42.73
N LEU A 830 -32.02 16.29 -42.01
CA LEU A 830 -32.11 16.25 -40.56
C LEU A 830 -32.27 17.66 -40.00
N PRO A 831 -32.92 17.81 -38.87
CA PRO A 831 -33.06 19.14 -38.27
C PRO A 831 -31.76 19.71 -37.74
N GLU A 832 -31.82 20.91 -37.15
CA GLU A 832 -30.63 21.75 -37.02
C GLU A 832 -29.69 21.22 -35.94
N LYS A 833 -30.24 20.70 -34.84
CA LYS A 833 -29.45 20.32 -33.66
C LYS A 833 -28.79 21.55 -33.03
N VAL A 834 -29.62 22.39 -32.43
CA VAL A 834 -29.14 23.56 -31.70
C VAL A 834 -28.69 23.16 -30.31
N GLU A 835 -27.64 23.80 -29.82
CA GLU A 835 -27.00 23.45 -28.55
C GLU A 835 -26.96 24.68 -27.64
N TYR A 836 -27.23 24.47 -26.36
CA TYR A 836 -27.33 25.55 -25.40
C TYR A 836 -26.60 25.19 -24.10
N VAL A 837 -25.96 26.19 -23.51
CA VAL A 837 -25.30 26.07 -22.22
C VAL A 837 -25.99 27.01 -21.26
N ILE A 838 -26.48 26.47 -20.15
CA ILE A 838 -27.25 27.25 -19.18
C ILE A 838 -26.58 27.13 -17.82
N LYS A 839 -26.32 28.27 -17.19
CA LYS A 839 -25.64 28.27 -15.91
C LYS A 839 -26.63 27.97 -14.78
N CYS A 840 -26.08 27.73 -13.59
CA CYS A 840 -26.90 27.39 -12.43
C CYS A 840 -26.32 28.07 -11.21
N ASP A 841 -27.20 28.66 -10.39
CA ASP A 841 -26.75 29.27 -9.16
C ASP A 841 -26.40 28.22 -8.13
N MET A 842 -25.43 28.55 -7.27
CA MET A 842 -24.97 27.63 -6.25
C MET A 842 -25.81 27.82 -5.00
N SER A 843 -26.24 26.72 -4.40
CA SER A 843 -26.99 26.80 -3.16
C SER A 843 -26.06 27.19 -2.01
N ALA A 844 -26.68 27.60 -0.90
CA ALA A 844 -25.90 28.05 0.24
C ALA A 844 -25.04 26.92 0.81
N LEU A 845 -25.59 25.71 0.84
CA LEU A 845 -24.81 24.56 1.32
C LEU A 845 -23.62 24.29 0.41
N GLN A 846 -23.83 24.36 -0.90
CA GLN A 846 -22.74 24.15 -1.84
C GLN A 846 -21.69 25.25 -1.73
N ARG A 847 -22.15 26.50 -1.60
CA ARG A 847 -21.22 27.63 -1.62
C ARG A 847 -20.25 27.59 -0.45
N VAL A 848 -20.74 27.22 0.74
CA VAL A 848 -19.84 27.12 1.89
C VAL A 848 -18.92 25.92 1.72
N LEU A 849 -19.43 24.79 1.21
CA LEU A 849 -18.60 23.61 1.02
C LEU A 849 -17.56 23.83 -0.06
N TYR A 850 -17.95 24.42 -1.19
CA TYR A 850 -17.01 24.65 -2.28
C TYR A 850 -15.91 25.61 -1.85
N ARG A 851 -16.21 26.53 -0.94
CA ARG A 851 -15.21 27.52 -0.53
C ARG A 851 -14.09 26.86 0.27
N HIS A 852 -14.44 26.05 1.26
CA HIS A 852 -13.42 25.46 2.13
C HIS A 852 -12.64 24.37 1.42
N MET A 853 -13.29 23.57 0.59
CA MET A 853 -12.58 22.54 -0.16
C MET A 853 -11.57 23.17 -1.12
N GLN A 854 -11.94 24.27 -1.78
CA GLN A 854 -10.98 24.93 -2.65
C GLN A 854 -9.85 25.59 -1.87
N ALA A 855 -10.17 26.16 -0.71
CA ALA A 855 -9.16 26.90 0.05
C ALA A 855 -8.29 25.96 0.88
N LYS A 856 -8.89 25.23 1.81
CA LYS A 856 -8.12 24.39 2.72
C LYS A 856 -7.94 22.97 2.23
N GLY A 857 -8.75 22.52 1.27
CA GLY A 857 -8.70 21.15 0.82
C GLY A 857 -9.40 20.15 1.70
N VAL A 858 -10.26 20.61 2.61
CA VAL A 858 -10.90 19.75 3.60
C VAL A 858 -12.41 19.84 3.44
N LEU A 859 -13.09 18.74 3.73
CA LEU A 859 -14.54 18.74 3.82
C LEU A 859 -14.96 19.06 5.25
N LEU A 860 -15.99 19.91 5.38
CA LEU A 860 -16.50 20.26 6.69
C LEU A 860 -17.41 19.16 7.21
N THR A 861 -17.20 18.76 8.46
CA THR A 861 -17.97 17.70 9.09
C THR A 861 -18.48 18.16 10.45
N ASP A 862 -19.27 17.31 11.08
CA ASP A 862 -19.76 17.59 12.42
C ASP A 862 -18.63 17.48 13.44
N GLY A 863 -18.97 17.78 14.70
CA GLY A 863 -18.02 17.57 15.78
C GLY A 863 -17.74 16.11 16.06
N SER A 864 -18.62 15.22 15.60
CA SER A 864 -18.46 13.78 15.84
C SER A 864 -17.21 13.22 15.18
N GLY A 873 -14.67 19.87 13.45
CA GLY A 873 -13.94 18.80 12.82
C GLY A 873 -14.07 18.80 11.31
N THR A 874 -13.02 18.34 10.62
CA THR A 874 -12.98 18.30 9.18
C THR A 874 -12.36 17.00 8.71
N LYS A 875 -12.73 16.58 7.51
CA LYS A 875 -12.10 15.46 6.82
C LYS A 875 -11.36 15.98 5.60
N THR A 876 -10.18 15.42 5.34
CA THR A 876 -9.35 15.85 4.22
C THR A 876 -9.52 14.84 3.08
N LEU A 877 -10.28 15.22 2.06
CA LEU A 877 -10.40 14.38 0.89
C LEU A 877 -9.12 14.53 0.06
N MET A 878 -9.02 13.77 -1.02
CA MET A 878 -7.71 13.51 -1.60
C MET A 878 -7.53 14.19 -2.95
N ASN A 879 -8.44 13.96 -3.90
CA ASN A 879 -8.34 14.54 -5.24
C ASN A 879 -9.23 15.78 -5.27
N THR A 880 -8.61 16.96 -5.15
CA THR A 880 -9.36 18.18 -4.86
C THR A 880 -10.36 18.51 -5.97
N ILE A 881 -9.93 18.43 -7.23
CA ILE A 881 -10.84 18.77 -8.32
C ILE A 881 -12.00 17.80 -8.38
N MET A 882 -11.73 16.52 -8.12
CA MET A 882 -12.80 15.53 -8.16
C MET A 882 -13.84 15.82 -7.10
N GLN A 883 -13.41 16.22 -5.90
CA GLN A 883 -14.37 16.55 -4.85
C GLN A 883 -15.14 17.83 -5.18
N LEU A 884 -14.46 18.84 -5.72
CA LEU A 884 -15.16 20.05 -6.13
C LEU A 884 -16.18 19.75 -7.21
N ARG A 885 -15.86 18.80 -8.10
CA ARG A 885 -16.79 18.40 -9.13
C ARG A 885 -18.03 17.75 -8.53
N LYS A 886 -17.85 16.96 -7.47
CA LYS A 886 -18.98 16.32 -6.83
C LYS A 886 -19.86 17.33 -6.11
N ILE A 887 -19.25 18.32 -5.46
CA ILE A 887 -20.01 19.34 -4.74
C ILE A 887 -20.91 20.10 -5.71
N CYS A 888 -20.37 20.48 -6.87
CA CYS A 888 -21.16 21.22 -7.84
C CYS A 888 -22.34 20.40 -8.34
N ASN A 889 -22.23 19.07 -8.33
CA ASN A 889 -23.35 18.24 -8.77
C ASN A 889 -24.42 18.14 -7.70
N HIS A 890 -24.07 17.61 -6.53
CA HIS A 890 -25.01 17.55 -5.44
C HIS A 890 -24.26 17.32 -4.13
N PRO A 891 -24.49 18.16 -3.12
CA PRO A 891 -23.73 18.04 -1.87
C PRO A 891 -24.10 16.85 -1.01
N TYR A 892 -25.08 16.05 -1.42
CA TYR A 892 -25.46 14.86 -0.68
C TYR A 892 -24.69 13.63 -1.11
N MET A 893 -23.77 13.77 -2.06
CA MET A 893 -22.98 12.62 -2.50
C MET A 893 -21.95 12.20 -1.47
N PHE A 894 -21.62 13.06 -0.50
CA PHE A 894 -20.60 12.73 0.48
C PHE A 894 -21.13 11.91 1.65
N GLN A 895 -22.45 11.83 1.80
CA GLN A 895 -23.10 10.92 2.75
C GLN A 895 -22.76 11.27 4.20
N HIS A 896 -21.91 12.27 4.41
CA HIS A 896 -21.74 12.85 5.72
C HIS A 896 -22.58 14.11 5.89
N ILE A 897 -22.65 14.92 4.84
CA ILE A 897 -23.55 16.06 4.84
C ILE A 897 -25.00 15.60 4.77
N GLU A 898 -25.26 14.56 3.98
CA GLU A 898 -26.63 14.05 3.88
C GLU A 898 -27.13 13.55 5.23
N GLU A 899 -26.32 12.76 5.94
CA GLU A 899 -26.79 12.18 7.19
C GLU A 899 -27.00 13.25 8.25
N SER A 900 -26.11 14.24 8.32
CA SER A 900 -26.28 15.31 9.30
C SER A 900 -27.54 16.11 8.99
N PHE A 901 -27.78 16.41 7.72
CA PHE A 901 -29.03 17.06 7.34
C PHE A 901 -30.22 16.11 7.40
N SER A 902 -29.99 14.81 7.42
CA SER A 902 -31.08 13.86 7.59
C SER A 902 -31.72 14.01 8.96
N GLU A 903 -30.92 14.36 9.97
CA GLU A 903 -31.42 14.55 11.32
C GLU A 903 -31.90 15.98 11.54
N HIS A 904 -31.03 16.96 11.26
CA HIS A 904 -31.32 18.33 11.63
C HIS A 904 -32.49 18.92 10.86
N LEU A 905 -32.63 18.59 9.58
CA LEU A 905 -33.62 19.27 8.76
C LEU A 905 -35.04 18.96 9.25
N GLY A 906 -35.22 17.88 10.01
CA GLY A 906 -36.43 17.67 10.79
C GLY A 906 -37.07 16.30 10.67
N PHE A 907 -36.89 15.60 9.56
CA PHE A 907 -37.58 14.34 9.39
C PHE A 907 -36.63 13.16 9.66
N THR A 908 -37.08 11.96 9.30
CA THR A 908 -36.36 10.73 9.59
C THR A 908 -34.91 10.81 9.11
N GLY A 909 -34.03 10.16 9.87
CA GLY A 909 -32.62 10.18 9.54
C GLY A 909 -32.24 9.12 8.52
N GLY A 910 -31.01 9.24 8.03
CA GLY A 910 -30.47 8.31 7.04
C GLY A 910 -30.81 8.76 5.63
N ILE A 911 -31.54 7.90 4.91
CA ILE A 911 -31.91 8.21 3.53
C ILE A 911 -32.91 9.36 3.52
N VAL A 912 -32.68 10.31 2.63
CA VAL A 912 -33.38 11.59 2.64
C VAL A 912 -34.20 11.73 1.36
N GLN A 913 -35.48 12.05 1.51
CA GLN A 913 -36.35 12.30 0.36
C GLN A 913 -37.22 13.50 0.64
N GLY A 914 -37.47 14.30 -0.40
CA GLY A 914 -38.38 15.42 -0.29
C GLY A 914 -37.91 16.56 -1.16
N LEU A 915 -38.34 17.77 -0.77
CA LEU A 915 -37.99 19.00 -1.46
C LEU A 915 -36.62 19.53 -1.06
N ASP A 916 -35.93 18.87 -0.13
CA ASP A 916 -34.56 19.27 0.16
C ASP A 916 -33.65 19.00 -1.04
N LEU A 917 -33.80 17.83 -1.68
CA LEU A 917 -33.08 17.55 -2.91
C LEU A 917 -33.44 18.58 -3.97
N TYR A 918 -34.72 18.93 -4.05
CA TYR A 918 -35.16 20.05 -4.86
C TYR A 918 -34.35 21.31 -4.57
N ARG A 919 -34.03 21.57 -3.30
CA ARG A 919 -33.38 22.81 -2.92
C ARG A 919 -31.89 22.66 -2.61
N ALA A 920 -31.38 21.44 -2.48
CA ALA A 920 -30.00 21.27 -2.04
C ALA A 920 -29.00 21.74 -3.09
N SER A 921 -29.27 21.43 -4.35
CA SER A 921 -28.33 21.71 -5.44
C SER A 921 -28.98 22.60 -6.47
N GLY A 922 -28.20 23.57 -6.98
CA GLY A 922 -28.73 24.46 -7.99
C GLY A 922 -29.12 23.77 -9.27
N LYS A 923 -28.41 22.70 -9.63
CA LYS A 923 -28.74 21.98 -10.85
C LYS A 923 -30.09 21.28 -10.73
N PHE A 924 -30.39 20.70 -9.57
CA PHE A 924 -31.69 20.06 -9.40
C PHE A 924 -32.82 21.08 -9.41
N GLU A 925 -32.59 22.26 -8.82
CA GLU A 925 -33.60 23.31 -8.87
C GLU A 925 -34.01 23.61 -10.31
N LEU A 926 -33.03 23.72 -11.20
CA LEU A 926 -33.33 24.09 -12.57
C LEU A 926 -34.03 22.95 -13.30
N LEU A 927 -33.67 21.71 -12.99
CA LEU A 927 -34.34 20.57 -13.62
C LEU A 927 -35.83 20.55 -13.31
N ASP A 928 -36.20 20.84 -12.06
CA ASP A 928 -37.61 20.77 -11.71
C ASP A 928 -38.44 21.88 -12.34
N ARG A 929 -37.80 22.94 -12.84
CA ARG A 929 -38.53 23.85 -13.71
C ARG A 929 -38.65 23.31 -15.12
N ILE A 930 -37.63 22.57 -15.56
CA ILE A 930 -37.56 22.15 -16.96
C ILE A 930 -38.41 20.90 -17.18
N LEU A 931 -38.19 19.87 -16.37
CA LEU A 931 -38.76 18.56 -16.64
C LEU A 931 -40.29 18.57 -16.68
N PRO A 932 -41.01 19.17 -15.73
CA PRO A 932 -42.47 19.21 -15.86
C PRO A 932 -42.94 19.94 -17.11
N LYS A 933 -42.22 20.99 -17.53
CA LYS A 933 -42.57 21.65 -18.78
C LYS A 933 -42.42 20.72 -19.97
N LEU A 934 -41.33 19.96 -20.00
CA LEU A 934 -41.12 19.02 -21.11
C LEU A 934 -42.13 17.88 -21.08
N ARG A 935 -42.59 17.50 -19.89
CA ARG A 935 -43.66 16.53 -19.79
C ARG A 935 -44.92 17.01 -20.51
N ALA A 936 -45.17 18.32 -20.48
CA ALA A 936 -46.39 18.86 -21.07
C ALA A 936 -46.39 18.67 -22.58
N THR A 937 -45.30 19.03 -23.25
CA THR A 937 -45.20 18.91 -24.69
C THR A 937 -44.93 17.50 -25.16
N ASN A 938 -44.97 16.51 -24.25
CA ASN A 938 -44.80 15.10 -24.57
C ASN A 938 -43.45 14.81 -25.22
N HIS A 939 -42.44 15.60 -24.89
CA HIS A 939 -41.08 15.31 -25.32
C HIS A 939 -40.47 14.25 -24.41
N LYS A 940 -39.73 13.32 -25.01
CA LYS A 940 -38.95 12.35 -24.25
C LYS A 940 -37.51 12.82 -24.24
N VAL A 941 -36.95 12.98 -23.04
CA VAL A 941 -35.61 13.54 -22.89
C VAL A 941 -34.71 12.51 -22.23
N LEU A 942 -33.53 12.31 -22.81
CA LEU A 942 -32.53 11.41 -22.28
C LEU A 942 -31.41 12.21 -21.63
N LEU A 943 -31.03 11.79 -20.43
CA LEU A 943 -30.20 12.58 -19.52
C LEU A 943 -28.95 11.82 -19.17
N PHE A 944 -27.79 12.44 -19.41
CA PHE A 944 -26.50 11.83 -19.12
C PHE A 944 -25.88 12.43 -17.88
N CYS A 945 -25.13 11.61 -17.15
CA CYS A 945 -24.34 12.09 -16.04
C CYS A 945 -23.14 11.20 -15.85
N GLN A 946 -22.09 11.76 -15.25
CA GLN A 946 -20.79 11.08 -15.19
C GLN A 946 -20.77 10.05 -14.07
N MET A 947 -21.04 10.48 -12.86
CA MET A 947 -20.90 9.63 -11.68
C MET A 947 -22.17 8.85 -11.39
N THR A 948 -22.01 7.56 -11.07
CA THR A 948 -23.16 6.72 -10.80
C THR A 948 -23.78 7.03 -9.45
N SER A 949 -22.97 7.46 -8.48
CA SER A 949 -23.51 7.84 -7.19
C SER A 949 -24.51 8.98 -7.31
N LEU A 950 -24.34 9.83 -8.33
CA LEU A 950 -25.31 10.89 -8.57
C LEU A 950 -26.63 10.35 -9.07
N MET A 951 -26.61 9.24 -9.82
CA MET A 951 -27.86 8.68 -10.35
C MET A 951 -28.77 8.26 -9.21
N THR A 952 -28.24 7.61 -8.19
CA THR A 952 -29.06 7.16 -7.08
C THR A 952 -29.77 8.34 -6.42
N ILE A 953 -29.05 9.43 -6.20
CA ILE A 953 -29.66 10.66 -5.73
C ILE A 953 -30.67 11.16 -6.75
N MET A 954 -30.27 11.16 -8.02
CA MET A 954 -31.18 11.53 -9.09
C MET A 954 -32.38 10.61 -9.15
N GLU A 955 -32.18 9.34 -8.78
CA GLU A 955 -33.26 8.37 -8.90
C GLU A 955 -34.34 8.61 -7.84
N ASP A 956 -33.93 8.97 -6.63
CA ASP A 956 -34.91 9.23 -5.58
C ASP A 956 -35.75 10.46 -5.88
N TYR A 957 -35.11 11.54 -6.33
CA TYR A 957 -35.86 12.75 -6.67
C TYR A 957 -36.84 12.49 -7.81
N PHE A 958 -36.51 11.57 -8.71
CA PHE A 958 -37.43 11.23 -9.80
C PHE A 958 -38.64 10.50 -9.28
N ALA A 959 -38.50 9.77 -8.17
CA ALA A 959 -39.66 9.11 -7.57
C ALA A 959 -40.56 10.11 -6.85
N TYR A 960 -39.97 11.19 -6.31
CA TYR A 960 -40.77 12.15 -5.55
C TYR A 960 -41.78 12.86 -6.44
N ARG A 961 -41.37 13.27 -7.63
CA ARG A 961 -42.31 13.78 -8.62
C ARG A 961 -42.97 12.68 -9.44
N GLY A 962 -42.60 11.43 -9.21
CA GLY A 962 -43.25 10.34 -9.91
C GLY A 962 -43.05 10.38 -11.42
N PHE A 963 -41.86 10.75 -11.87
CA PHE A 963 -41.56 10.62 -13.28
C PHE A 963 -41.35 9.14 -13.63
N LYS A 964 -41.55 8.81 -14.89
CA LYS A 964 -41.35 7.45 -15.38
C LYS A 964 -40.04 7.41 -16.16
N TYR A 965 -39.07 6.67 -15.62
CA TYR A 965 -37.70 6.68 -16.11
C TYR A 965 -37.17 5.27 -16.25
N LEU A 966 -36.21 5.12 -17.14
CA LEU A 966 -35.38 3.92 -17.22
C LEU A 966 -33.95 4.32 -16.93
N ARG A 967 -33.17 3.37 -16.40
CA ARG A 967 -31.78 3.64 -16.06
C ARG A 967 -30.89 2.56 -16.67
N LEU A 968 -30.23 2.89 -17.77
CA LEU A 968 -29.20 2.03 -18.35
C LEU A 968 -27.85 2.59 -17.92
N ASP A 969 -27.22 1.93 -16.97
CA ASP A 969 -25.93 2.31 -16.45
C ASP A 969 -24.93 1.22 -16.78
N GLY A 970 -23.67 1.48 -16.47
CA GLY A 970 -22.75 0.39 -16.24
C GLY A 970 -23.19 -0.42 -15.05
N THR A 971 -22.69 -1.65 -14.97
CA THR A 971 -23.09 -2.58 -13.91
C THR A 971 -24.59 -2.85 -13.94
N THR A 972 -25.21 -2.78 -15.11
CA THR A 972 -26.53 -3.36 -15.33
C THR A 972 -26.35 -4.60 -16.19
N LYS A 973 -27.16 -5.62 -15.91
CA LYS A 973 -26.96 -6.92 -16.52
C LYS A 973 -26.97 -6.82 -18.04
N ALA A 974 -26.02 -7.51 -18.67
CA ALA A 974 -25.89 -7.46 -20.12
C ALA A 974 -27.17 -7.92 -20.81
N GLU A 975 -27.86 -8.90 -20.23
CA GLU A 975 -29.10 -9.38 -20.84
C GLU A 975 -30.19 -8.33 -20.78
N ASP A 976 -30.24 -7.56 -19.70
CA ASP A 976 -31.29 -6.57 -19.53
C ASP A 976 -31.14 -5.38 -20.47
N ARG A 977 -29.92 -5.08 -20.91
CA ARG A 977 -29.69 -3.87 -21.69
C ARG A 977 -30.51 -3.86 -22.96
N GLY A 978 -30.55 -4.99 -23.68
CA GLY A 978 -31.29 -5.04 -24.92
C GLY A 978 -32.77 -4.74 -24.73
N MET A 979 -33.36 -5.23 -23.64
CA MET A 979 -34.76 -4.97 -23.36
C MET A 979 -35.01 -3.49 -23.09
N LEU A 980 -34.12 -2.86 -22.32
CA LEU A 980 -34.31 -1.46 -21.97
C LEU A 980 -34.33 -0.58 -23.21
N LEU A 981 -33.48 -0.88 -24.19
CA LEU A 981 -33.52 -0.18 -25.47
C LEU A 981 -34.86 -0.38 -26.16
N LYS A 982 -35.41 -1.58 -26.08
CA LYS A 982 -36.66 -1.87 -26.78
C LYS A 982 -37.83 -1.11 -26.20
N THR A 983 -37.96 -1.13 -24.86
CA THR A 983 -39.14 -0.51 -24.23
C THR A 983 -39.16 0.98 -24.47
N PHE A 984 -38.01 1.64 -24.33
CA PHE A 984 -37.96 3.09 -24.49
C PHE A 984 -38.28 3.48 -25.94
N ASN A 985 -37.79 2.72 -26.90
CA ASN A 985 -38.04 3.03 -28.31
C ASN A 985 -39.41 2.59 -28.79
N GLU A 986 -40.19 1.91 -27.95
CA GLU A 986 -41.50 1.45 -28.37
C GLU A 986 -42.37 2.66 -28.71
N PRO A 987 -43.12 2.60 -29.81
CA PRO A 987 -44.12 3.65 -30.05
C PRO A 987 -45.20 3.60 -28.98
N GLY A 988 -45.71 4.77 -28.61
CA GLY A 988 -46.66 4.83 -27.53
C GLY A 988 -46.08 4.46 -26.18
N SER A 989 -44.77 4.59 -26.01
CA SER A 989 -44.14 4.27 -24.75
C SER A 989 -44.51 5.28 -23.68
N GLU A 990 -44.67 4.80 -22.45
CA GLU A 990 -45.09 5.64 -21.34
C GLU A 990 -43.92 6.27 -20.60
N TYR A 991 -42.68 5.91 -20.94
CA TYR A 991 -41.52 6.41 -20.23
C TYR A 991 -41.11 7.77 -20.75
N PHE A 992 -40.76 8.66 -19.82
CA PHE A 992 -40.49 10.06 -20.10
C PHE A 992 -39.00 10.36 -20.23
N ILE A 993 -38.17 9.81 -19.35
CA ILE A 993 -36.74 10.07 -19.35
C ILE A 993 -35.99 8.76 -19.23
N PHE A 994 -34.70 8.82 -19.57
CA PHE A 994 -33.89 7.60 -19.71
C PHE A 994 -32.49 7.91 -19.20
N LEU A 995 -32.26 7.61 -17.92
CA LEU A 995 -30.98 7.86 -17.29
C LEU A 995 -29.88 7.04 -17.93
N LEU A 996 -28.75 7.69 -18.21
CA LEU A 996 -27.61 7.06 -18.83
C LEU A 996 -26.32 7.57 -18.20
N SER A 997 -25.30 6.74 -18.27
CA SER A 997 -23.95 7.15 -17.95
C SER A 997 -23.24 7.48 -19.26
N THR A 998 -22.30 8.42 -19.18
CA THR A 998 -21.63 8.88 -20.40
C THR A 998 -20.83 7.75 -21.04
N ARG A 999 -20.13 6.96 -20.22
CA ARG A 999 -19.24 5.94 -20.78
C ARG A 999 -20.01 4.74 -21.30
N ALA A 1000 -21.05 4.30 -20.60
CA ALA A 1000 -21.79 3.12 -21.05
C ALA A 1000 -22.91 3.47 -22.01
N GLY A 1001 -23.57 4.61 -21.81
CA GLY A 1001 -24.69 5.00 -22.66
C GLY A 1001 -24.31 5.85 -23.85
N GLY A 1002 -23.08 6.36 -23.86
CA GLY A 1002 -22.64 7.24 -24.92
C GLY A 1002 -22.20 6.58 -26.20
N LEU A 1003 -22.03 5.25 -26.20
CA LEU A 1003 -21.54 4.57 -27.39
C LEU A 1003 -22.70 4.23 -28.32
N GLY A 1004 -22.49 3.36 -29.29
CA GLY A 1004 -23.46 3.19 -30.36
C GLY A 1004 -24.82 2.70 -29.88
N LEU A 1005 -25.74 3.65 -29.75
CA LEU A 1005 -27.11 3.37 -29.31
C LEU A 1005 -28.04 4.20 -30.15
N ASN A 1006 -29.19 3.64 -30.48
CA ASN A 1006 -30.19 4.32 -31.28
C ASN A 1006 -31.34 4.69 -30.36
N LEU A 1007 -31.25 5.90 -29.79
CA LEU A 1007 -32.28 6.48 -28.94
C LEU A 1007 -33.00 7.59 -29.68
N GLN A 1008 -33.33 7.32 -30.94
CA GLN A 1008 -33.85 8.31 -31.85
C GLN A 1008 -35.18 8.89 -31.38
N SER A 1009 -35.93 8.14 -30.56
CA SER A 1009 -37.24 8.59 -30.13
C SER A 1009 -37.18 9.79 -29.20
N ALA A 1010 -36.03 10.05 -28.59
CA ALA A 1010 -35.86 11.23 -27.76
C ALA A 1010 -35.42 12.41 -28.64
N ASP A 1011 -35.98 13.58 -28.35
CA ASP A 1011 -35.68 14.76 -29.15
C ASP A 1011 -34.79 15.77 -28.45
N THR A 1012 -34.72 15.77 -27.12
CA THR A 1012 -33.86 16.69 -26.40
C THR A 1012 -32.97 15.94 -25.43
N VAL A 1013 -31.77 16.49 -25.22
CA VAL A 1013 -30.70 15.85 -24.48
C VAL A 1013 -30.23 16.81 -23.40
N ILE A 1014 -30.14 16.32 -22.17
CA ILE A 1014 -29.64 17.09 -21.04
C ILE A 1014 -28.30 16.49 -20.63
N ILE A 1015 -27.26 17.32 -20.62
CA ILE A 1015 -25.92 16.89 -20.22
C ILE A 1015 -25.70 17.45 -18.83
N PHE A 1016 -25.85 16.60 -17.82
CA PHE A 1016 -25.80 17.07 -16.44
C PHE A 1016 -24.42 17.62 -16.08
N ASP A 1017 -23.36 16.96 -16.52
CA ASP A 1017 -22.02 17.48 -16.31
C ASP A 1017 -21.14 17.07 -17.47
N SER A 1018 -20.13 17.88 -17.73
CA SER A 1018 -19.27 17.68 -18.89
C SER A 1018 -18.10 16.78 -18.54
N ASP A 1019 -17.54 16.15 -19.56
CA ASP A 1019 -16.39 15.29 -19.40
C ASP A 1019 -15.11 16.10 -19.58
N TRP A 1020 -13.97 15.48 -19.25
CA TRP A 1020 -12.69 16.15 -19.45
C TRP A 1020 -12.35 16.28 -20.92
N ASN A 1021 -12.84 15.37 -21.76
CA ASN A 1021 -12.63 15.58 -23.18
C ASN A 1021 -13.98 15.72 -23.87
N PRO A 1022 -14.06 16.55 -24.90
CA PRO A 1022 -15.36 16.95 -25.43
C PRO A 1022 -16.00 15.89 -26.30
N HIS A 1023 -15.17 15.08 -26.96
CA HIS A 1023 -15.70 14.06 -27.85
C HIS A 1023 -16.54 13.03 -27.13
N GLN A 1024 -16.32 12.85 -25.83
CA GLN A 1024 -17.20 12.00 -25.05
C GLN A 1024 -18.62 12.58 -25.01
N ASP A 1025 -18.73 13.89 -24.85
CA ASP A 1025 -20.05 14.52 -24.83
C ASP A 1025 -20.65 14.60 -26.22
N LEU A 1026 -19.83 14.72 -27.27
CA LEU A 1026 -20.37 14.72 -28.62
C LEU A 1026 -21.01 13.38 -28.96
N GLN A 1027 -20.46 12.28 -28.47
CA GLN A 1027 -21.12 10.99 -28.64
C GLN A 1027 -22.47 10.97 -27.94
N ALA A 1028 -22.53 11.55 -26.74
CA ALA A 1028 -23.79 11.56 -26.00
C ALA A 1028 -24.87 12.35 -26.73
N GLN A 1029 -24.51 13.50 -27.28
CA GLN A 1029 -25.48 14.31 -28.02
C GLN A 1029 -26.06 13.54 -29.19
N ASP A 1030 -25.20 12.87 -29.95
CA ASP A 1030 -25.61 12.20 -31.17
C ASP A 1030 -26.29 10.87 -30.93
N ARG A 1031 -26.73 10.58 -29.70
CA ARG A 1031 -27.51 9.36 -29.52
C ARG A 1031 -28.92 9.56 -30.06
N ALA A 1032 -29.39 10.80 -30.08
CA ALA A 1032 -30.69 11.15 -30.62
C ALA A 1032 -30.62 11.78 -32.00
N HIS A 1033 -29.50 12.41 -32.35
CA HIS A 1033 -29.37 13.09 -33.63
C HIS A 1033 -28.77 12.13 -34.66
N ARG A 1034 -29.60 11.18 -35.08
CA ARG A 1034 -29.19 10.13 -35.99
C ARG A 1034 -30.18 10.05 -37.16
N ILE A 1035 -29.90 9.16 -38.10
CA ILE A 1035 -30.84 8.88 -39.18
C ILE A 1035 -32.09 8.25 -38.59
N GLY A 1036 -33.25 8.78 -38.95
CA GLY A 1036 -34.49 8.36 -38.33
C GLY A 1036 -35.04 9.33 -37.31
N GLN A 1037 -34.40 10.48 -37.14
CA GLN A 1037 -34.92 11.53 -36.28
C GLN A 1037 -35.63 12.56 -37.14
N GLN A 1038 -36.87 12.88 -36.76
CA GLN A 1038 -37.64 13.88 -37.48
C GLN A 1038 -37.86 15.16 -36.69
N ASN A 1039 -37.57 15.16 -35.39
CA ASN A 1039 -37.87 16.28 -34.52
C ASN A 1039 -36.62 17.11 -34.27
N GLU A 1040 -36.82 18.41 -34.08
CA GLU A 1040 -35.71 19.28 -33.75
C GLU A 1040 -35.04 18.84 -32.46
N VAL A 1041 -33.70 18.83 -32.45
CA VAL A 1041 -32.93 18.33 -31.31
C VAL A 1041 -32.28 19.51 -30.61
N ARG A 1042 -32.44 19.57 -29.28
CA ARG A 1042 -31.87 20.63 -28.47
C ARG A 1042 -31.05 20.02 -27.34
N VAL A 1043 -29.80 20.43 -27.23
CA VAL A 1043 -28.87 19.91 -26.22
C VAL A 1043 -28.71 20.97 -25.14
N LEU A 1044 -29.03 20.60 -23.91
CA LEU A 1044 -29.01 21.53 -22.77
C LEU A 1044 -27.87 21.11 -21.86
N ARG A 1045 -26.72 21.75 -22.02
CA ARG A 1045 -25.54 21.43 -21.22
C ARG A 1045 -25.56 22.25 -19.94
N LEU A 1046 -25.90 21.62 -18.82
CA LEU A 1046 -25.92 22.32 -17.55
C LEU A 1046 -24.50 22.66 -17.11
N CYS A 1047 -24.37 23.78 -16.40
CA CYS A 1047 -23.09 24.21 -15.87
C CYS A 1047 -23.34 25.02 -14.61
N THR A 1048 -22.28 25.28 -13.86
CA THR A 1048 -22.37 26.00 -12.60
C THR A 1048 -21.53 27.26 -12.69
N VAL A 1049 -22.13 28.39 -12.31
CA VAL A 1049 -21.44 29.67 -12.46
C VAL A 1049 -20.40 29.83 -11.36
N ASN A 1050 -19.21 30.31 -11.77
CA ASN A 1050 -18.10 30.55 -10.86
C ASN A 1050 -17.71 29.27 -10.12
N SER A 1051 -17.36 28.25 -10.89
CA SER A 1051 -16.97 26.97 -10.34
C SER A 1051 -15.89 26.37 -11.22
N VAL A 1052 -15.35 25.24 -10.76
CA VAL A 1052 -14.34 24.53 -11.53
C VAL A 1052 -14.89 24.01 -12.84
N GLU A 1053 -16.21 23.83 -12.94
CA GLU A 1053 -16.81 23.32 -14.17
C GLU A 1053 -16.54 24.22 -15.37
N GLU A 1054 -16.36 25.52 -15.15
CA GLU A 1054 -16.00 26.40 -16.26
C GLU A 1054 -14.59 26.12 -16.73
N LYS A 1055 -13.66 25.87 -15.80
CA LYS A 1055 -12.31 25.48 -16.18
C LYS A 1055 -12.32 24.17 -16.93
N ILE A 1056 -13.12 23.20 -16.47
CA ILE A 1056 -13.25 21.93 -17.18
C ILE A 1056 -13.85 22.16 -18.56
N LEU A 1057 -14.91 22.98 -18.63
CA LEU A 1057 -15.56 23.22 -19.90
C LEU A 1057 -14.66 24.00 -20.85
N ALA A 1058 -13.90 24.97 -20.33
CA ALA A 1058 -12.98 25.72 -21.18
C ALA A 1058 -11.80 24.87 -21.63
N ALA A 1059 -11.27 24.04 -20.74
CA ALA A 1059 -10.18 23.14 -21.12
C ALA A 1059 -10.64 22.17 -22.20
N ALA A 1060 -11.87 21.66 -22.09
CA ALA A 1060 -12.42 20.83 -23.14
C ALA A 1060 -12.52 21.60 -24.45
N LYS A 1061 -12.99 22.85 -24.39
CA LYS A 1061 -13.09 23.66 -25.60
C LYS A 1061 -11.74 23.78 -26.31
N TYR A 1062 -10.65 23.78 -25.55
CA TYR A 1062 -9.34 23.89 -26.18
C TYR A 1062 -8.98 22.61 -26.94
N LYS A 1063 -9.36 21.45 -26.41
CA LYS A 1063 -9.10 20.20 -27.10
C LYS A 1063 -9.91 20.05 -28.37
N LEU A 1064 -11.00 20.80 -28.51
CA LEU A 1064 -11.80 20.73 -29.73
C LEU A 1064 -11.12 21.37 -30.93
N ASN A 1065 -9.97 22.00 -30.73
CA ASN A 1065 -9.30 22.70 -31.81
C ASN A 1065 -8.29 21.84 -32.56
N VAL A 1066 -7.67 20.88 -31.88
CA VAL A 1066 -6.63 20.07 -32.52
C VAL A 1066 -7.24 19.22 -33.63
N ASP A 1067 -8.37 18.56 -33.35
CA ASP A 1067 -9.00 17.73 -34.38
C ASP A 1067 -9.53 18.57 -35.52
N GLN A 1068 -10.02 19.77 -35.22
CA GLN A 1068 -10.56 20.64 -36.26
C GLN A 1068 -9.48 21.02 -37.26
N LYS A 1069 -8.22 21.12 -36.80
CA LYS A 1069 -7.12 21.35 -37.72
C LYS A 1069 -6.85 20.13 -38.58
N VAL A 1070 -6.92 18.93 -38.01
CA VAL A 1070 -6.41 17.73 -38.65
C VAL A 1070 -7.50 16.94 -39.35
N ILE A 1071 -8.62 16.69 -38.66
CA ILE A 1071 -9.68 15.86 -39.23
C ILE A 1071 -10.74 16.71 -39.91
N GLN A 1072 -11.28 17.70 -39.20
CA GLN A 1072 -12.38 18.48 -39.72
C GLN A 1072 -11.96 19.27 -40.96
N ALA A 1073 -10.78 19.89 -40.92
CA ALA A 1073 -10.31 20.68 -42.05
C ALA A 1073 -9.90 19.80 -43.23
N GLY A 1074 -9.65 18.51 -43.01
CA GLY A 1074 -9.25 17.66 -44.11
C GLY A 1074 -10.36 17.42 -45.12
N MET A 1075 -11.60 17.26 -44.64
CA MET A 1075 -12.75 17.00 -45.50
C MET A 1075 -12.50 15.76 -46.36
N PHE A 1076 -12.36 14.62 -45.69
CA PHE A 1076 -11.99 13.37 -46.36
C PHE A 1076 -13.24 12.68 -46.91
N ASP A 1077 -13.97 13.42 -47.74
CA ASP A 1077 -15.18 12.91 -48.38
C ASP A 1077 -14.99 12.57 -49.85
N GLN A 1078 -13.81 12.80 -50.41
CA GLN A 1078 -13.43 12.53 -51.79
C GLN A 1078 -14.18 13.40 -52.80
N LYS A 1079 -15.04 14.31 -52.35
CA LYS A 1079 -15.74 15.24 -53.24
C LYS A 1079 -15.24 16.67 -53.10
N SER A 1080 -14.83 17.08 -51.90
CA SER A 1080 -14.33 18.42 -51.64
C SER A 1080 -12.88 18.60 -52.03
N SER A 1081 -12.35 17.74 -52.91
CA SER A 1081 -10.96 17.79 -53.35
C SER A 1081 -10.49 19.20 -53.69
N SER A 1082 -11.43 20.06 -54.07
CA SER A 1082 -11.15 21.46 -54.40
C SER A 1082 -10.52 22.20 -53.21
N HIS A 1083 -10.08 23.43 -53.46
CA HIS A 1083 -9.32 24.22 -52.51
C HIS A 1083 -10.17 24.81 -51.39
N GLU A 1084 -11.38 24.28 -51.19
CA GLU A 1084 -12.20 24.72 -50.06
C GLU A 1084 -11.54 24.41 -48.72
N ARG A 1085 -10.62 23.44 -48.68
CA ARG A 1085 -9.95 23.12 -47.42
C ARG A 1085 -9.20 24.33 -46.88
N ARG A 1086 -8.42 24.99 -47.74
CA ARG A 1086 -7.72 26.18 -47.30
C ARG A 1086 -8.68 27.33 -47.03
N ALA A 1087 -9.78 27.42 -47.78
CA ALA A 1087 -10.83 28.35 -47.41
C ALA A 1087 -11.39 28.01 -46.04
N PHE A 1088 -11.53 26.72 -45.73
CA PHE A 1088 -12.00 26.30 -44.42
C PHE A 1088 -10.93 26.53 -43.35
N LEU A 1089 -9.67 26.22 -43.67
CA LEU A 1089 -8.63 26.22 -42.64
C LEU A 1089 -8.34 27.63 -42.17
N GLN A 1090 -8.14 28.57 -43.09
CA GLN A 1090 -7.86 29.95 -42.70
C GLN A 1090 -9.02 30.58 -41.95
N ALA A 1091 -10.24 30.11 -42.17
CA ALA A 1091 -11.39 30.61 -41.44
C ALA A 1091 -11.38 30.23 -39.97
N ILE A 1092 -10.47 29.34 -39.57
CA ILE A 1092 -10.42 28.91 -38.17
C ILE A 1092 -9.67 29.91 -37.31
N LEU A 1093 -8.75 30.68 -37.90
CA LEU A 1093 -7.88 31.53 -37.10
C LEU A 1093 -8.63 32.74 -36.53
N GLU A 1094 -9.50 33.37 -37.33
CA GLU A 1094 -10.07 34.64 -36.91
C GLU A 1094 -11.18 34.48 -35.87
N HIS A 1095 -11.93 33.37 -35.91
CA HIS A 1095 -13.05 33.24 -34.98
C HIS A 1095 -12.61 33.00 -33.54
N GLU A 1096 -11.32 32.71 -33.31
CA GLU A 1096 -10.84 32.58 -31.94
C GLU A 1096 -10.91 33.91 -31.20
N GLU A 1097 -10.60 35.01 -31.88
CA GLU A 1097 -10.53 36.31 -31.23
C GLU A 1097 -11.91 36.77 -30.75
N GLN A 1098 -12.95 36.51 -31.53
CA GLN A 1098 -14.25 37.12 -31.32
C GLN A 1098 -14.98 36.63 -30.06
N ASP A 1099 -14.42 35.63 -29.38
CA ASP A 1099 -15.02 35.13 -28.15
C ASP A 1099 -14.90 36.16 -27.03
N GLU A 1100 -15.95 36.25 -26.21
CA GLU A 1100 -16.01 37.14 -25.07
C GLU A 1100 -16.44 36.35 -23.83
N GLU A 1101 -15.74 36.54 -22.71
CA GLU A 1101 -16.07 35.82 -21.49
C GLU A 1101 -17.45 36.18 -20.93
N GLU A 1102 -18.21 35.16 -20.54
CA GLU A 1102 -19.55 35.36 -19.97
C GLU A 1102 -19.70 34.65 -18.63
N ASP A 1103 -20.18 35.39 -17.62
CA ASP A 1103 -20.36 34.84 -16.27
C ASP A 1103 -21.57 35.43 -15.55
N GLU A 1104 -22.04 34.71 -14.53
CA GLU A 1104 -23.18 35.14 -13.69
C GLU A 1104 -24.44 35.47 -14.50
N VAL A 1105 -24.78 34.63 -15.46
CA VAL A 1105 -25.95 34.87 -16.29
C VAL A 1105 -26.90 33.67 -16.36
N PRO A 1106 -27.69 33.44 -15.30
CA PRO A 1106 -28.65 32.34 -15.31
C PRO A 1106 -29.68 32.54 -16.41
N ASP A 1107 -30.14 33.78 -16.57
CA ASP A 1107 -31.09 34.10 -17.64
C ASP A 1107 -32.45 33.45 -17.38
N ASP A 1108 -33.09 33.94 -16.32
CA ASP A 1108 -34.30 33.30 -15.80
C ASP A 1108 -35.41 33.21 -16.84
N GLU A 1109 -35.64 34.30 -17.58
CA GLU A 1109 -36.70 34.24 -18.59
C GLU A 1109 -36.23 33.50 -19.83
N THR A 1110 -34.94 33.61 -20.16
CA THR A 1110 -34.41 33.06 -21.41
C THR A 1110 -34.46 31.54 -21.43
N VAL A 1111 -34.55 30.89 -20.27
CA VAL A 1111 -34.47 29.42 -20.24
C VAL A 1111 -35.64 28.81 -20.98
N ASN A 1112 -36.85 29.33 -20.78
CA ASN A 1112 -38.01 28.79 -21.49
C ASN A 1112 -37.95 29.12 -22.97
N GLN A 1113 -37.33 30.26 -23.32
CA GLN A 1113 -37.05 30.54 -24.72
C GLN A 1113 -36.15 29.46 -25.32
N MET A 1114 -35.20 28.97 -24.52
CA MET A 1114 -34.23 28.00 -25.01
C MET A 1114 -34.87 26.63 -25.24
N ILE A 1115 -35.79 26.23 -24.36
CA ILE A 1115 -36.56 25.00 -24.60
C ILE A 1115 -37.45 25.16 -25.82
N ALA A 1116 -38.23 26.24 -25.85
CA ALA A 1116 -39.34 26.35 -26.79
C ALA A 1116 -38.84 26.41 -28.23
N ARG A 1117 -39.48 25.66 -29.11
CA ARG A 1117 -39.18 25.66 -30.53
C ARG A 1117 -40.27 26.30 -31.37
N HIS A 1118 -41.41 26.63 -30.77
CA HIS A 1118 -42.49 27.32 -31.46
C HIS A 1118 -43.17 28.28 -30.51
N GLU A 1119 -43.86 29.26 -31.08
CA GLU A 1119 -44.56 30.25 -30.26
C GLU A 1119 -45.69 29.62 -29.46
N GLU A 1120 -46.38 28.65 -30.04
CA GLU A 1120 -47.46 27.98 -29.31
C GLU A 1120 -46.94 27.30 -28.04
N GLU A 1121 -45.66 26.94 -28.03
CA GLU A 1121 -45.06 26.42 -26.81
C GLU A 1121 -45.04 27.48 -25.71
N PHE A 1122 -44.68 28.71 -26.05
CA PHE A 1122 -44.70 29.79 -25.06
C PHE A 1122 -46.07 29.91 -24.41
N ASP A 1123 -47.14 29.86 -25.21
CA ASP A 1123 -48.48 29.90 -24.65
C ASP A 1123 -48.66 28.79 -23.62
N LEU A 1124 -48.17 27.59 -23.92
CA LEU A 1124 -48.13 26.57 -22.89
C LEU A 1124 -47.09 26.92 -21.83
N PHE A 1125 -45.91 27.39 -22.26
CA PHE A 1125 -44.81 27.62 -21.33
C PHE A 1125 -45.06 28.80 -20.39
N MET A 1126 -45.97 29.71 -20.75
CA MET A 1126 -46.28 30.85 -19.91
C MET A 1126 -47.44 30.61 -18.96
N ARG A 1127 -48.01 29.40 -18.93
CA ARG A 1127 -49.02 29.08 -17.92
C ARG A 1127 -48.38 28.63 -16.62
N MET A 1128 -47.68 27.50 -16.63
CA MET A 1128 -47.18 26.91 -15.39
C MET A 1128 -46.11 27.76 -14.73
N ASP A 1129 -45.45 28.64 -15.49
CA ASP A 1129 -44.44 29.52 -14.90
C ASP A 1129 -45.05 30.42 -13.84
N LEU A 1130 -46.21 31.02 -14.14
CA LEU A 1130 -46.87 31.88 -13.17
C LEU A 1130 -47.61 31.09 -12.09
N ASP A 1131 -48.08 29.88 -12.43
CA ASP A 1131 -48.76 29.05 -11.45
C ASP A 1131 -47.84 28.69 -10.29
N ARG A 1132 -46.57 28.40 -10.59
CA ARG A 1132 -45.61 28.15 -9.52
C ARG A 1132 -45.42 29.39 -8.67
N ARG A 1133 -45.43 30.56 -9.30
CA ARG A 1133 -45.30 31.81 -8.55
C ARG A 1133 -46.46 32.01 -7.59
N ARG A 1134 -47.69 31.80 -8.06
CA ARG A 1134 -48.84 32.01 -7.19
C ARG A 1134 -48.92 30.95 -6.10
N GLU A 1135 -48.55 29.70 -6.42
CA GLU A 1135 -48.62 28.64 -5.44
C GLU A 1135 -47.58 28.81 -4.35
N GLU A 1136 -46.41 29.33 -4.70
CA GLU A 1136 -45.34 29.48 -3.72
C GLU A 1136 -45.60 30.64 -2.75
N ALA A 1137 -46.44 31.59 -3.14
CA ALA A 1137 -46.73 32.72 -2.26
C ALA A 1137 -47.47 32.31 -1.01
N ARG A 1138 -48.20 31.19 -1.03
CA ARG A 1138 -48.97 30.76 0.13
C ARG A 1138 -48.05 30.44 1.30
N ASN A 1139 -47.05 29.60 1.07
CA ASN A 1139 -46.10 29.21 2.11
C ASN A 1139 -44.71 29.67 1.71
N PRO A 1140 -44.20 30.74 2.32
CA PRO A 1140 -42.97 31.38 1.83
C PRO A 1140 -41.68 30.69 2.27
N LYS A 1141 -41.24 29.72 1.48
CA LYS A 1141 -40.00 28.99 1.73
C LYS A 1141 -39.12 29.24 0.52
N ARG A 1142 -37.91 29.74 0.75
CA ARG A 1142 -36.97 30.05 -0.31
C ARG A 1142 -36.79 28.88 -1.28
N LYS A 1143 -36.93 29.16 -2.58
CA LYS A 1143 -36.78 28.14 -3.60
C LYS A 1143 -35.41 27.50 -3.44
N PRO A 1144 -34.38 28.33 -3.26
CA PRO A 1144 -33.03 27.77 -3.04
C PRO A 1144 -32.80 27.31 -1.61
N ARG A 1145 -31.58 26.97 -1.24
CA ARG A 1145 -31.30 26.79 0.18
C ARG A 1145 -31.31 28.13 0.90
N LEU A 1146 -30.49 29.08 0.43
CA LEU A 1146 -30.52 30.46 0.89
C LEU A 1146 -30.37 30.52 2.41
N MET A 1147 -29.32 29.87 2.91
CA MET A 1147 -28.84 30.05 4.28
C MET A 1147 -29.89 29.62 5.31
N GLU A 1148 -31.00 29.05 4.84
CA GLU A 1148 -32.13 28.75 5.72
C GLU A 1148 -31.73 27.80 6.85
N GLU A 1149 -31.13 26.65 6.50
CA GLU A 1149 -30.84 25.61 7.47
C GLU A 1149 -29.34 25.40 7.66
N ASP A 1150 -28.52 26.38 7.33
CA ASP A 1150 -27.08 26.21 7.48
C ASP A 1150 -26.62 26.31 8.94
N GLU A 1151 -27.54 26.45 9.88
CA GLU A 1151 -27.18 26.46 11.31
C GLU A 1151 -26.42 25.19 11.71
N LEU A 1152 -26.38 24.19 10.84
CA LEU A 1152 -25.53 23.02 11.00
C LEU A 1152 -24.09 23.46 11.27
N PRO A 1153 -23.25 22.59 11.85
CA PRO A 1153 -21.90 23.02 12.23
C PRO A 1153 -21.05 23.51 11.06
N SER A 1154 -21.49 23.29 9.82
CA SER A 1154 -20.69 23.74 8.67
C SER A 1154 -20.49 25.25 8.70
N TRP A 1155 -21.58 26.01 8.81
CA TRP A 1155 -21.45 27.47 8.88
C TRP A 1155 -21.09 27.92 10.28
N ILE A 1156 -21.31 27.08 11.28
CA ILE A 1156 -20.91 27.39 12.65
C ILE A 1156 -19.40 27.60 12.73
N ILE A 1157 -18.63 26.80 12.00
CA ILE A 1157 -17.18 26.92 12.03
C ILE A 1157 -16.75 28.31 11.55
N LYS A 1158 -16.99 28.60 10.28
CA LYS A 1158 -16.53 29.84 9.68
C LYS A 1158 -17.37 30.24 8.48
N GLU A 1173 -4.44 12.42 25.46
CA GLU A 1173 -4.43 13.72 24.81
C GLU A 1173 -3.02 14.30 24.74
N LYS A 1174 -2.90 15.50 24.19
CA LYS A 1174 -1.62 16.18 24.04
C LYS A 1174 -1.58 17.37 25.00
N MET A 1175 -0.57 17.40 25.87
CA MET A 1175 -0.40 18.49 26.82
C MET A 1175 1.10 18.80 26.93
N PHE A 1176 1.44 19.61 27.94
CA PHE A 1176 2.78 20.14 28.11
C PHE A 1176 3.68 19.07 28.75
N GLY A 1177 4.85 19.48 29.26
CA GLY A 1177 5.84 18.55 29.76
C GLY A 1177 6.09 18.71 31.25
N ARG A 1178 6.22 17.56 31.94
CA ARG A 1178 6.67 17.41 33.33
C ARG A 1178 5.64 17.84 34.35
N GLY A 1179 4.62 18.58 33.95
CA GLY A 1179 3.52 18.87 34.86
C GLY A 1179 2.26 18.13 34.48
N SER A 1180 1.96 18.08 33.18
CA SER A 1180 0.64 17.70 32.72
C SER A 1180 0.37 16.20 32.86
N ARG A 1181 1.41 15.37 33.00
CA ARG A 1181 1.21 13.94 32.91
C ARG A 1181 0.21 13.44 33.95
N HIS A 1182 -0.93 12.95 33.47
CA HIS A 1182 -2.00 12.49 34.34
C HIS A 1182 -1.76 11.02 34.66
N ARG A 1183 -1.55 10.73 35.93
CA ARG A 1183 -1.26 9.39 36.40
C ARG A 1183 -2.34 8.95 37.39
N LYS A 1184 -2.39 7.66 37.64
CA LYS A 1184 -3.32 7.09 38.58
C LYS A 1184 -2.61 6.84 39.91
N GLU A 1185 -3.35 7.04 41.00
CA GLU A 1185 -2.78 6.78 42.31
C GLU A 1185 -2.34 5.33 42.42
N VAL A 1186 -1.14 5.13 42.97
CA VAL A 1186 -0.55 3.80 43.06
C VAL A 1186 -0.42 3.46 44.54
N ASP A 1187 -0.42 2.16 44.84
CA ASP A 1187 -0.56 1.67 46.20
C ASP A 1187 0.72 0.97 46.65
N TYR A 1188 1.86 1.63 46.46
CA TYR A 1188 3.17 1.11 46.87
C TYR A 1188 3.21 0.59 48.31
N SER A 1189 2.20 0.93 49.12
CA SER A 1189 2.24 0.59 50.53
C SER A 1189 2.41 -0.91 50.74
N ASP A 1190 1.57 -1.72 50.10
CA ASP A 1190 1.62 -3.18 50.21
C ASP A 1190 1.55 -3.62 51.66
N SER A 1191 0.40 -3.34 52.29
CA SER A 1191 0.19 -3.71 53.68
C SER A 1191 -1.22 -4.25 53.90
N ALA B 16 -32.22 3.35 -2.21
CA ALA B 16 -32.32 2.92 -0.82
C ALA B 16 -31.10 2.09 -0.41
N LYS B 17 -30.18 1.93 -1.34
CA LYS B 17 -28.99 1.10 -1.14
C LYS B 17 -27.79 1.88 -0.63
N ARG B 18 -27.92 3.19 -0.47
CA ARG B 18 -26.78 4.01 -0.05
C ARG B 18 -26.38 3.70 1.39
N HIS B 19 -27.35 3.36 2.24
CA HIS B 19 -27.06 3.10 3.64
C HIS B 19 -26.22 1.85 3.85
N ARG B 20 -26.37 0.84 2.98
CA ARG B 20 -25.70 -0.43 3.22
C ARG B 20 -24.21 -0.36 2.88
N LYS B 21 -23.82 0.53 1.98
CA LYS B 21 -22.42 0.59 1.57
C LYS B 21 -21.54 1.19 2.65
N VAL B 22 -22.05 2.17 3.39
CA VAL B 22 -21.24 2.82 4.41
C VAL B 22 -21.11 1.93 5.64
N LEU B 23 -22.05 1.02 5.86
CA LEU B 23 -21.96 0.12 7.00
C LEU B 23 -21.05 -1.07 6.69
N ARG B 24 -19.87 -0.78 6.15
CA ARG B 24 -18.89 -1.81 5.82
C ARG B 24 -17.85 -2.02 6.91
N ASP B 25 -17.29 -0.94 7.44
CA ASP B 25 -16.30 -1.00 8.52
C ASP B 25 -15.12 -1.87 8.09
N ASN B 26 -14.35 -1.31 7.15
CA ASN B 26 -13.38 -2.07 6.34
C ASN B 26 -12.44 -2.97 7.15
N ILE B 27 -12.36 -2.82 8.47
CA ILE B 27 -11.74 -3.89 9.25
C ILE B 27 -12.47 -5.19 9.04
N GLN B 28 -13.77 -5.13 8.73
CA GLN B 28 -14.52 -6.31 8.33
C GLN B 28 -14.11 -6.83 6.96
N GLY B 29 -13.31 -6.07 6.21
CA GLY B 29 -12.77 -6.56 4.95
C GLY B 29 -11.86 -7.74 5.12
N ILE B 30 -11.31 -7.94 6.31
CA ILE B 30 -10.57 -9.15 6.63
C ILE B 30 -11.63 -10.21 6.92
N THR B 31 -12.00 -10.96 5.90
CA THR B 31 -13.18 -11.81 5.99
C THR B 31 -12.89 -13.07 6.80
N LYS B 32 -13.97 -13.72 7.21
CA LYS B 32 -13.87 -15.00 7.90
C LYS B 32 -13.11 -16.05 7.10
N PRO B 33 -13.40 -16.29 5.81
CA PRO B 33 -12.57 -17.26 5.07
C PRO B 33 -11.11 -16.88 4.96
N ALA B 34 -10.80 -15.58 4.85
CA ALA B 34 -9.41 -15.16 4.75
C ALA B 34 -8.64 -15.49 6.03
N ILE B 35 -9.28 -15.29 7.18
CA ILE B 35 -8.64 -15.59 8.45
C ILE B 35 -8.42 -17.09 8.60
N ARG B 36 -9.36 -17.90 8.11
CA ARG B 36 -9.19 -19.34 8.16
C ARG B 36 -8.04 -19.79 7.28
N ARG B 37 -7.83 -19.14 6.14
CA ARG B 37 -6.71 -19.49 5.28
C ARG B 37 -5.38 -19.26 5.98
N LEU B 38 -5.28 -18.16 6.73
CA LEU B 38 -4.10 -17.95 7.56
C LEU B 38 -3.98 -19.04 8.61
N ALA B 39 -5.11 -19.43 9.21
CA ALA B 39 -5.10 -20.46 10.24
C ALA B 39 -4.69 -21.82 9.69
N ARG B 40 -5.11 -22.15 8.47
CA ARG B 40 -4.68 -23.40 7.86
C ARG B 40 -3.17 -23.42 7.65
N ARG B 41 -2.61 -22.31 7.16
CA ARG B 41 -1.18 -22.27 6.94
C ARG B 41 -0.42 -22.35 8.27
N GLY B 42 -1.00 -21.80 9.34
CA GLY B 42 -0.48 -22.01 10.67
C GLY B 42 -0.72 -23.40 11.22
N GLY B 43 -1.54 -24.19 10.54
CA GLY B 43 -1.68 -25.59 10.86
C GLY B 43 -2.78 -25.96 11.83
N VAL B 44 -3.75 -25.08 12.07
CA VAL B 44 -4.82 -25.43 12.99
C VAL B 44 -5.89 -26.21 12.23
N LYS B 45 -6.65 -27.01 12.98
CA LYS B 45 -7.64 -27.90 12.37
C LYS B 45 -9.07 -27.47 12.62
N ARG B 46 -9.35 -26.80 13.74
CA ARG B 46 -10.71 -26.44 14.06
C ARG B 46 -10.70 -25.12 14.81
N ILE B 47 -11.60 -24.21 14.44
CA ILE B 47 -11.55 -22.82 14.86
C ILE B 47 -12.84 -22.48 15.58
N SER B 48 -12.72 -21.88 16.76
CA SER B 48 -13.89 -21.37 17.45
C SER B 48 -14.46 -20.17 16.70
N GLY B 49 -15.71 -19.84 17.00
CA GLY B 49 -16.34 -18.74 16.31
C GLY B 49 -15.96 -17.37 16.82
N LEU B 50 -15.26 -17.31 17.94
CA LEU B 50 -14.84 -16.05 18.52
C LEU B 50 -13.42 -15.66 18.11
N ILE B 51 -12.73 -16.50 17.36
CA ILE B 51 -11.40 -16.17 16.88
C ILE B 51 -11.44 -14.98 15.94
N TYR B 52 -12.43 -14.95 15.04
CA TYR B 52 -12.41 -13.98 13.97
C TYR B 52 -12.44 -12.56 14.50
N GLU B 53 -13.27 -12.30 15.50
CA GLU B 53 -13.28 -10.98 16.13
C GLU B 53 -11.99 -10.71 16.88
N GLU B 54 -11.46 -11.73 17.56
CA GLU B 54 -10.23 -11.56 18.32
C GLU B 54 -9.04 -11.29 17.41
N THR B 55 -8.94 -12.03 16.31
CA THR B 55 -7.79 -11.88 15.43
C THR B 55 -7.85 -10.60 14.60
N ARG B 56 -9.03 -9.99 14.45
CA ARG B 56 -9.08 -8.68 13.81
C ARG B 56 -8.47 -7.62 14.71
N GLY B 57 -8.72 -7.70 16.02
CA GLY B 57 -8.09 -6.77 16.94
C GLY B 57 -6.59 -6.95 17.03
N VAL B 58 -6.12 -8.20 16.93
CA VAL B 58 -4.68 -8.44 16.99
C VAL B 58 -4.00 -7.86 15.77
N LEU B 59 -4.59 -8.02 14.59
CA LEU B 59 -4.02 -7.42 13.39
C LEU B 59 -4.05 -5.90 13.46
N LYS B 60 -5.13 -5.33 13.98
CA LYS B 60 -5.22 -3.88 14.08
C LYS B 60 -4.14 -3.31 14.98
N VAL B 61 -3.88 -3.95 16.12
CA VAL B 61 -2.85 -3.45 17.02
C VAL B 61 -1.47 -3.57 16.38
N PHE B 62 -1.22 -4.67 15.69
CA PHE B 62 0.07 -4.85 15.04
C PHE B 62 0.31 -3.79 13.98
N LEU B 63 -0.70 -3.50 13.17
CA LEU B 63 -0.54 -2.56 12.07
C LEU B 63 -0.26 -1.16 12.57
N GLU B 64 -0.98 -0.70 13.58
CA GLU B 64 -0.80 0.68 14.00
C GLU B 64 0.52 0.91 14.71
N ASN B 65 1.15 -0.14 15.21
CA ASN B 65 2.51 0.01 15.72
C ASN B 65 3.49 0.23 14.58
N VAL B 66 3.40 -0.60 13.53
CA VAL B 66 4.31 -0.48 12.40
C VAL B 66 4.00 0.78 11.59
N ILE B 67 2.72 1.12 11.41
CA ILE B 67 2.37 2.28 10.61
C ILE B 67 2.87 3.56 11.29
N ARG B 68 2.75 3.62 12.62
CA ARG B 68 3.17 4.80 13.36
C ARG B 68 4.66 5.06 13.19
N ASP B 69 5.47 4.00 13.17
CA ASP B 69 6.90 4.17 12.97
C ASP B 69 7.23 4.49 11.52
N ALA B 70 6.52 3.88 10.57
CA ALA B 70 6.75 4.18 9.17
C ALA B 70 6.43 5.63 8.85
N VAL B 71 5.36 6.15 9.43
CA VAL B 71 5.00 7.54 9.18
C VAL B 71 6.01 8.49 9.81
N THR B 72 6.55 8.12 10.97
CA THR B 72 7.55 8.96 11.61
C THR B 72 8.80 9.08 10.75
N TYR B 73 9.23 7.99 10.13
CA TYR B 73 10.35 8.08 9.20
C TYR B 73 10.02 8.95 8.01
N THR B 74 8.80 8.82 7.49
CA THR B 74 8.39 9.61 6.35
C THR B 74 8.34 11.10 6.68
N GLU B 75 7.72 11.44 7.81
CA GLU B 75 7.58 12.84 8.21
C GLU B 75 8.93 13.48 8.49
N HIS B 76 9.87 12.71 9.03
CA HIS B 76 11.21 13.24 9.29
C HIS B 76 11.88 13.67 8.00
N ALA B 77 11.70 12.92 6.93
CA ALA B 77 12.37 13.19 5.67
C ALA B 77 11.66 14.21 4.80
N LYS B 78 10.71 14.99 5.33
CA LYS B 78 9.95 15.98 4.54
C LYS B 78 9.18 15.38 3.39
N ARG B 79 8.89 14.09 3.41
CA ARG B 79 8.12 13.47 2.34
C ARG B 79 6.66 13.39 2.72
N LYS B 80 5.83 13.15 1.70
CA LYS B 80 4.41 12.97 1.88
C LYS B 80 3.95 11.60 1.43
N THR B 81 4.87 10.77 0.93
CA THR B 81 4.58 9.44 0.43
C THR B 81 5.34 8.43 1.28
N VAL B 82 4.64 7.43 1.80
CA VAL B 82 5.26 6.36 2.57
C VAL B 82 5.90 5.40 1.59
N THR B 83 7.23 5.30 1.61
CA THR B 83 7.92 4.41 0.70
C THR B 83 8.12 3.05 1.35
N ALA B 84 8.67 2.11 0.56
CA ALA B 84 8.89 0.76 1.07
C ALA B 84 9.99 0.73 2.12
N MET B 85 11.00 1.58 1.98
CA MET B 85 12.07 1.62 2.96
C MET B 85 11.55 2.04 4.32
N ASP B 86 10.55 2.93 4.35
CA ASP B 86 9.97 3.34 5.62
C ASP B 86 9.35 2.15 6.33
N VAL B 87 8.66 1.29 5.58
CA VAL B 87 8.08 0.09 6.17
C VAL B 87 9.18 -0.86 6.62
N VAL B 88 10.22 -1.02 5.81
CA VAL B 88 11.32 -1.90 6.18
C VAL B 88 12.02 -1.39 7.42
N TYR B 89 12.27 -0.07 7.49
CA TYR B 89 12.97 0.49 8.63
C TYR B 89 12.15 0.35 9.90
N ALA B 90 10.82 0.53 9.80
CA ALA B 90 9.96 0.39 10.96
C ALA B 90 9.98 -1.04 11.48
N LEU B 91 9.91 -2.02 10.58
CA LEU B 91 9.92 -3.41 11.00
C LEU B 91 11.25 -3.79 11.65
N LYS B 92 12.37 -3.31 11.10
CA LYS B 92 13.66 -3.57 11.71
C LYS B 92 13.76 -2.98 13.10
N ARG B 93 12.96 -1.96 13.40
CA ARG B 93 12.98 -1.35 14.73
C ARG B 93 12.19 -2.17 15.73
N GLN B 94 11.17 -2.92 15.29
CA GLN B 94 10.47 -3.87 16.14
C GLN B 94 11.12 -5.25 16.15
N GLY B 95 12.28 -5.40 15.53
CA GLY B 95 12.90 -6.71 15.44
C GLY B 95 12.14 -7.68 14.58
N ARG B 96 11.65 -7.24 13.42
CA ARG B 96 10.93 -8.07 12.47
C ARG B 96 11.50 -7.88 11.08
N THR B 97 12.82 -8.02 10.97
CA THR B 97 13.52 -7.79 9.71
C THR B 97 12.86 -8.53 8.56
N LEU B 98 12.69 -7.82 7.44
CA LEU B 98 12.02 -8.34 6.27
C LEU B 98 12.95 -8.27 5.07
N TYR B 99 13.06 -9.37 4.34
CA TYR B 99 13.90 -9.47 3.16
C TYR B 99 13.04 -9.44 1.90
N GLY B 100 13.54 -8.78 0.86
CA GLY B 100 12.89 -8.81 -0.44
C GLY B 100 12.29 -7.50 -0.90
N PHE B 101 12.42 -6.42 -0.13
CA PHE B 101 11.92 -5.12 -0.54
C PHE B 101 13.00 -4.06 -0.50
N GLY B 102 14.25 -4.46 -0.72
CA GLY B 102 15.36 -3.53 -0.70
C GLY B 102 15.66 -2.98 0.67
N ALA C 13 35.33 38.38 29.72
CA ALA C 13 33.91 38.17 29.94
C ALA C 13 33.67 36.96 30.83
N LYS C 14 32.65 37.07 31.69
CA LYS C 14 32.34 36.00 32.64
C LYS C 14 31.80 34.79 31.89
N ALA C 15 32.30 33.61 32.25
CA ALA C 15 31.93 32.37 31.59
C ALA C 15 30.64 31.82 32.20
N LYS C 16 29.68 31.51 31.34
CA LYS C 16 28.39 30.97 31.75
C LYS C 16 28.18 29.63 31.03
N THR C 17 27.94 28.58 31.80
CA THR C 17 27.83 27.25 31.23
C THR C 17 26.60 27.14 30.34
N ARG C 18 26.67 26.21 29.39
CA ARG C 18 25.55 25.97 28.49
C ARG C 18 24.34 25.40 29.21
N SER C 19 24.57 24.63 30.28
CA SER C 19 23.45 24.10 31.05
C SER C 19 22.64 25.22 31.68
N SER C 20 23.31 26.20 32.28
CA SER C 20 22.62 27.35 32.85
C SER C 20 21.94 28.17 31.77
N ARG C 21 22.59 28.31 30.62
CA ARG C 21 22.02 29.07 29.52
C ARG C 21 20.75 28.41 29.00
N ALA C 22 20.67 27.09 29.05
CA ALA C 22 19.48 26.36 28.65
C ALA C 22 18.56 26.04 29.81
N GLY C 23 18.92 26.45 31.02
CA GLY C 23 18.10 26.21 32.19
C GLY C 23 17.99 24.75 32.57
N LEU C 24 19.08 24.00 32.51
CA LEU C 24 19.08 22.59 32.84
C LEU C 24 19.99 22.32 34.02
N GLN C 25 19.85 21.12 34.58
CA GLN C 25 20.73 20.64 35.62
C GLN C 25 21.72 19.61 35.10
N PHE C 26 21.49 19.06 33.95
CA PHE C 26 22.36 18.08 33.33
C PHE C 26 23.46 18.77 32.53
N PRO C 27 24.60 18.11 32.38
CA PRO C 27 25.77 18.74 31.75
C PRO C 27 25.72 18.81 30.24
N VAL C 28 25.15 19.88 29.69
CA VAL C 28 25.10 20.06 28.24
C VAL C 28 26.49 19.96 27.63
N GLY C 29 27.51 20.45 28.33
CA GLY C 29 28.85 20.36 27.80
C GLY C 29 29.36 18.94 27.68
N ARG C 30 29.09 18.11 28.70
CA ARG C 30 29.54 16.72 28.65
C ARG C 30 28.78 15.93 27.59
N VAL C 31 27.48 16.18 27.46
CA VAL C 31 26.69 15.46 26.45
C VAL C 31 27.23 15.75 25.06
N HIS C 32 27.68 16.99 24.82
CA HIS C 32 28.24 17.33 23.53
C HIS C 32 29.49 16.51 23.24
N ARG C 33 30.36 16.35 24.23
CA ARG C 33 31.59 15.59 24.04
C ARG C 33 31.29 14.12 23.79
N LEU C 34 30.33 13.55 24.51
CA LEU C 34 30.01 12.14 24.35
C LEU C 34 29.45 11.84 22.96
N LEU C 35 28.70 12.77 22.38
CA LEU C 35 28.23 12.60 21.01
C LEU C 35 29.38 12.62 20.02
N ARG C 36 30.33 13.54 20.19
CA ARG C 36 31.45 13.63 19.26
C ARG C 36 32.35 12.41 19.38
N LYS C 37 32.61 11.94 20.60
CA LYS C 37 33.49 10.81 20.79
C LYS C 37 32.83 9.47 20.50
N GLY C 38 31.52 9.42 20.35
CA GLY C 38 30.82 8.18 20.19
C GLY C 38 30.71 7.64 18.79
N ASN C 39 31.26 8.33 17.80
CA ASN C 39 31.19 7.90 16.41
C ASN C 39 29.75 7.72 15.95
N TYR C 40 28.92 8.74 16.21
CA TYR C 40 27.55 8.70 15.77
C TYR C 40 27.34 9.41 14.44
N ALA C 41 28.17 10.38 14.12
CA ALA C 41 28.11 11.06 12.83
C ALA C 41 29.39 11.87 12.68
N GLU C 42 29.60 12.38 11.47
CA GLU C 42 30.76 13.22 11.23
C GLU C 42 30.66 14.56 11.94
N ARG C 43 29.46 15.11 12.05
CA ARG C 43 29.24 16.43 12.62
C ARG C 43 28.12 16.35 13.63
N VAL C 44 28.19 17.21 14.65
CA VAL C 44 27.17 17.28 15.69
C VAL C 44 26.66 18.71 15.75
N GLY C 45 25.36 18.88 15.59
CA GLY C 45 24.77 20.21 15.64
C GLY C 45 24.88 20.83 17.01
N ALA C 46 24.69 22.16 17.04
CA ALA C 46 24.78 22.89 18.29
C ALA C 46 23.60 22.63 19.20
N GLY C 47 22.40 22.46 18.63
CA GLY C 47 21.23 22.22 19.45
C GLY C 47 21.02 20.79 19.85
N ALA C 48 21.73 19.84 19.25
CA ALA C 48 21.57 18.43 19.61
C ALA C 48 21.94 18.15 21.05
N PRO C 49 23.09 18.61 21.58
CA PRO C 49 23.37 18.32 23.00
C PRO C 49 22.37 18.92 23.95
N VAL C 50 21.87 20.11 23.64
CA VAL C 50 20.91 20.77 24.53
C VAL C 50 19.61 19.99 24.56
N TYR C 51 19.12 19.57 23.41
CA TYR C 51 17.88 18.82 23.34
C TYR C 51 18.00 17.49 24.07
N LEU C 52 19.12 16.81 23.89
CA LEU C 52 19.30 15.50 24.49
C LEU C 52 19.47 15.59 25.99
N ALA C 53 20.19 16.61 26.48
CA ALA C 53 20.35 16.76 27.92
C ALA C 53 19.03 17.10 28.59
N ALA C 54 18.15 17.82 27.91
CA ALA C 54 16.84 18.12 28.48
C ALA C 54 15.99 16.87 28.59
N VAL C 55 16.07 15.99 27.59
CA VAL C 55 15.28 14.77 27.61
C VAL C 55 15.79 13.83 28.69
N LEU C 56 17.11 13.74 28.86
CA LEU C 56 17.67 12.91 29.92
C LEU C 56 17.25 13.42 31.28
N GLU C 57 17.24 14.75 31.46
CA GLU C 57 16.78 15.32 32.73
C GLU C 57 15.31 15.02 32.97
N TYR C 58 14.48 15.13 31.92
CA TYR C 58 13.08 14.81 32.09
C TYR C 58 12.87 13.40 32.60
N LEU C 59 13.51 12.43 31.95
CA LEU C 59 13.30 11.03 32.33
C LEU C 59 13.84 10.76 33.73
N THR C 60 14.95 11.37 34.09
CA THR C 60 15.48 11.22 35.44
C THR C 60 14.51 11.76 36.48
N ALA C 61 13.96 12.94 36.23
CA ALA C 61 13.00 13.52 37.16
C ALA C 61 11.71 12.73 37.22
N GLU C 62 11.32 12.12 36.10
CA GLU C 62 10.06 11.40 36.07
C GLU C 62 10.13 10.14 36.93
N ILE C 63 11.25 9.43 36.87
CA ILE C 63 11.39 8.18 37.61
C ILE C 63 11.66 8.44 39.10
N LEU C 64 12.39 9.52 39.41
CA LEU C 64 12.71 9.80 40.81
C LEU C 64 11.49 10.27 41.58
N GLU C 65 10.54 10.94 40.93
CA GLU C 65 9.30 11.31 41.60
C GLU C 65 8.56 10.07 42.06
N LEU C 66 8.35 9.12 41.16
CA LEU C 66 7.61 7.91 41.51
C LEU C 66 8.37 7.10 42.56
N ALA C 67 9.69 7.03 42.43
CA ALA C 67 10.50 6.33 43.42
C ALA C 67 10.41 7.00 44.78
N GLY C 68 10.41 8.32 44.81
CA GLY C 68 10.26 9.03 46.07
C GLY C 68 8.92 8.76 46.72
N ASN C 69 7.86 8.69 45.91
CA ASN C 69 6.54 8.34 46.44
C ASN C 69 6.53 6.92 47.00
N ALA C 70 7.17 5.99 46.30
CA ALA C 70 7.25 4.63 46.81
C ALA C 70 8.03 4.56 48.10
N ALA C 71 9.06 5.39 48.23
CA ALA C 71 9.82 5.43 49.48
C ALA C 71 8.96 5.97 50.62
N ARG C 72 8.14 6.98 50.34
CA ARG C 72 7.31 7.56 51.39
C ARG C 72 6.26 6.58 51.88
N ASP C 73 5.63 5.85 50.96
CA ASP C 73 4.56 4.94 51.34
C ASP C 73 5.07 3.84 52.26
N ASN C 74 6.34 3.49 52.16
CA ASN C 74 6.96 2.51 53.06
C ASN C 74 7.65 3.16 54.24
N LYS C 75 7.38 4.44 54.51
CA LYS C 75 7.90 5.15 55.66
C LYS C 75 9.42 5.19 55.66
N LYS C 76 10.00 5.39 54.48
CA LYS C 76 11.45 5.46 54.33
C LYS C 76 11.87 6.83 53.82
N THR C 77 13.10 7.20 54.13
CA THR C 77 13.67 8.47 53.71
C THR C 77 14.59 8.34 52.51
N ARG C 78 15.29 7.21 52.36
CA ARG C 78 16.23 7.03 51.28
C ARG C 78 15.67 6.09 50.23
N ILE C 79 15.97 6.38 48.95
CA ILE C 79 15.58 5.51 47.87
C ILE C 79 16.48 4.28 47.86
N ILE C 80 15.89 3.11 47.63
CA ILE C 80 16.65 1.88 47.48
C ILE C 80 16.20 1.21 46.20
N PRO C 81 17.00 0.27 45.67
CA PRO C 81 16.63 -0.38 44.40
C PRO C 81 15.23 -0.98 44.39
N ARG C 82 14.73 -1.42 45.54
CA ARG C 82 13.36 -1.90 45.59
C ARG C 82 12.38 -0.82 45.18
N HIS C 83 12.62 0.42 45.62
CA HIS C 83 11.70 1.51 45.32
C HIS C 83 11.71 1.86 43.84
N LEU C 84 12.89 1.81 43.20
CA LEU C 84 12.95 2.03 41.77
C LEU C 84 12.18 0.96 41.01
N GLN C 85 12.28 -0.29 41.46
CA GLN C 85 11.52 -1.36 40.83
C GLN C 85 10.02 -1.12 40.97
N LEU C 86 9.58 -0.72 42.16
CA LEU C 86 8.15 -0.46 42.36
C LEU C 86 7.68 0.71 41.49
N ALA C 87 8.48 1.76 41.40
CA ALA C 87 8.09 2.91 40.60
C ALA C 87 7.98 2.56 39.12
N VAL C 88 8.98 1.85 38.59
CA VAL C 88 9.01 1.57 37.16
C VAL C 88 7.91 0.60 36.77
N ARG C 89 7.80 -0.51 37.49
CA ARG C 89 6.91 -1.57 37.06
C ARG C 89 5.44 -1.23 37.27
N ASN C 90 5.14 -0.27 38.14
CA ASN C 90 3.75 0.12 38.35
C ASN C 90 3.30 1.13 37.31
N ASP C 91 4.22 1.93 36.77
CA ASP C 91 3.86 2.87 35.73
C ASP C 91 3.72 2.14 34.40
N GLU C 92 2.71 2.52 33.63
CA GLU C 92 2.45 1.87 32.35
C GLU C 92 3.48 2.25 31.31
N GLU C 93 3.82 3.53 31.22
CA GLU C 93 4.77 3.98 30.21
C GLU C 93 6.18 3.48 30.52
N LEU C 94 6.64 3.67 31.77
CA LEU C 94 8.00 3.29 32.12
C LEU C 94 8.22 1.79 32.01
N ASN C 95 7.19 1.00 32.29
CA ASN C 95 7.33 -0.45 32.16
C ASN C 95 7.63 -0.85 30.73
N LYS C 96 7.00 -0.19 29.76
CA LYS C 96 7.27 -0.51 28.37
C LYS C 96 8.65 -0.05 27.93
N LEU C 97 9.12 1.09 28.45
CA LEU C 97 10.46 1.55 28.13
C LEU C 97 11.52 0.61 28.70
N LEU C 98 11.28 0.06 29.87
CA LEU C 98 12.22 -0.83 30.54
C LEU C 98 11.71 -2.27 30.58
N GLY C 99 11.11 -2.71 29.47
CA GLY C 99 10.58 -4.06 29.43
C GLY C 99 11.65 -5.13 29.47
N ARG C 100 12.75 -4.91 28.76
CA ARG C 100 13.83 -5.88 28.67
C ARG C 100 14.95 -5.61 29.67
N VAL C 101 14.73 -4.73 30.62
CA VAL C 101 15.73 -4.36 31.61
C VAL C 101 15.40 -5.04 32.92
N THR C 102 16.42 -5.56 33.59
CA THR C 102 16.29 -6.07 34.95
C THR C 102 17.09 -5.20 35.90
N ILE C 103 16.52 -4.96 37.08
CA ILE C 103 17.08 -4.05 38.07
C ILE C 103 17.60 -4.89 39.23
N ALA C 104 18.86 -4.70 39.59
CA ALA C 104 19.47 -5.48 40.63
C ALA C 104 18.85 -5.16 41.99
N GLN C 105 18.56 -6.22 42.76
CA GLN C 105 17.99 -6.10 44.10
C GLN C 105 16.66 -5.36 44.08
N GLY C 106 15.88 -5.55 43.02
CA GLY C 106 14.61 -4.89 42.90
C GLY C 106 13.42 -5.74 43.30
N GLY C 107 13.54 -7.06 43.17
CA GLY C 107 12.45 -7.93 43.50
C GLY C 107 11.35 -7.92 42.45
N VAL C 108 10.16 -8.37 42.86
CA VAL C 108 9.01 -8.45 41.99
C VAL C 108 7.82 -7.82 42.70
N LEU C 109 6.80 -7.50 41.90
CA LEU C 109 5.57 -6.93 42.45
C LEU C 109 4.75 -8.01 43.13
N PRO C 110 4.21 -7.76 44.31
CA PRO C 110 3.32 -8.74 44.93
C PRO C 110 2.09 -8.99 44.07
N ASN C 111 2.01 -10.19 43.50
CA ASN C 111 0.94 -10.52 42.58
C ASN C 111 0.67 -12.01 42.68
N ILE C 112 -0.56 -12.37 43.03
CA ILE C 112 -0.98 -13.76 43.16
C ILE C 112 -2.18 -13.99 42.26
N GLN C 113 -2.16 -15.10 41.52
CA GLN C 113 -3.27 -15.41 40.63
C GLN C 113 -4.54 -15.66 41.43
N SER C 114 -5.67 -15.26 40.85
CA SER C 114 -6.94 -15.36 41.56
C SER C 114 -7.32 -16.82 41.81
N VAL C 115 -7.07 -17.69 40.83
CA VAL C 115 -7.47 -19.09 40.96
C VAL C 115 -6.72 -19.77 42.09
N LEU C 116 -5.50 -19.30 42.39
CA LEU C 116 -4.71 -19.94 43.43
C LEU C 116 -5.24 -19.62 44.82
N LEU C 117 -5.95 -18.50 44.97
CA LEU C 117 -6.45 -18.09 46.26
C LEU C 117 -7.52 -19.07 46.76
N PRO C 118 -7.67 -19.20 48.08
CA PRO C 118 -8.61 -20.19 48.62
C PRO C 118 -10.06 -19.79 48.35
N LYS C 119 -10.91 -20.80 48.35
CA LYS C 119 -12.34 -20.59 48.16
C LYS C 119 -13.05 -20.48 49.50
N SER D 33 42.92 6.87 38.26
CA SER D 33 42.33 7.98 37.52
C SER D 33 40.96 8.34 38.06
N ARG D 34 40.21 9.14 37.31
CA ARG D 34 38.88 9.57 37.71
C ARG D 34 37.83 8.99 36.77
N LYS D 35 36.71 8.59 37.34
CA LYS D 35 35.60 7.99 36.61
C LYS D 35 34.44 8.98 36.55
N GLU D 36 33.89 9.17 35.35
CA GLU D 36 32.79 10.09 35.15
C GLU D 36 31.45 9.40 35.40
N SER D 37 30.52 10.12 35.99
CA SER D 37 29.19 9.60 36.25
C SER D 37 28.22 10.77 36.37
N TYR D 38 26.94 10.45 36.30
CA TYR D 38 25.88 11.45 36.46
C TYR D 38 25.40 11.54 37.91
N ALA D 39 26.22 11.13 38.87
CA ALA D 39 25.76 11.03 40.24
C ALA D 39 25.36 12.38 40.80
N ILE D 40 26.18 13.41 40.58
CA ILE D 40 25.88 14.72 41.15
C ILE D 40 24.68 15.36 40.45
N TYR D 41 24.50 15.08 39.17
CA TYR D 41 23.38 15.66 38.45
C TYR D 41 22.07 14.98 38.84
N VAL D 42 22.10 13.66 38.98
CA VAL D 42 20.92 12.94 39.45
C VAL D 42 20.55 13.42 40.84
N TYR D 43 21.55 13.67 41.69
CA TYR D 43 21.28 14.15 43.04
C TYR D 43 20.69 15.55 43.01
N LYS D 44 21.15 16.38 42.08
CA LYS D 44 20.57 17.72 41.93
C LYS D 44 19.10 17.64 41.54
N VAL D 45 18.76 16.76 40.61
CA VAL D 45 17.38 16.62 40.17
C VAL D 45 16.51 16.06 41.28
N LEU D 46 17.07 15.17 42.10
CA LEU D 46 16.30 14.60 43.19
C LEU D 46 15.83 15.66 44.17
N LYS D 47 16.70 16.63 44.48
CA LYS D 47 16.35 17.65 45.45
C LYS D 47 15.33 18.64 44.94
N GLN D 48 14.98 18.60 43.66
CA GLN D 48 13.95 19.46 43.12
C GLN D 48 12.56 18.84 43.19
N VAL D 49 12.47 17.51 43.31
CA VAL D 49 11.19 16.84 43.39
C VAL D 49 10.90 16.28 44.77
N HIS D 50 11.94 15.97 45.55
CA HIS D 50 11.79 15.49 46.92
C HIS D 50 12.95 16.05 47.72
N PRO D 51 12.82 17.29 48.21
CA PRO D 51 13.95 17.93 48.91
C PRO D 51 14.41 17.18 50.14
N ASP D 52 13.53 16.38 50.76
CA ASP D 52 13.89 15.66 51.97
C ASP D 52 14.35 14.24 51.71
N THR D 53 13.89 13.63 50.62
CA THR D 53 14.23 12.24 50.32
C THR D 53 15.68 12.12 49.90
N GLY D 54 16.35 11.06 50.35
CA GLY D 54 17.70 10.76 49.98
C GLY D 54 17.81 9.61 49.00
N ILE D 55 19.04 9.24 48.70
CA ILE D 55 19.35 8.21 47.71
C ILE D 55 20.47 7.35 48.27
N SER D 56 20.39 6.04 48.06
CA SER D 56 21.43 5.14 48.51
C SER D 56 22.43 4.89 47.39
N SER D 57 23.57 4.31 47.77
CA SER D 57 24.65 4.12 46.80
C SER D 57 24.25 3.17 45.68
N LYS D 58 23.62 2.05 46.02
CA LYS D 58 23.23 1.10 44.99
C LYS D 58 22.14 1.66 44.09
N ALA D 59 21.25 2.49 44.64
CA ALA D 59 20.20 3.09 43.82
C ALA D 59 20.78 4.12 42.86
N MET D 60 21.77 4.89 43.30
CA MET D 60 22.43 5.82 42.39
C MET D 60 23.12 5.10 41.25
N SER D 61 23.72 3.94 41.54
CA SER D 61 24.36 3.16 40.49
C SER D 61 23.36 2.71 39.44
N ILE D 62 22.14 2.37 39.85
CA ILE D 62 21.10 2.02 38.90
C ILE D 62 20.70 3.24 38.07
N MET D 63 20.53 4.38 38.72
CA MET D 63 20.19 5.60 38.00
C MET D 63 21.29 6.01 37.04
N ASN D 64 22.54 5.77 37.42
CA ASN D 64 23.65 6.04 36.50
C ASN D 64 23.56 5.13 35.28
N SER D 65 23.22 3.86 35.49
CA SER D 65 23.04 2.94 34.37
C SER D 65 21.83 3.30 33.52
N PHE D 66 20.77 3.81 34.14
CA PHE D 66 19.58 4.18 33.39
C PHE D 66 19.87 5.31 32.41
N VAL D 67 20.60 6.32 32.86
CA VAL D 67 20.92 7.47 32.00
C VAL D 67 21.84 7.04 30.86
N ASN D 68 22.85 6.23 31.17
CA ASN D 68 23.77 5.77 30.14
C ASN D 68 23.05 4.93 29.09
N ASP D 69 22.15 4.06 29.53
CA ASP D 69 21.42 3.22 28.60
C ASP D 69 20.56 4.06 27.66
N VAL D 70 19.77 4.97 28.23
CA VAL D 70 18.84 5.76 27.43
C VAL D 70 19.58 6.69 26.49
N PHE D 71 20.69 7.25 26.94
CA PHE D 71 21.50 8.12 26.09
C PHE D 71 21.90 7.39 24.81
N GLU D 72 22.36 6.15 24.94
CA GLU D 72 22.79 5.38 23.78
C GLU D 72 21.63 4.87 22.96
N ARG D 73 20.44 4.73 23.53
CA ARG D 73 19.26 4.42 22.75
C ARG D 73 18.88 5.59 21.84
N ILE D 74 18.90 6.81 22.39
CA ILE D 74 18.60 7.99 21.58
C ILE D 74 19.68 8.19 20.52
N ALA D 75 20.95 8.20 20.94
CA ALA D 75 22.02 8.55 20.04
C ALA D 75 22.17 7.54 18.91
N GLY D 76 21.99 6.26 19.22
CA GLY D 76 22.07 5.25 18.17
C GLY D 76 20.99 5.40 17.13
N GLU D 77 19.76 5.68 17.55
CA GLU D 77 18.67 5.83 16.60
C GLU D 77 18.83 7.11 15.80
N ALA D 78 19.28 8.19 16.43
CA ALA D 78 19.55 9.41 15.70
C ALA D 78 20.71 9.23 14.73
N SER D 79 21.64 8.34 15.05
CA SER D 79 22.77 8.11 14.18
C SER D 79 22.32 7.53 12.84
N ARG D 80 21.43 6.53 12.88
CA ARG D 80 20.99 5.93 11.63
C ARG D 80 19.87 6.70 10.97
N LEU D 81 19.22 7.63 11.68
CA LEU D 81 18.30 8.55 11.02
C LEU D 81 19.04 9.42 10.02
N ALA D 82 20.20 9.93 10.41
CA ALA D 82 21.01 10.72 9.50
C ALA D 82 21.53 9.87 8.34
N HIS D 83 21.91 8.63 8.64
CA HIS D 83 22.42 7.75 7.58
C HIS D 83 21.35 7.43 6.55
N TYR D 84 20.11 7.21 6.99
CA TYR D 84 19.04 6.91 6.05
C TYR D 84 18.78 8.07 5.11
N ASN D 85 18.98 9.30 5.58
CA ASN D 85 18.72 10.50 4.81
C ASN D 85 19.98 11.10 4.22
N LYS D 86 21.10 10.36 4.25
CA LYS D 86 22.36 10.78 3.64
C LYS D 86 22.91 12.07 4.25
N ARG D 87 22.45 12.44 5.43
CA ARG D 87 23.02 13.57 6.12
C ARG D 87 24.31 13.16 6.83
N SER D 88 25.10 14.15 7.22
CA SER D 88 26.33 13.89 7.95
C SER D 88 26.36 14.64 9.27
N THR D 89 25.24 15.21 9.69
CA THR D 89 25.12 15.93 10.94
C THR D 89 23.90 15.42 11.67
N ILE D 90 24.02 15.19 12.97
CA ILE D 90 22.86 14.97 13.82
C ILE D 90 22.51 16.30 14.47
N THR D 91 21.25 16.69 14.35
CA THR D 91 20.77 17.97 14.83
C THR D 91 19.70 17.73 15.89
N SER D 92 19.16 18.83 16.42
CA SER D 92 18.06 18.69 17.35
C SER D 92 16.83 18.09 16.68
N ARG D 93 16.74 18.19 15.35
CA ARG D 93 15.67 17.51 14.63
C ARG D 93 15.84 16.00 14.67
N GLU D 94 17.07 15.52 14.49
CA GLU D 94 17.30 14.08 14.55
C GLU D 94 17.06 13.55 15.95
N ILE D 95 17.46 14.30 16.97
CA ILE D 95 17.23 13.89 18.36
C ILE D 95 15.73 13.79 18.63
N GLN D 96 14.96 14.76 18.16
CA GLN D 96 13.53 14.77 18.44
C GLN D 96 12.82 13.58 17.78
N THR D 97 13.16 13.28 16.54
CA THR D 97 12.55 12.13 15.88
C THR D 97 12.92 10.82 16.57
N ALA D 98 14.17 10.70 17.03
CA ALA D 98 14.57 9.51 17.76
C ALA D 98 13.78 9.35 19.05
N VAL D 99 13.54 10.46 19.74
CA VAL D 99 12.73 10.41 20.96
C VAL D 99 11.32 9.94 20.64
N ARG D 100 10.75 10.41 19.54
CA ARG D 100 9.41 9.99 19.15
C ARG D 100 9.35 8.51 18.83
N LEU D 101 10.45 7.94 18.33
CA LEU D 101 10.46 6.52 17.98
C LEU D 101 10.55 5.64 19.21
N LEU D 102 11.33 6.05 20.21
CA LEU D 102 11.64 5.18 21.34
C LEU D 102 10.66 5.32 22.51
N LEU D 103 10.45 6.53 23.01
CA LEU D 103 9.60 6.68 24.18
C LEU D 103 8.16 6.31 23.85
N PRO D 104 7.46 5.68 24.78
CA PRO D 104 6.11 5.18 24.47
C PRO D 104 5.03 6.23 24.62
N GLY D 105 4.32 6.49 23.53
CA GLY D 105 3.11 7.28 23.55
C GLY D 105 3.16 8.60 24.28
N GLU D 106 2.41 8.69 25.39
CA GLU D 106 2.24 9.95 26.09
C GLU D 106 3.51 10.39 26.79
N LEU D 107 4.41 9.45 27.09
CA LEU D 107 5.69 9.82 27.67
C LEU D 107 6.55 10.58 26.66
N ALA D 108 6.41 10.30 25.37
CA ALA D 108 7.19 10.99 24.35
C ALA D 108 6.74 12.44 24.18
N LYS D 109 5.45 12.72 24.35
CA LYS D 109 4.94 14.06 24.15
C LYS D 109 5.57 15.04 25.14
N HIS D 110 5.74 14.63 26.39
CA HIS D 110 6.30 15.53 27.38
C HIS D 110 7.80 15.70 27.18
N ALA D 111 8.48 14.65 26.75
CA ALA D 111 9.91 14.77 26.47
C ALA D 111 10.17 15.70 25.29
N VAL D 112 9.32 15.63 24.27
CA VAL D 112 9.49 16.52 23.12
C VAL D 112 9.33 17.98 23.55
N SER D 113 8.30 18.26 24.34
CA SER D 113 8.08 19.64 24.77
C SER D 113 9.18 20.10 25.71
N GLU D 114 9.70 19.21 26.54
CA GLU D 114 10.81 19.57 27.42
C GLU D 114 12.04 19.94 26.63
N GLY D 115 12.35 19.18 25.59
CA GLY D 115 13.51 19.46 24.76
C GLY D 115 13.40 20.70 23.92
N THR D 116 12.22 20.95 23.33
CA THR D 116 12.03 22.13 22.50
C THR D 116 12.13 23.41 23.33
N LYS D 117 11.60 23.39 24.56
CA LYS D 117 11.69 24.57 25.40
C LYS D 117 13.14 24.86 25.77
N ALA D 118 13.94 23.81 26.02
CA ALA D 118 15.33 24.03 26.37
C ALA D 118 16.12 24.64 25.22
N VAL D 119 15.94 24.10 24.01
CA VAL D 119 16.65 24.64 22.86
C VAL D 119 16.14 26.04 22.51
N THR D 120 14.87 26.34 22.85
CA THR D 120 14.36 27.68 22.62
C THR D 120 14.98 28.68 23.58
N LYS D 121 15.02 28.35 24.86
CA LYS D 121 15.64 29.24 25.84
C LYS D 121 17.13 29.37 25.60
N TYR D 122 17.77 28.31 25.12
CA TYR D 122 19.21 28.35 24.86
C TYR D 122 19.54 29.28 23.69
N THR D 123 18.72 29.23 22.64
CA THR D 123 19.00 30.03 21.46
C THR D 123 18.75 31.51 21.70
N SER D 124 17.64 31.83 22.38
CA SER D 124 17.29 33.23 22.59
C SER D 124 18.34 33.95 23.42
N ALA D 125 18.81 33.32 24.48
CA ALA D 125 19.82 33.91 25.36
C ALA D 125 20.87 32.89 25.74
N ARG E 41 -1.78 -28.49 63.02
CA ARG E 41 -1.23 -28.43 61.67
C ARG E 41 -1.94 -27.38 60.83
N TYR E 42 -1.50 -27.22 59.60
CA TYR E 42 -2.12 -26.32 58.64
C TYR E 42 -2.59 -27.11 57.43
N ARG E 43 -3.74 -26.73 56.90
CA ARG E 43 -4.26 -27.40 55.71
C ARG E 43 -3.28 -27.19 54.55
N PRO E 44 -3.00 -28.23 53.76
CA PRO E 44 -2.01 -28.08 52.68
C PRO E 44 -2.39 -26.97 51.72
N GLY E 45 -1.40 -26.14 51.41
CA GLY E 45 -1.56 -25.00 50.52
C GLY E 45 -1.56 -23.66 51.22
N THR E 46 -1.94 -23.63 52.50
CA THR E 46 -1.97 -22.36 53.21
C THR E 46 -0.57 -21.88 53.58
N VAL E 47 0.36 -22.80 53.81
CA VAL E 47 1.75 -22.40 54.01
C VAL E 47 2.36 -21.94 52.70
N ALA E 48 1.95 -22.53 51.58
CA ALA E 48 2.48 -22.13 50.29
C ALA E 48 2.15 -20.67 49.99
N LEU E 49 0.89 -20.27 50.22
CA LEU E 49 0.54 -18.87 50.05
C LEU E 49 1.34 -17.98 50.98
N ARG E 50 1.56 -18.43 52.22
CA ARG E 50 2.36 -17.67 53.16
C ARG E 50 3.80 -17.52 52.69
N GLU E 51 4.35 -18.56 52.06
CA GLU E 51 5.68 -18.43 51.46
C GLU E 51 5.65 -17.51 50.24
N ILE E 52 4.59 -17.59 49.42
CA ILE E 52 4.49 -16.74 48.24
C ILE E 52 4.43 -15.29 48.65
N ARG E 53 3.59 -14.99 49.64
CA ARG E 53 3.47 -13.61 50.13
C ARG E 53 4.78 -13.12 50.72
N ARG E 54 5.60 -14.01 51.28
CA ARG E 54 6.84 -13.59 51.91
C ARG E 54 7.92 -13.28 50.89
N TYR E 55 8.15 -14.18 49.93
CA TYR E 55 9.28 -14.03 49.03
C TYR E 55 9.06 -12.94 48.00
N GLN E 56 7.79 -12.63 47.69
CA GLN E 56 7.51 -11.53 46.78
C GLN E 56 7.69 -10.17 47.44
N LYS E 57 7.90 -10.11 48.75
CA LYS E 57 8.18 -8.85 49.41
C LYS E 57 9.68 -8.59 49.61
N SER E 58 10.49 -9.63 49.68
CA SER E 58 11.92 -9.46 49.88
C SER E 58 12.63 -9.34 48.53
N THR E 59 13.94 -9.04 48.60
CA THR E 59 14.73 -8.84 47.39
C THR E 59 16.08 -9.54 47.40
N GLU E 60 16.44 -10.25 48.46
CA GLU E 60 17.75 -10.88 48.49
C GLU E 60 17.81 -12.05 47.51
N LEU E 61 19.02 -12.51 47.25
CA LEU E 61 19.22 -13.65 46.39
C LEU E 61 18.69 -14.91 47.04
N LEU E 62 18.09 -15.78 46.24
CA LEU E 62 17.43 -16.97 46.77
C LEU E 62 18.29 -18.21 46.67
N ILE E 63 19.55 -18.06 46.28
CA ILE E 63 20.47 -19.16 46.09
C ILE E 63 21.71 -18.92 46.94
N ARG E 64 22.23 -19.97 47.55
CA ARG E 64 23.47 -19.87 48.30
C ARG E 64 24.60 -19.48 47.36
N LYS E 65 25.47 -18.58 47.82
CA LYS E 65 26.46 -17.97 46.94
C LYS E 65 27.58 -18.94 46.58
N LEU E 66 28.15 -19.62 47.57
CA LEU E 66 29.23 -20.55 47.27
C LEU E 66 28.84 -21.65 46.29
N PRO E 67 27.69 -22.33 46.44
CA PRO E 67 27.30 -23.31 45.41
C PRO E 67 27.17 -22.70 44.02
N PHE E 68 26.66 -21.48 43.93
CA PHE E 68 26.52 -20.82 42.63
C PHE E 68 27.87 -20.46 42.05
N GLN E 69 28.79 -19.96 42.88
CA GLN E 69 30.08 -19.54 42.37
C GLN E 69 30.88 -20.71 41.84
N ARG E 70 30.81 -21.86 42.53
CA ARG E 70 31.46 -23.06 42.02
C ARG E 70 30.89 -23.50 40.70
N LEU E 71 29.57 -23.36 40.52
CA LEU E 71 28.94 -23.72 39.25
C LEU E 71 29.43 -22.82 38.13
N VAL E 72 29.60 -21.53 38.40
CA VAL E 72 30.05 -20.61 37.36
C VAL E 72 31.45 -20.97 36.89
N ARG E 73 32.35 -21.24 37.83
CA ARG E 73 33.73 -21.56 37.46
C ARG E 73 33.83 -22.89 36.72
N GLU E 74 32.96 -23.84 37.04
CA GLU E 74 32.97 -25.10 36.31
C GLU E 74 32.63 -24.90 34.85
N ILE E 75 31.64 -24.06 34.56
CA ILE E 75 31.21 -23.83 33.19
C ILE E 75 32.31 -23.11 32.42
N ALA E 76 32.99 -22.17 33.07
CA ALA E 76 34.01 -21.39 32.38
C ALA E 76 35.22 -22.22 31.97
N GLN E 77 35.50 -23.31 32.68
CA GLN E 77 36.63 -24.15 32.32
C GLN E 77 36.49 -24.75 30.92
N ASP E 78 35.25 -25.05 30.52
CA ASP E 78 35.04 -25.61 29.19
C ASP E 78 35.47 -24.64 28.10
N PHE E 79 35.44 -23.35 28.38
CA PHE E 79 35.75 -22.34 27.38
C PHE E 79 37.23 -21.94 27.42
N LYS E 80 37.70 -21.48 28.57
CA LYS E 80 39.11 -21.19 28.76
C LYS E 80 39.53 -21.61 30.15
N THR E 81 40.75 -22.11 30.28
CA THR E 81 41.27 -22.56 31.56
C THR E 81 42.06 -21.45 32.24
N ASP E 82 42.17 -21.57 33.56
CA ASP E 82 42.86 -20.59 34.39
C ASP E 82 42.27 -19.20 34.19
N LEU E 83 40.96 -19.11 34.35
CA LEU E 83 40.29 -17.83 34.41
C LEU E 83 40.20 -17.33 35.84
N ARG E 84 39.58 -16.17 36.00
CA ARG E 84 39.59 -15.48 37.27
C ARG E 84 38.42 -14.51 37.23
N PHE E 85 37.66 -14.43 38.32
CA PHE E 85 36.42 -13.67 38.32
C PHE E 85 36.50 -12.55 39.34
N GLN E 86 36.05 -11.37 38.95
CA GLN E 86 35.77 -10.34 39.93
C GLN E 86 34.61 -10.77 40.81
N SER E 87 34.57 -10.24 42.03
CA SER E 87 33.45 -10.56 42.91
C SER E 87 32.14 -10.10 42.31
N SER E 88 32.12 -8.91 41.71
CA SER E 88 30.92 -8.40 41.09
C SER E 88 30.57 -9.14 39.80
N ALA E 89 31.53 -9.81 39.18
CA ALA E 89 31.21 -10.60 38.00
C ALA E 89 30.29 -11.76 38.36
N VAL E 90 30.58 -12.45 39.47
CA VAL E 90 29.74 -13.55 39.89
C VAL E 90 28.40 -13.04 40.41
N MET E 91 28.42 -11.92 41.14
CA MET E 91 27.17 -11.33 41.62
C MET E 91 26.29 -10.89 40.46
N ALA E 92 26.90 -10.34 39.40
CA ALA E 92 26.12 -9.97 38.23
C ALA E 92 25.47 -11.18 37.59
N LEU E 93 26.21 -12.29 37.51
CA LEU E 93 25.65 -13.50 36.91
C LEU E 93 24.51 -14.06 37.75
N GLN E 94 24.62 -13.97 39.07
CA GLN E 94 23.56 -14.48 39.93
C GLN E 94 22.31 -13.64 39.82
N GLU E 95 22.46 -12.31 39.80
CA GLU E 95 21.30 -11.44 39.68
C GLU E 95 20.57 -11.68 38.36
N ALA E 96 21.32 -11.83 37.27
CA ALA E 96 20.71 -12.10 35.98
C ALA E 96 20.04 -13.47 35.96
N SER E 97 20.68 -14.48 36.54
CA SER E 97 20.17 -15.83 36.44
C SER E 97 18.88 -16.01 37.25
N GLU E 98 18.84 -15.47 38.46
CA GLU E 98 17.61 -15.58 39.24
C GLU E 98 16.49 -14.70 38.72
N ALA E 99 16.79 -13.61 38.04
CA ALA E 99 15.72 -12.87 37.39
C ALA E 99 15.18 -13.64 36.20
N TYR E 100 16.04 -14.37 35.50
CA TYR E 100 15.59 -15.21 34.41
C TYR E 100 14.69 -16.32 34.90
N LEU E 101 15.03 -16.96 36.01
CA LEU E 101 14.27 -18.11 36.47
C LEU E 101 12.94 -17.68 37.07
N VAL E 102 12.92 -16.60 37.84
CA VAL E 102 11.67 -16.13 38.43
C VAL E 102 10.69 -15.72 37.33
N ALA E 103 11.18 -15.02 36.31
CA ALA E 103 10.32 -14.64 35.20
C ALA E 103 9.85 -15.86 34.42
N LEU E 104 10.68 -16.89 34.33
CA LEU E 104 10.25 -18.12 33.69
C LEU E 104 9.17 -18.83 34.48
N PHE E 105 9.29 -18.82 35.81
CA PHE E 105 8.28 -19.48 36.63
C PHE E 105 6.94 -18.77 36.57
N GLU E 106 6.95 -17.45 36.33
CA GLU E 106 5.70 -16.74 36.11
C GLU E 106 5.01 -17.19 34.83
N ASP E 107 5.79 -17.45 33.78
CA ASP E 107 5.23 -17.89 32.52
C ASP E 107 4.74 -19.33 32.59
N THR E 108 5.54 -20.23 33.19
CA THR E 108 5.11 -21.61 33.29
C THR E 108 3.92 -21.78 34.22
N ASN E 109 3.69 -20.83 35.12
CA ASN E 109 2.53 -20.89 35.99
C ASN E 109 1.25 -20.62 35.22
N LEU E 110 1.29 -19.70 34.27
CA LEU E 110 0.11 -19.41 33.45
C LEU E 110 -0.26 -20.60 32.56
N CYS E 111 0.75 -21.29 32.01
CA CYS E 111 0.49 -22.49 31.23
C CYS E 111 -0.15 -23.57 32.08
N ALA E 112 0.27 -23.68 33.33
CA ALA E 112 -0.36 -24.64 34.24
C ALA E 112 -1.81 -24.31 34.49
N ILE E 113 -2.10 -23.03 34.71
CA ILE E 113 -3.49 -22.60 34.91
C ILE E 113 -4.29 -22.81 33.63
N HIS E 114 -3.67 -22.57 32.48
CA HIS E 114 -4.38 -22.68 31.21
C HIS E 114 -4.90 -24.10 30.99
N ALA E 115 -4.21 -25.09 31.53
CA ALA E 115 -4.64 -26.48 31.45
C ALA E 115 -5.47 -26.90 32.64
N LYS E 116 -5.95 -25.95 33.44
CA LYS E 116 -6.77 -26.22 34.63
C LYS E 116 -6.00 -27.09 35.64
N ARG E 117 -4.83 -26.61 36.02
CA ARG E 117 -4.03 -27.24 37.06
C ARG E 117 -3.50 -26.16 37.98
N VAL E 118 -2.94 -26.59 39.11
CA VAL E 118 -2.29 -25.67 40.03
C VAL E 118 -0.86 -26.14 40.24
N THR E 119 -0.58 -27.36 39.82
CA THR E 119 0.75 -27.93 39.87
C THR E 119 1.45 -27.73 38.54
N ILE E 120 2.69 -27.22 38.59
CA ILE E 120 3.45 -26.97 37.38
C ILE E 120 4.24 -28.22 37.02
N MET E 121 4.09 -28.66 35.79
CA MET E 121 4.74 -29.85 35.27
C MET E 121 5.93 -29.46 34.42
N PRO E 122 6.83 -30.41 34.13
CA PRO E 122 7.89 -30.11 33.16
C PRO E 122 7.37 -29.73 31.79
N LYS E 123 6.23 -30.28 31.37
CA LYS E 123 5.65 -29.90 30.08
C LYS E 123 5.25 -28.44 30.05
N ASP E 124 5.03 -27.83 31.20
CA ASP E 124 4.68 -26.41 31.27
C ASP E 124 5.89 -25.52 31.06
N ILE E 125 7.07 -25.95 31.51
CA ILE E 125 8.28 -25.19 31.24
C ILE E 125 8.60 -25.22 29.75
N GLN E 126 8.44 -26.37 29.12
CA GLN E 126 8.76 -26.51 27.71
C GLN E 126 7.85 -25.65 26.84
N LEU E 127 6.56 -25.59 27.17
CA LEU E 127 5.66 -24.75 26.39
C LEU E 127 6.04 -23.28 26.51
N ALA E 128 6.39 -22.84 27.71
CA ALA E 128 6.77 -21.44 27.89
C ALA E 128 8.01 -21.09 27.08
N ARG E 129 8.99 -21.98 27.05
CA ARG E 129 10.20 -21.71 26.28
C ARG E 129 9.96 -21.81 24.78
N ARG E 130 8.97 -22.59 24.35
CA ARG E 130 8.65 -22.67 22.94
C ARG E 130 8.05 -21.36 22.44
N ILE E 131 7.07 -20.81 23.16
CA ILE E 131 6.45 -19.55 22.75
C ILE E 131 7.46 -18.41 22.78
N ARG E 132 8.33 -18.37 23.78
CA ARG E 132 9.34 -17.31 23.84
C ARG E 132 10.28 -17.39 22.65
N GLY E 133 10.59 -18.59 22.18
CA GLY E 133 11.50 -18.73 21.07
C GLY E 133 12.88 -19.19 21.50
N GLU E 134 12.92 -19.95 22.59
CA GLU E 134 14.16 -20.51 23.10
C GLU E 134 14.35 -21.96 22.70
N ARG E 135 13.40 -22.55 21.98
CA ARG E 135 13.51 -23.93 21.53
C ARG E 135 13.58 -24.01 20.01
N ARG F 18 47.97 -25.71 44.43
CA ARG F 18 48.97 -25.71 43.36
C ARG F 18 48.37 -26.24 42.05
N HIS F 19 48.00 -27.52 42.05
CA HIS F 19 47.37 -28.14 40.91
C HIS F 19 45.85 -27.91 40.97
N ARG F 20 45.31 -27.30 39.93
CA ARG F 20 43.87 -27.05 39.90
C ARG F 20 43.10 -28.36 39.75
N LYS F 21 42.07 -28.51 40.55
CA LYS F 21 41.20 -29.68 40.50
C LYS F 21 39.98 -29.34 39.66
N VAL F 22 39.68 -30.20 38.68
CA VAL F 22 38.56 -29.97 37.76
C VAL F 22 37.27 -30.14 38.54
N LEU F 23 36.49 -29.06 38.65
CA LEU F 23 35.21 -29.14 39.34
C LEU F 23 34.24 -30.04 38.58
N ARG F 24 33.39 -30.73 39.33
CA ARG F 24 32.48 -31.69 38.73
C ARG F 24 31.17 -31.73 39.51
N ASP F 25 30.07 -31.84 38.78
CA ASP F 25 28.72 -32.00 39.35
C ASP F 25 28.41 -30.92 40.38
N ASN F 26 28.63 -29.66 39.99
CA ASN F 26 28.28 -28.55 40.85
C ASN F 26 26.87 -28.04 40.59
N ILE F 27 26.19 -28.57 39.58
CA ILE F 27 24.82 -28.16 39.30
C ILE F 27 23.90 -28.63 40.42
N GLN F 28 24.26 -29.72 41.10
CA GLN F 28 23.47 -30.21 42.21
C GLN F 28 23.54 -29.29 43.43
N GLY F 29 24.44 -28.32 43.42
CA GLY F 29 24.42 -27.29 44.44
C GLY F 29 23.21 -26.38 44.37
N ILE F 30 22.49 -26.42 43.25
CA ILE F 30 21.22 -25.70 43.13
C ILE F 30 20.15 -26.59 43.73
N THR F 31 19.96 -26.46 45.04
CA THR F 31 19.23 -27.47 45.79
C THR F 31 17.74 -27.36 45.54
N LYS F 32 17.03 -28.42 45.92
CA LYS F 32 15.58 -28.45 45.83
C LYS F 32 14.90 -27.30 46.58
N PRO F 33 15.28 -26.98 47.83
CA PRO F 33 14.67 -25.80 48.46
C PRO F 33 14.95 -24.50 47.73
N ALA F 34 16.12 -24.36 47.11
CA ALA F 34 16.44 -23.13 46.40
C ALA F 34 15.53 -22.94 45.19
N ILE F 35 15.25 -24.02 44.47
CA ILE F 35 14.35 -23.93 43.33
C ILE F 35 12.92 -23.64 43.78
N ARG F 36 12.52 -24.21 44.91
CA ARG F 36 11.19 -23.92 45.44
C ARG F 36 11.04 -22.46 45.82
N ARG F 37 12.08 -21.86 46.42
CA ARG F 37 12.03 -20.45 46.77
C ARG F 37 11.89 -19.59 45.53
N LEU F 38 12.61 -19.93 44.46
CA LEU F 38 12.47 -19.20 43.20
C LEU F 38 11.07 -19.34 42.65
N ALA F 39 10.49 -20.54 42.76
CA ALA F 39 9.13 -20.75 42.29
C ALA F 39 8.12 -19.94 43.09
N ARG F 40 8.34 -19.83 44.40
CA ARG F 40 7.43 -19.05 45.24
C ARG F 40 7.42 -17.59 44.84
N ARG F 41 8.60 -17.02 44.58
CA ARG F 41 8.66 -15.63 44.15
C ARG F 41 7.94 -15.43 42.81
N GLY F 42 7.89 -16.46 41.99
CA GLY F 42 7.13 -16.42 40.77
C GLY F 42 5.65 -16.68 40.92
N GLY F 43 5.18 -16.90 42.14
CA GLY F 43 3.77 -17.11 42.38
C GLY F 43 3.30 -18.54 42.23
N VAL F 44 4.21 -19.50 42.09
CA VAL F 44 3.83 -20.89 41.91
C VAL F 44 3.37 -21.45 43.25
N LYS F 45 2.19 -22.07 43.25
CA LYS F 45 1.60 -22.58 44.47
C LYS F 45 1.99 -24.03 44.76
N ARG F 46 2.21 -24.84 43.74
CA ARG F 46 2.44 -26.27 43.96
C ARG F 46 3.32 -26.79 42.84
N ILE F 47 4.39 -27.49 43.20
CA ILE F 47 5.45 -27.86 42.28
C ILE F 47 5.47 -29.37 42.12
N SER F 48 5.61 -29.84 40.89
CA SER F 48 5.77 -31.25 40.64
C SER F 48 7.15 -31.72 41.12
N GLY F 49 7.42 -33.00 40.94
CA GLY F 49 8.68 -33.54 41.41
C GLY F 49 9.76 -33.55 40.36
N LEU F 50 9.35 -33.57 39.10
CA LEU F 50 10.29 -33.57 37.98
C LEU F 50 10.70 -32.17 37.57
N ILE F 51 10.19 -31.15 38.26
CA ILE F 51 10.55 -29.78 37.93
C ILE F 51 12.02 -29.52 38.21
N TYR F 52 12.55 -30.10 39.28
CA TYR F 52 13.88 -29.72 39.76
C TYR F 52 14.97 -30.06 38.76
N GLU F 53 14.94 -31.26 38.18
CA GLU F 53 15.90 -31.58 37.13
C GLU F 53 15.67 -30.78 35.87
N GLU F 54 14.41 -30.46 35.56
CA GLU F 54 14.14 -29.62 34.40
C GLU F 54 14.70 -28.23 34.59
N THR F 55 14.60 -27.68 35.80
CA THR F 55 15.11 -26.34 36.06
C THR F 55 16.64 -26.29 35.99
N ARG F 56 17.30 -27.31 36.54
CA ARG F 56 18.76 -27.35 36.50
C ARG F 56 19.27 -27.39 35.07
N GLY F 57 18.56 -28.05 34.17
CA GLY F 57 18.92 -28.01 32.77
C GLY F 57 18.71 -26.64 32.15
N VAL F 58 17.63 -25.96 32.53
CA VAL F 58 17.35 -24.64 31.97
C VAL F 58 18.37 -23.62 32.46
N LEU F 59 18.70 -23.66 33.75
CA LEU F 59 19.71 -22.76 34.27
C LEU F 59 21.05 -23.00 33.62
N LYS F 60 21.43 -24.27 33.42
CA LYS F 60 22.73 -24.57 32.84
C LYS F 60 22.82 -24.06 31.41
N VAL F 61 21.77 -24.26 30.62
CA VAL F 61 21.78 -23.80 29.24
C VAL F 61 21.86 -22.28 29.19
N PHE F 62 21.05 -21.61 30.00
CA PHE F 62 21.08 -20.15 30.03
C PHE F 62 22.45 -19.65 30.47
N LEU F 63 23.00 -20.26 31.50
CA LEU F 63 24.21 -19.74 32.11
C LEU F 63 25.45 -20.03 31.27
N GLU F 64 25.40 -21.03 30.40
CA GLU F 64 26.50 -21.26 29.48
C GLU F 64 26.55 -20.19 28.39
N ASN F 65 25.39 -19.73 27.93
CA ASN F 65 25.36 -18.74 26.87
C ASN F 65 25.98 -17.43 27.33
N VAL F 66 25.71 -17.01 28.55
CA VAL F 66 26.27 -15.77 29.05
C VAL F 66 27.76 -15.91 29.32
N ILE F 67 28.18 -17.04 29.89
CA ILE F 67 29.61 -17.25 30.14
C ILE F 67 30.38 -17.28 28.83
N ARG F 68 29.80 -17.87 27.79
CA ARG F 68 30.51 -17.96 26.51
C ARG F 68 30.86 -16.58 25.97
N ASP F 69 29.89 -15.66 25.99
CA ASP F 69 30.15 -14.33 25.48
C ASP F 69 31.06 -13.54 26.41
N ALA F 70 30.89 -13.70 27.72
CA ALA F 70 31.72 -12.97 28.66
C ALA F 70 33.19 -13.35 28.50
N VAL F 71 33.47 -14.63 28.30
CA VAL F 71 34.84 -15.06 28.07
C VAL F 71 35.34 -14.59 26.72
N THR F 72 34.47 -14.55 25.72
CA THR F 72 34.87 -14.01 24.41
C THR F 72 35.25 -12.55 24.53
N TYR F 73 34.50 -11.76 25.29
CA TYR F 73 34.88 -10.38 25.53
C TYR F 73 36.19 -10.31 26.31
N THR F 74 36.38 -11.24 27.24
CA THR F 74 37.56 -11.21 28.10
C THR F 74 38.83 -11.53 27.33
N GLU F 75 38.80 -12.58 26.51
CA GLU F 75 40.01 -12.96 25.78
C GLU F 75 40.32 -11.97 24.67
N HIS F 76 39.30 -11.29 24.13
CA HIS F 76 39.57 -10.28 23.11
C HIS F 76 40.40 -9.14 23.68
N ALA F 77 40.13 -8.75 24.91
CA ALA F 77 40.91 -7.72 25.58
C ALA F 77 42.24 -8.24 26.09
N LYS F 78 42.54 -9.51 25.86
CA LYS F 78 43.80 -10.12 26.29
C LYS F 78 43.97 -10.03 27.81
N ARG F 79 42.89 -10.30 28.53
CA ARG F 79 42.91 -10.35 29.98
C ARG F 79 42.75 -11.79 30.45
N LYS F 80 43.07 -12.02 31.72
CA LYS F 80 42.88 -13.32 32.33
C LYS F 80 41.77 -13.33 33.38
N THR F 81 41.18 -12.18 33.66
CA THR F 81 40.08 -12.09 34.62
C THR F 81 38.80 -11.67 33.91
N VAL F 82 37.67 -12.11 34.45
CA VAL F 82 36.37 -11.76 33.90
C VAL F 82 35.76 -10.67 34.78
N THR F 83 35.51 -9.52 34.18
CA THR F 83 35.02 -8.37 34.93
C THR F 83 33.50 -8.29 34.86
N ALA F 84 32.94 -7.33 35.60
CA ALA F 84 31.50 -7.13 35.57
C ALA F 84 31.03 -6.54 34.25
N MET F 85 31.87 -5.72 33.60
CA MET F 85 31.54 -5.23 32.27
C MET F 85 31.41 -6.37 31.27
N ASP F 86 32.27 -7.37 31.38
CA ASP F 86 32.17 -8.52 30.50
C ASP F 86 30.80 -9.18 30.63
N VAL F 87 30.31 -9.33 31.85
CA VAL F 87 28.99 -9.94 32.06
C VAL F 87 27.89 -9.01 31.58
N VAL F 88 28.00 -7.72 31.89
CA VAL F 88 26.96 -6.78 31.48
C VAL F 88 26.88 -6.68 29.98
N TYR F 89 28.03 -6.66 29.30
CA TYR F 89 28.04 -6.65 27.84
C TYR F 89 27.54 -7.96 27.26
N ALA F 90 27.88 -9.09 27.89
CA ALA F 90 27.36 -10.37 27.43
C ALA F 90 25.84 -10.40 27.54
N LEU F 91 25.30 -9.92 28.66
CA LEU F 91 23.85 -9.93 28.85
C LEU F 91 23.15 -9.04 27.86
N LYS F 92 23.73 -7.87 27.57
CA LYS F 92 23.05 -6.91 26.71
C LYS F 92 22.86 -7.46 25.30
N ARG F 93 23.74 -8.35 24.86
CA ARG F 93 23.52 -8.98 23.56
C ARG F 93 22.37 -9.97 23.59
N GLN F 94 22.28 -10.78 24.65
CA GLN F 94 21.15 -11.69 24.80
C GLN F 94 19.81 -10.97 24.84
N GLY F 95 19.80 -9.65 24.85
CA GLY F 95 18.57 -8.91 24.87
C GLY F 95 18.03 -8.64 26.25
N ARG F 96 18.88 -8.68 27.27
CA ARG F 96 18.43 -8.56 28.66
C ARG F 96 19.43 -7.69 29.44
N THR F 97 19.18 -6.39 29.42
CA THR F 97 20.06 -5.42 30.06
C THR F 97 19.96 -5.52 31.58
N LEU F 98 21.09 -5.29 32.25
CA LEU F 98 21.17 -5.36 33.70
C LEU F 98 21.64 -4.02 34.25
N TYR F 99 20.92 -3.49 35.22
CA TYR F 99 21.26 -2.22 35.84
C TYR F 99 21.86 -2.46 37.22
N GLY F 100 22.85 -1.67 37.58
CA GLY F 100 23.40 -1.68 38.92
C GLY F 100 24.82 -2.20 39.06
N PHE F 101 25.53 -2.41 37.96
CA PHE F 101 26.92 -2.89 38.01
C PHE F 101 27.85 -2.07 37.12
N GLY F 102 27.42 -0.87 36.71
CA GLY F 102 28.25 -0.05 35.85
C GLY F 102 27.82 -0.15 34.41
N GLY F 103 27.99 0.93 33.65
CA GLY F 103 27.61 0.94 32.25
C GLY F 103 26.11 1.00 32.03
N ALA G 13 53.02 -0.47 -12.16
CA ALA G 13 51.83 0.39 -12.14
C ALA G 13 50.62 -0.36 -12.67
N LYS G 14 50.77 -1.67 -12.85
CA LYS G 14 49.68 -2.51 -13.32
C LYS G 14 48.68 -2.73 -12.18
N ALA G 15 47.39 -2.70 -12.53
CA ALA G 15 46.32 -2.77 -11.54
C ALA G 15 45.88 -4.21 -11.33
N LYS G 16 45.89 -4.64 -10.08
CA LYS G 16 45.34 -5.93 -9.69
C LYS G 16 44.42 -5.71 -8.50
N THR G 17 43.16 -6.16 -8.63
CA THR G 17 42.18 -5.93 -7.58
C THR G 17 42.57 -6.66 -6.30
N ARG G 18 42.21 -6.07 -5.16
CA ARG G 18 42.50 -6.69 -3.88
C ARG G 18 41.71 -7.98 -3.69
N SER G 19 40.56 -8.11 -4.36
CA SER G 19 39.81 -9.35 -4.30
C SER G 19 40.61 -10.51 -4.88
N SER G 20 41.27 -10.27 -6.01
CA SER G 20 42.01 -11.33 -6.66
C SER G 20 43.23 -11.76 -5.83
N ARG G 21 43.97 -10.80 -5.29
CA ARG G 21 45.18 -11.18 -4.55
C ARG G 21 44.84 -11.90 -3.26
N ALA G 22 43.61 -11.77 -2.77
CA ALA G 22 43.14 -12.51 -1.61
C ALA G 22 42.37 -13.76 -1.98
N GLY G 23 42.17 -14.02 -3.26
CA GLY G 23 41.41 -15.19 -3.70
C GLY G 23 39.94 -15.15 -3.35
N LEU G 24 39.30 -14.00 -3.54
CA LEU G 24 37.89 -13.81 -3.20
C LEU G 24 37.08 -13.43 -4.42
N GLN G 25 35.78 -13.68 -4.36
CA GLN G 25 34.83 -13.25 -5.37
C GLN G 25 33.96 -12.09 -4.89
N PHE G 26 34.31 -11.49 -3.75
CA PHE G 26 33.58 -10.38 -3.19
C PHE G 26 34.45 -9.13 -3.19
N PRO G 27 33.84 -7.95 -3.31
CA PRO G 27 34.62 -6.73 -3.53
C PRO G 27 35.30 -6.19 -2.28
N VAL G 28 36.52 -6.63 -2.01
CA VAL G 28 37.27 -6.09 -0.86
C VAL G 28 37.33 -4.57 -0.91
N GLY G 29 37.52 -4.01 -2.11
CA GLY G 29 37.62 -2.57 -2.21
C GLY G 29 36.33 -1.86 -1.82
N ARG G 30 35.19 -2.40 -2.26
CA ARG G 30 33.91 -1.80 -1.90
C ARG G 30 33.62 -1.98 -0.41
N VAL G 31 33.94 -3.15 0.13
CA VAL G 31 33.74 -3.38 1.56
C VAL G 31 34.62 -2.43 2.37
N HIS G 32 35.84 -2.19 1.91
CA HIS G 32 36.70 -1.23 2.59
C HIS G 32 36.09 0.16 2.59
N ARG G 33 35.37 0.51 1.53
CA ARG G 33 34.73 1.82 1.47
C ARG G 33 33.54 1.90 2.42
N LEU G 34 32.77 0.82 2.52
CA LEU G 34 31.58 0.84 3.36
C LEU G 34 31.96 0.97 4.83
N LEU G 35 33.05 0.34 5.26
CA LEU G 35 33.49 0.47 6.63
C LEU G 35 33.90 1.91 6.95
N ARG G 36 34.64 2.55 6.05
CA ARG G 36 35.09 3.92 6.30
C ARG G 36 33.96 4.92 6.23
N LYS G 37 32.86 4.58 5.56
CA LYS G 37 31.76 5.51 5.39
C LYS G 37 30.66 5.33 6.43
N GLY G 38 30.61 4.18 7.08
CA GLY G 38 29.55 3.88 8.03
C GLY G 38 29.78 4.36 9.44
N ASN G 39 30.85 5.10 9.70
CA ASN G 39 31.14 5.62 11.03
C ASN G 39 31.24 4.51 12.08
N TYR G 40 31.91 3.43 11.73
CA TYR G 40 32.10 2.36 12.70
C TYR G 40 33.28 2.64 13.62
N ALA G 41 34.33 3.28 13.10
CA ALA G 41 35.46 3.68 13.93
C ALA G 41 36.22 4.76 13.20
N GLU G 42 37.16 5.37 13.90
CA GLU G 42 37.97 6.42 13.29
C GLU G 42 38.84 5.89 12.17
N ARG G 43 39.43 4.71 12.37
CA ARG G 43 40.36 4.12 11.41
C ARG G 43 39.96 2.68 11.13
N VAL G 44 40.31 2.22 9.93
CA VAL G 44 40.00 0.86 9.49
C VAL G 44 41.30 0.17 9.12
N GLY G 45 41.51 -1.02 9.68
CA GLY G 45 42.71 -1.78 9.36
C GLY G 45 42.72 -2.28 7.93
N ALA G 46 43.92 -2.63 7.47
CA ALA G 46 44.07 -3.09 6.10
C ALA G 46 43.47 -4.48 5.92
N GLY G 47 43.63 -5.35 6.92
CA GLY G 47 43.10 -6.69 6.83
C GLY G 47 41.64 -6.85 7.19
N ALA G 48 41.04 -5.81 7.76
CA ALA G 48 39.63 -5.89 8.14
C ALA G 48 38.70 -6.12 6.95
N PRO G 49 38.83 -5.39 5.83
CA PRO G 49 37.93 -5.69 4.70
C PRO G 49 38.16 -7.04 4.09
N VAL G 50 39.41 -7.51 4.05
CA VAL G 50 39.69 -8.83 3.50
C VAL G 50 39.05 -9.91 4.35
N TYR G 51 39.15 -9.78 5.67
CA TYR G 51 38.53 -10.74 6.56
C TYR G 51 37.01 -10.69 6.46
N LEU G 52 36.45 -9.48 6.37
CA LEU G 52 35.00 -9.34 6.37
C LEU G 52 34.40 -9.81 5.05
N ALA G 53 35.06 -9.54 3.94
CA ALA G 53 34.54 -10.00 2.65
C ALA G 53 34.61 -11.51 2.54
N ALA G 54 35.63 -12.13 3.13
CA ALA G 54 35.73 -13.57 3.12
C ALA G 54 34.59 -14.22 3.88
N VAL G 55 34.23 -13.64 5.03
CA VAL G 55 33.12 -14.17 5.83
C VAL G 55 31.81 -14.03 5.08
N LEU G 56 31.58 -12.87 4.48
CA LEU G 56 30.34 -12.65 3.74
C LEU G 56 30.23 -13.58 2.55
N GLU G 57 31.36 -13.88 1.91
CA GLU G 57 31.35 -14.83 0.80
C GLU G 57 31.01 -16.24 1.28
N TYR G 58 31.53 -16.63 2.44
CA TYR G 58 31.23 -17.96 2.96
C TYR G 58 29.75 -18.12 3.29
N LEU G 59 29.17 -17.14 3.97
CA LEU G 59 27.75 -17.23 4.32
C LEU G 59 26.89 -17.27 3.07
N THR G 60 27.26 -16.52 2.04
CA THR G 60 26.51 -16.56 0.78
C THR G 60 26.58 -17.94 0.15
N ALA G 61 27.75 -18.57 0.15
CA ALA G 61 27.88 -19.89 -0.45
C ALA G 61 27.09 -20.94 0.30
N GLU G 62 27.05 -20.84 1.64
CA GLU G 62 26.30 -21.81 2.42
C GLU G 62 24.82 -21.78 2.07
N ILE G 63 24.23 -20.59 2.00
CA ILE G 63 22.82 -20.49 1.64
C ILE G 63 22.60 -20.93 0.20
N LEU G 64 23.49 -20.53 -0.69
CA LEU G 64 23.27 -20.76 -2.11
C LEU G 64 23.23 -22.24 -2.47
N GLU G 65 24.16 -23.03 -1.93
CA GLU G 65 24.13 -24.45 -2.26
C GLU G 65 22.96 -25.14 -1.59
N LEU G 66 22.61 -24.74 -0.37
CA LEU G 66 21.46 -25.33 0.30
C LEU G 66 20.18 -24.99 -0.44
N ALA G 67 20.04 -23.75 -0.91
CA ALA G 67 18.89 -23.39 -1.72
C ALA G 67 18.94 -24.12 -3.06
N GLY G 68 20.14 -24.30 -3.62
CA GLY G 68 20.26 -25.02 -4.87
C GLY G 68 19.83 -26.47 -4.76
N ASN G 69 20.15 -27.11 -3.63
CA ASN G 69 19.73 -28.49 -3.43
C ASN G 69 18.22 -28.60 -3.37
N ALA G 70 17.56 -27.66 -2.68
CA ALA G 70 16.10 -27.68 -2.63
C ALA G 70 15.48 -27.44 -4.00
N ALA G 71 16.20 -26.74 -4.88
CA ALA G 71 15.68 -26.53 -6.23
C ALA G 71 15.63 -27.83 -7.02
N ARG G 72 16.66 -28.68 -6.91
CA ARG G 72 16.62 -29.97 -7.58
C ARG G 72 15.51 -30.85 -7.00
N ASP G 73 15.32 -30.83 -5.69
CA ASP G 73 14.35 -31.70 -5.06
C ASP G 73 12.93 -31.39 -5.50
N ASN G 74 12.70 -30.21 -6.08
CA ASN G 74 11.45 -29.92 -6.77
C ASN G 74 11.57 -30.06 -8.27
N LYS G 75 12.70 -30.61 -8.74
CA LYS G 75 12.95 -30.79 -10.17
C LYS G 75 12.85 -29.47 -10.92
N LYS G 76 13.42 -28.41 -10.33
CA LYS G 76 13.46 -27.09 -10.94
C LYS G 76 14.89 -26.60 -11.03
N THR G 77 15.12 -25.66 -11.93
CA THR G 77 16.47 -25.15 -12.18
C THR G 77 16.72 -23.79 -11.55
N ARG G 78 15.68 -23.04 -11.20
CA ARG G 78 15.89 -21.70 -10.68
C ARG G 78 15.72 -21.68 -9.17
N ILE G 79 16.29 -20.67 -8.53
CA ILE G 79 16.12 -20.42 -7.12
C ILE G 79 15.03 -19.37 -6.95
N ILE G 80 14.03 -19.67 -6.13
CA ILE G 80 12.96 -18.73 -5.84
C ILE G 80 12.92 -18.56 -4.33
N PRO G 81 12.24 -17.52 -3.83
CA PRO G 81 12.19 -17.30 -2.38
C PRO G 81 11.72 -18.51 -1.58
N ARG G 82 10.91 -19.38 -2.17
CA ARG G 82 10.52 -20.61 -1.49
C ARG G 82 11.74 -21.46 -1.18
N HIS G 83 12.68 -21.56 -2.13
CA HIS G 83 13.84 -22.41 -1.94
C HIS G 83 14.80 -21.83 -0.91
N LEU G 84 14.91 -20.50 -0.86
CA LEU G 84 15.69 -19.87 0.19
C LEU G 84 15.07 -20.12 1.55
N GLN G 85 13.74 -20.04 1.64
CA GLN G 85 13.05 -20.32 2.90
C GLN G 85 13.27 -21.75 3.35
N LEU G 86 13.13 -22.72 2.43
CA LEU G 86 13.29 -24.12 2.80
C LEU G 86 14.71 -24.41 3.24
N ALA G 87 15.70 -23.81 2.58
CA ALA G 87 17.09 -24.02 2.95
C ALA G 87 17.39 -23.49 4.34
N VAL G 88 16.94 -22.27 4.64
CA VAL G 88 17.30 -21.65 5.91
C VAL G 88 16.60 -22.34 7.06
N ARG G 89 15.32 -22.63 6.92
CA ARG G 89 14.55 -23.15 8.05
C ARG G 89 14.85 -24.62 8.31
N ASN G 90 15.32 -25.35 7.31
CA ASN G 90 15.64 -26.75 7.51
C ASN G 90 16.99 -26.92 8.20
N ASP G 91 17.95 -26.04 7.92
CA ASP G 91 19.24 -26.08 8.58
C ASP G 91 19.14 -25.37 9.91
N GLU G 92 19.43 -26.08 11.00
CA GLU G 92 19.29 -25.51 12.34
C GLU G 92 20.29 -24.40 12.61
N GLU G 93 21.37 -24.31 11.83
CA GLU G 93 22.36 -23.28 12.08
C GLU G 93 21.95 -21.96 11.42
N LEU G 94 21.60 -22.00 10.14
CA LEU G 94 21.12 -20.80 9.47
C LEU G 94 19.80 -20.33 10.06
N ASN G 95 18.99 -21.27 10.57
CA ASN G 95 17.73 -20.89 11.18
C ASN G 95 17.96 -20.01 12.40
N LYS G 96 18.95 -20.35 13.22
CA LYS G 96 19.24 -19.54 14.39
C LYS G 96 19.82 -18.18 14.01
N LEU G 97 20.57 -18.12 12.92
CA LEU G 97 21.08 -16.84 12.44
C LEU G 97 19.95 -15.94 11.95
N LEU G 98 18.91 -16.51 11.35
CA LEU G 98 17.81 -15.76 10.77
C LEU G 98 16.51 -16.04 11.50
N GLY G 99 16.57 -16.09 12.83
CA GLY G 99 15.36 -16.33 13.62
C GLY G 99 14.37 -15.20 13.52
N ARG G 100 14.84 -13.97 13.60
CA ARG G 100 13.98 -12.78 13.57
C ARG G 100 13.65 -12.32 12.15
N VAL G 101 14.16 -13.00 11.15
CA VAL G 101 14.05 -12.56 9.76
C VAL G 101 12.82 -13.16 9.12
N THR G 102 12.13 -12.36 8.31
CA THR G 102 11.01 -12.81 7.49
C THR G 102 11.39 -12.72 6.03
N ILE G 103 11.20 -13.82 5.30
CA ILE G 103 11.52 -13.89 3.88
C ILE G 103 10.22 -13.75 3.09
N ALA G 104 10.16 -12.73 2.24
CA ALA G 104 8.96 -12.48 1.47
C ALA G 104 8.74 -13.61 0.46
N GLN G 105 7.48 -14.00 0.28
CA GLN G 105 7.10 -15.08 -0.61
C GLN G 105 7.77 -16.41 -0.26
N GLY G 106 8.21 -16.55 0.98
CA GLY G 106 8.87 -17.75 1.42
C GLY G 106 7.96 -18.90 1.78
N GLY G 107 6.79 -18.60 2.33
CA GLY G 107 5.92 -19.65 2.84
C GLY G 107 6.40 -20.15 4.19
N VAL G 108 5.95 -21.35 4.54
CA VAL G 108 6.31 -21.99 5.79
C VAL G 108 6.77 -23.42 5.52
N LEU G 109 7.38 -24.01 6.53
CA LEU G 109 7.73 -25.43 6.44
C LEU G 109 6.48 -26.28 6.62
N PRO G 110 6.26 -27.27 5.76
CA PRO G 110 5.13 -28.19 5.97
C PRO G 110 5.28 -28.94 7.28
N ASN G 111 4.29 -28.80 8.16
CA ASN G 111 4.35 -29.41 9.48
C ASN G 111 2.94 -29.51 10.05
N ILE G 112 2.56 -30.72 10.47
CA ILE G 112 1.28 -30.95 11.13
C ILE G 112 1.52 -31.63 12.45
N GLN G 113 0.84 -31.17 13.49
CA GLN G 113 0.96 -31.77 14.81
C GLN G 113 0.38 -33.18 14.80
N SER G 114 0.95 -34.05 15.65
CA SER G 114 0.58 -35.46 15.64
C SER G 114 -0.88 -35.66 16.06
N VAL G 115 -1.34 -34.87 17.04
CA VAL G 115 -2.67 -35.08 17.61
C VAL G 115 -3.74 -34.82 16.55
N LEU G 116 -3.52 -33.82 15.70
CA LEU G 116 -4.54 -33.42 14.74
C LEU G 116 -4.82 -34.50 13.70
N LEU G 117 -3.79 -35.13 13.17
CA LEU G 117 -3.98 -36.13 12.13
C LEU G 117 -4.61 -37.40 12.72
N PRO G 118 -5.50 -38.06 11.98
CA PRO G 118 -6.16 -39.26 12.52
C PRO G 118 -5.17 -40.38 12.77
N LYS G 119 -5.41 -41.12 13.86
CA LYS G 119 -4.50 -42.19 14.27
C LYS G 119 -5.35 -43.30 14.89
N LYS G 120 -5.63 -44.33 14.10
CA LYS G 120 -6.44 -45.45 14.55
C LYS G 120 -5.64 -46.38 15.45
N SER H 33 20.38 7.47 -12.46
CA SER H 33 21.36 7.27 -11.39
C SER H 33 21.79 5.82 -11.31
N ARG H 34 22.92 5.58 -10.65
CA ARG H 34 23.51 4.25 -10.52
C ARG H 34 23.33 3.76 -9.08
N LYS H 35 22.73 2.59 -8.94
CA LYS H 35 22.48 1.97 -7.63
C LYS H 35 23.34 0.72 -7.51
N GLU H 36 24.13 0.64 -6.45
CA GLU H 36 25.03 -0.48 -6.24
C GLU H 36 24.34 -1.61 -5.50
N SER H 37 24.77 -2.84 -5.81
CA SER H 37 24.25 -4.02 -5.15
C SER H 37 25.33 -5.09 -5.16
N TYR H 38 25.00 -6.25 -4.61
CA TYR H 38 25.89 -7.40 -4.61
C TYR H 38 25.47 -8.45 -5.62
N ALA H 39 24.65 -8.07 -6.61
CA ALA H 39 24.04 -9.05 -7.48
C ALA H 39 25.08 -9.84 -8.27
N ILE H 40 26.06 -9.16 -8.85
CA ILE H 40 27.03 -9.84 -9.71
C ILE H 40 27.93 -10.73 -8.88
N TYR H 41 28.31 -10.31 -7.68
CA TYR H 41 29.19 -11.12 -6.86
C TYR H 41 28.48 -12.35 -6.32
N VAL H 42 27.19 -12.22 -6.01
CA VAL H 42 26.41 -13.40 -5.59
C VAL H 42 26.30 -14.37 -6.75
N TYR H 43 26.07 -13.85 -7.95
CA TYR H 43 25.94 -14.72 -9.12
C TYR H 43 27.24 -15.46 -9.43
N LYS H 44 28.37 -14.81 -9.20
CA LYS H 44 29.65 -15.49 -9.38
C LYS H 44 29.80 -16.64 -8.39
N VAL H 45 29.37 -16.43 -7.14
CA VAL H 45 29.44 -17.50 -6.16
C VAL H 45 28.46 -18.62 -6.50
N LEU H 46 27.29 -18.27 -7.04
CA LEU H 46 26.30 -19.27 -7.38
C LEU H 46 26.82 -20.25 -8.41
N LYS H 47 27.49 -19.75 -9.45
CA LYS H 47 28.04 -20.62 -10.47
C LYS H 47 29.21 -21.44 -10.00
N GLN H 48 29.78 -21.13 -8.84
CA GLN H 48 30.82 -21.97 -8.26
C GLN H 48 30.25 -23.24 -7.66
N VAL H 49 29.10 -23.14 -6.99
CA VAL H 49 28.53 -24.29 -6.29
C VAL H 49 27.54 -25.05 -7.16
N HIS H 50 26.73 -24.33 -7.95
CA HIS H 50 25.75 -24.95 -8.83
C HIS H 50 25.96 -24.33 -10.21
N PRO H 51 26.82 -24.92 -11.04
CA PRO H 51 27.17 -24.26 -12.31
C PRO H 51 26.01 -24.07 -13.27
N ASP H 52 24.92 -24.82 -13.10
CA ASP H 52 23.82 -24.77 -14.05
C ASP H 52 22.59 -24.04 -13.55
N THR H 53 22.33 -24.04 -12.24
CA THR H 53 21.13 -23.42 -11.72
C THR H 53 21.18 -21.90 -11.83
N GLY H 54 20.02 -21.29 -12.08
CA GLY H 54 19.88 -19.86 -12.05
C GLY H 54 19.12 -19.41 -10.81
N ILE H 55 18.92 -18.09 -10.74
CA ILE H 55 18.26 -17.48 -9.59
C ILE H 55 17.31 -16.40 -10.10
N SER H 56 16.10 -16.38 -9.52
CA SER H 56 15.09 -15.42 -9.96
C SER H 56 15.43 -14.04 -9.45
N SER H 57 14.64 -13.05 -9.89
CA SER H 57 14.90 -11.67 -9.50
C SER H 57 14.56 -11.42 -8.04
N LYS H 58 13.40 -11.89 -7.60
CA LYS H 58 13.01 -11.71 -6.20
C LYS H 58 13.97 -12.43 -5.26
N ALA H 59 14.35 -13.66 -5.62
CA ALA H 59 15.33 -14.37 -4.82
C ALA H 59 16.68 -13.65 -4.81
N MET H 60 16.96 -12.87 -5.86
CA MET H 60 18.21 -12.13 -5.90
C MET H 60 18.20 -10.95 -4.94
N SER H 61 17.08 -10.22 -4.87
CA SER H 61 16.99 -9.11 -3.92
C SER H 61 16.96 -9.61 -2.48
N ILE H 62 16.39 -10.79 -2.25
CA ILE H 62 16.42 -11.38 -0.92
C ILE H 62 17.85 -11.68 -0.51
N MET H 63 18.65 -12.23 -1.42
CA MET H 63 20.04 -12.49 -1.13
C MET H 63 20.82 -11.20 -0.94
N ASN H 64 20.46 -10.16 -1.68
CA ASN H 64 21.15 -8.89 -1.59
C ASN H 64 20.94 -8.26 -0.21
N SER H 65 19.72 -8.28 0.29
CA SER H 65 19.46 -7.71 1.61
C SER H 65 20.05 -8.56 2.71
N PHE H 66 20.18 -9.86 2.48
CA PHE H 66 20.83 -10.73 3.46
C PHE H 66 22.29 -10.33 3.67
N VAL H 67 23.00 -10.03 2.59
CA VAL H 67 24.40 -9.63 2.71
C VAL H 67 24.53 -8.31 3.45
N ASN H 68 23.64 -7.37 3.14
CA ASN H 68 23.66 -6.09 3.85
C ASN H 68 23.36 -6.27 5.32
N ASP H 69 22.41 -7.14 5.65
CA ASP H 69 22.08 -7.38 7.05
C ASP H 69 23.27 -7.92 7.81
N VAL H 70 23.92 -8.95 7.28
CA VAL H 70 25.04 -9.57 7.98
C VAL H 70 26.21 -8.60 8.05
N PHE H 71 26.41 -7.80 7.01
CA PHE H 71 27.51 -6.84 7.01
C PHE H 71 27.39 -5.88 8.17
N GLU H 72 26.23 -5.23 8.30
CA GLU H 72 26.08 -4.23 9.35
C GLU H 72 25.92 -4.86 10.72
N ARG H 73 25.56 -6.14 10.77
CA ARG H 73 25.53 -6.85 12.05
C ARG H 73 26.93 -7.10 12.55
N ILE H 74 27.83 -7.56 11.69
CA ILE H 74 29.22 -7.77 12.08
C ILE H 74 29.92 -6.44 12.31
N ALA H 75 29.73 -5.49 11.40
CA ALA H 75 30.42 -4.21 11.52
C ALA H 75 29.98 -3.47 12.77
N GLY H 76 28.69 -3.55 13.10
CA GLY H 76 28.20 -2.87 14.29
C GLY H 76 28.78 -3.44 15.57
N GLU H 77 28.92 -4.76 15.63
CA GLU H 77 29.51 -5.37 16.83
C GLU H 77 30.99 -5.08 16.94
N ALA H 78 31.71 -5.12 15.82
CA ALA H 78 33.13 -4.80 15.85
C ALA H 78 33.38 -3.37 16.25
N SER H 79 32.55 -2.45 15.78
CA SER H 79 32.64 -1.06 16.19
C SER H 79 32.49 -0.93 17.70
N ARG H 80 31.47 -1.57 18.26
CA ARG H 80 31.23 -1.53 19.69
C ARG H 80 32.32 -2.27 20.45
N LEU H 81 32.91 -3.29 19.83
CA LEU H 81 34.00 -4.02 20.45
C LEU H 81 35.24 -3.15 20.59
N ALA H 82 35.53 -2.32 19.59
CA ALA H 82 36.70 -1.44 19.65
C ALA H 82 36.50 -0.30 20.63
N HIS H 83 35.26 0.15 20.82
CA HIS H 83 34.99 1.21 21.78
C HIS H 83 35.17 0.72 23.21
N TYR H 84 34.92 -0.56 23.46
CA TYR H 84 35.03 -1.11 24.80
C TYR H 84 36.47 -1.11 25.28
N ASN H 85 37.40 -1.39 24.37
CA ASN H 85 38.82 -1.45 24.70
C ASN H 85 39.55 -0.15 24.45
N LYS H 86 38.83 0.93 24.20
CA LYS H 86 39.41 2.26 23.99
C LYS H 86 40.36 2.32 22.81
N ARG H 87 40.22 1.39 21.87
CA ARG H 87 40.93 1.49 20.61
C ARG H 87 40.21 2.45 19.66
N SER H 88 40.90 2.84 18.60
CA SER H 88 40.30 3.73 17.61
C SER H 88 40.43 3.17 16.20
N THR H 89 40.68 1.88 16.05
CA THR H 89 40.81 1.27 14.75
C THR H 89 40.08 -0.06 14.75
N ILE H 90 39.56 -0.45 13.60
CA ILE H 90 38.91 -1.73 13.41
C ILE H 90 39.86 -2.60 12.61
N THR H 91 40.35 -3.65 13.24
CA THR H 91 41.30 -4.57 12.62
C THR H 91 40.59 -5.89 12.35
N SER H 92 41.33 -6.81 11.73
CA SER H 92 40.78 -8.14 11.50
C SER H 92 40.51 -8.86 12.80
N ARG H 93 41.20 -8.48 13.87
CA ARG H 93 40.96 -9.11 15.16
C ARG H 93 39.57 -8.81 15.69
N GLU H 94 39.12 -7.57 15.57
CA GLU H 94 37.73 -7.26 15.94
C GLU H 94 36.75 -7.97 15.04
N ILE H 95 37.04 -8.05 13.74
CA ILE H 95 36.15 -8.74 12.82
C ILE H 95 36.07 -10.21 13.20
N GLN H 96 37.19 -10.80 13.63
CA GLN H 96 37.18 -12.20 14.03
C GLN H 96 36.34 -12.40 15.29
N THR H 97 36.52 -11.55 16.29
CA THR H 97 35.78 -11.71 17.54
C THR H 97 34.29 -11.48 17.31
N ALA H 98 33.94 -10.53 16.44
CA ALA H 98 32.53 -10.29 16.14
C ALA H 98 31.89 -11.51 15.51
N VAL H 99 32.63 -12.26 14.70
CA VAL H 99 32.07 -13.46 14.08
C VAL H 99 31.73 -14.50 15.14
N ARG H 100 32.61 -14.68 16.13
CA ARG H 100 32.28 -15.59 17.22
C ARG H 100 31.05 -15.13 17.98
N LEU H 101 30.93 -13.83 18.25
CA LEU H 101 29.81 -13.35 19.02
C LEU H 101 28.49 -13.51 18.27
N LEU H 102 28.50 -13.30 16.96
CA LEU H 102 27.26 -13.30 16.18
C LEU H 102 26.88 -14.70 15.68
N LEU H 103 27.76 -15.32 14.90
CA LEU H 103 27.43 -16.58 14.28
C LEU H 103 27.35 -17.69 15.34
N PRO H 104 26.43 -18.64 15.18
CA PRO H 104 26.30 -19.69 16.18
C PRO H 104 27.16 -20.90 15.90
N GLY H 105 27.96 -21.31 16.89
CA GLY H 105 28.48 -22.66 16.90
C GLY H 105 29.30 -23.01 15.68
N GLU H 106 28.86 -24.03 14.95
CA GLU H 106 29.64 -24.57 13.84
C GLU H 106 29.77 -23.60 12.69
N LEU H 107 28.84 -22.65 12.55
CA LEU H 107 28.99 -21.63 11.53
C LEU H 107 30.19 -20.73 11.82
N ALA H 108 30.40 -20.40 13.10
CA ALA H 108 31.48 -19.48 13.45
C ALA H 108 32.84 -20.11 13.21
N LYS H 109 32.96 -21.42 13.44
CA LYS H 109 34.25 -22.07 13.26
C LYS H 109 34.68 -22.03 11.81
N HIS H 110 33.74 -22.26 10.89
CA HIS H 110 34.08 -22.26 9.48
C HIS H 110 34.29 -20.85 8.94
N ALA H 111 33.50 -19.89 9.42
CA ALA H 111 33.68 -18.51 8.98
C ALA H 111 35.02 -17.95 9.44
N VAL H 112 35.45 -18.30 10.65
CA VAL H 112 36.76 -17.86 11.11
C VAL H 112 37.86 -18.49 10.28
N SER H 113 37.67 -19.75 9.86
CA SER H 113 38.67 -20.41 9.04
C SER H 113 38.81 -19.75 7.68
N GLU H 114 37.69 -19.38 7.05
CA GLU H 114 37.76 -18.70 5.77
C GLU H 114 38.42 -17.34 5.88
N GLY H 115 38.06 -16.57 6.91
CA GLY H 115 38.61 -15.25 7.06
C GLY H 115 40.11 -15.26 7.32
N THR H 116 40.57 -16.20 8.15
CA THR H 116 41.99 -16.31 8.41
C THR H 116 42.76 -16.69 7.16
N LYS H 117 42.20 -17.60 6.36
CA LYS H 117 42.85 -18.02 5.13
C LYS H 117 43.00 -16.86 4.16
N ALA H 118 41.98 -16.02 4.06
CA ALA H 118 42.02 -14.92 3.10
C ALA H 118 43.05 -13.88 3.51
N VAL H 119 43.20 -13.63 4.80
CA VAL H 119 44.13 -12.59 5.26
C VAL H 119 45.57 -13.03 5.04
N THR H 120 45.89 -14.29 5.35
CA THR H 120 47.25 -14.77 5.13
C THR H 120 47.62 -14.77 3.66
N LYS H 121 46.69 -15.18 2.81
CA LYS H 121 46.95 -15.13 1.36
C LYS H 121 47.17 -13.71 0.90
N TYR H 122 46.34 -12.78 1.37
CA TYR H 122 46.46 -11.38 0.96
C TYR H 122 47.79 -10.79 1.42
N THR H 123 48.19 -11.09 2.65
CA THR H 123 49.44 -10.56 3.18
C THR H 123 50.65 -11.11 2.41
N SER H 124 50.63 -12.40 2.11
CA SER H 124 51.75 -13.00 1.38
C SER H 124 51.88 -12.42 -0.02
N ALA H 125 50.75 -12.21 -0.71
CA ALA H 125 50.77 -11.66 -2.05
C ALA H 125 51.02 -10.15 -2.04
N LYS K 38 -29.02 -39.80 -0.59
CA LYS K 38 -28.18 -38.83 0.10
C LYS K 38 -26.87 -38.60 -0.66
N PRO K 39 -26.53 -37.33 -0.89
CA PRO K 39 -25.27 -37.03 -1.57
C PRO K 39 -24.08 -37.39 -0.70
N HIS K 40 -22.96 -37.68 -1.38
CA HIS K 40 -21.71 -37.97 -0.68
C HIS K 40 -21.25 -36.74 0.10
N ARG K 41 -21.03 -36.92 1.41
CA ARG K 41 -20.53 -35.86 2.27
C ARG K 41 -19.31 -36.35 3.03
N TYR K 42 -18.25 -35.55 3.02
CA TYR K 42 -17.05 -35.88 3.78
C TYR K 42 -17.31 -35.76 5.28
N ARG K 43 -16.57 -36.56 6.06
CA ARG K 43 -16.61 -36.43 7.50
C ARG K 43 -15.98 -35.10 7.92
N PRO K 44 -16.45 -34.53 9.03
CA PRO K 44 -15.82 -33.29 9.51
C PRO K 44 -14.34 -33.50 9.79
N GLY K 45 -13.53 -32.53 9.37
CA GLY K 45 -12.12 -32.59 9.66
C GLY K 45 -11.24 -32.99 8.49
N THR K 46 -11.71 -33.91 7.64
CA THR K 46 -10.87 -34.39 6.55
C THR K 46 -10.69 -33.31 5.49
N VAL K 47 -11.70 -32.47 5.27
CA VAL K 47 -11.54 -31.37 4.34
C VAL K 47 -10.68 -30.27 4.94
N ALA K 48 -10.82 -30.02 6.25
CA ALA K 48 -9.95 -29.06 6.92
C ALA K 48 -8.50 -29.52 6.88
N LEU K 49 -8.28 -30.83 6.91
CA LEU K 49 -6.93 -31.37 6.84
C LEU K 49 -6.42 -31.46 5.41
N ARG K 50 -7.28 -31.25 4.41
CA ARG K 50 -6.88 -31.30 3.01
C ARG K 50 -5.83 -30.24 2.66
N GLU K 51 -5.70 -29.21 3.48
CA GLU K 51 -4.69 -28.18 3.23
C GLU K 51 -3.26 -28.74 3.23
N ILE K 52 -3.04 -29.88 3.87
CA ILE K 52 -1.67 -30.41 3.99
C ILE K 52 -1.07 -30.68 2.62
N ARG K 53 -1.83 -31.32 1.75
CA ARG K 53 -1.31 -31.65 0.42
C ARG K 53 -1.05 -30.41 -0.42
N ARG K 54 -1.91 -29.39 -0.32
CA ARG K 54 -1.81 -28.27 -1.24
C ARG K 54 -1.64 -26.91 -0.59
N TYR K 55 -2.43 -26.59 0.43
CA TYR K 55 -2.61 -25.18 0.81
C TYR K 55 -1.69 -24.72 1.94
N GLN K 56 -0.70 -25.52 2.32
CA GLN K 56 0.37 -25.07 3.20
C GLN K 56 1.72 -25.07 2.51
N LYS K 57 1.81 -25.67 1.31
CA LYS K 57 3.03 -25.56 0.51
C LYS K 57 3.00 -24.39 -0.44
N SER K 58 1.87 -23.69 -0.57
CA SER K 58 1.79 -22.50 -1.39
C SER K 58 2.40 -21.30 -0.66
N THR K 59 2.64 -20.23 -1.42
CA THR K 59 3.28 -19.04 -0.86
C THR K 59 2.57 -17.73 -1.15
N GLU K 60 1.43 -17.75 -1.82
CA GLU K 60 0.78 -16.49 -2.15
C GLU K 60 0.17 -15.85 -0.90
N LEU K 61 -0.12 -14.56 -0.99
CA LEU K 61 -0.81 -13.87 0.08
C LEU K 61 -2.23 -14.39 0.22
N LEU K 62 -2.68 -14.56 1.45
CA LEU K 62 -3.97 -15.15 1.74
C LEU K 62 -5.06 -14.12 2.04
N ILE K 63 -4.73 -12.83 2.03
CA ILE K 63 -5.71 -11.77 2.21
C ILE K 63 -5.83 -11.00 0.90
N ARG K 64 -7.05 -10.63 0.55
CA ARG K 64 -7.27 -9.87 -0.67
C ARG K 64 -6.59 -8.51 -0.61
N LYS K 65 -6.10 -8.06 -1.77
CA LYS K 65 -5.30 -6.84 -1.82
C LYS K 65 -6.12 -5.61 -1.45
N LEU K 66 -7.28 -5.45 -2.08
CA LEU K 66 -8.06 -4.22 -1.89
C LEU K 66 -8.57 -4.04 -0.47
N PRO K 67 -9.21 -5.02 0.18
CA PRO K 67 -9.65 -4.79 1.56
C PRO K 67 -8.53 -4.45 2.50
N PHE K 68 -7.35 -5.06 2.30
CA PHE K 68 -6.22 -4.76 3.17
C PHE K 68 -5.75 -3.32 2.96
N GLN K 69 -5.69 -2.88 1.71
CA GLN K 69 -5.18 -1.55 1.41
C GLN K 69 -6.07 -0.46 1.98
N ARG K 70 -7.39 -0.67 1.94
CA ARG K 70 -8.29 0.29 2.57
C ARG K 70 -8.06 0.34 4.07
N LEU K 71 -7.79 -0.81 4.68
CA LEU K 71 -7.52 -0.85 6.11
C LEU K 71 -6.24 -0.10 6.45
N VAL K 72 -5.20 -0.25 5.64
CA VAL K 72 -3.94 0.43 5.91
C VAL K 72 -4.11 1.94 5.87
N ARG K 73 -4.82 2.44 4.85
CA ARG K 73 -5.02 3.88 4.73
C ARG K 73 -5.85 4.42 5.90
N GLU K 74 -6.86 3.68 6.32
CA GLU K 74 -7.69 4.15 7.43
C GLU K 74 -6.89 4.27 8.71
N ILE K 75 -6.00 3.31 8.98
CA ILE K 75 -5.17 3.40 10.17
C ILE K 75 -4.25 4.62 10.09
N ALA K 76 -3.66 4.85 8.91
CA ALA K 76 -2.74 5.97 8.76
C ALA K 76 -3.42 7.32 8.89
N GLN K 77 -4.74 7.39 8.72
CA GLN K 77 -5.45 8.66 8.88
C GLN K 77 -5.27 9.23 10.28
N ASP K 78 -5.12 8.36 11.28
CA ASP K 78 -5.02 8.82 12.65
C ASP K 78 -3.72 9.57 12.91
N PHE K 79 -2.62 9.11 12.30
CA PHE K 79 -1.33 9.71 12.58
C PHE K 79 -1.08 10.95 11.73
N LYS K 80 -1.43 10.89 10.45
CA LYS K 80 -1.20 12.02 9.55
C LYS K 80 -2.28 12.04 8.48
N THR K 81 -2.68 13.23 8.09
CA THR K 81 -3.65 13.42 7.02
C THR K 81 -2.94 13.69 5.71
N ASP K 82 -3.61 13.36 4.61
CA ASP K 82 -3.09 13.56 3.26
C ASP K 82 -1.77 12.81 3.08
N LEU K 83 -1.84 11.50 3.31
CA LEU K 83 -0.71 10.61 3.13
C LEU K 83 -0.89 9.78 1.87
N ARG K 84 0.23 9.46 1.23
CA ARG K 84 0.25 8.64 0.03
C ARG K 84 1.15 7.45 0.27
N PHE K 85 0.82 6.34 -0.36
CA PHE K 85 1.57 5.10 -0.20
C PHE K 85 2.06 4.63 -1.55
N GLN K 86 3.33 4.24 -1.62
CA GLN K 86 3.80 3.52 -2.78
C GLN K 86 3.11 2.17 -2.86
N SER K 87 3.00 1.64 -4.08
CA SER K 87 2.38 0.34 -4.25
C SER K 87 3.17 -0.75 -3.53
N SER K 88 4.49 -0.67 -3.60
CA SER K 88 5.33 -1.65 -2.93
C SER K 88 5.35 -1.46 -1.42
N ALA K 89 5.04 -0.27 -0.93
CA ALA K 89 4.95 -0.08 0.51
C ALA K 89 3.80 -0.88 1.11
N VAL K 90 2.65 -0.90 0.42
CA VAL K 90 1.50 -1.64 0.93
C VAL K 90 1.75 -3.14 0.87
N MET K 91 2.46 -3.61 -0.17
CA MET K 91 2.79 -5.02 -0.24
C MET K 91 3.71 -5.43 0.90
N ALA K 92 4.65 -4.57 1.28
CA ALA K 92 5.53 -4.89 2.39
C ALA K 92 4.75 -5.05 3.69
N LEU K 93 3.78 -4.17 3.93
CA LEU K 93 2.94 -4.28 5.13
C LEU K 93 2.15 -5.58 5.12
N GLN K 94 1.57 -5.94 3.97
CA GLN K 94 0.81 -7.18 3.91
C GLN K 94 1.72 -8.39 4.05
N GLU K 95 2.93 -8.31 3.49
CA GLU K 95 3.87 -9.41 3.61
C GLU K 95 4.22 -9.66 5.06
N ALA K 96 4.48 -8.60 5.82
CA ALA K 96 4.83 -8.75 7.23
C ALA K 96 3.62 -9.10 8.07
N SER K 97 2.43 -8.68 7.66
CA SER K 97 1.24 -8.91 8.47
C SER K 97 0.85 -10.39 8.47
N GLU K 98 0.86 -11.03 7.31
CA GLU K 98 0.50 -12.44 7.26
C GLU K 98 1.55 -13.31 7.93
N ALA K 99 2.81 -12.99 7.73
CA ALA K 99 3.87 -13.71 8.42
C ALA K 99 3.70 -13.62 9.93
N TYR K 100 3.20 -12.49 10.42
CA TYR K 100 2.93 -12.34 11.83
C TYR K 100 1.74 -13.18 12.27
N LEU K 101 0.66 -13.16 11.49
CA LEU K 101 -0.54 -13.87 11.92
C LEU K 101 -0.38 -15.38 11.79
N VAL K 102 0.31 -15.83 10.74
CA VAL K 102 0.59 -17.26 10.63
C VAL K 102 1.45 -17.73 11.79
N ALA K 103 2.47 -16.94 12.15
CA ALA K 103 3.33 -17.33 13.26
C ALA K 103 2.59 -17.31 14.59
N LEU K 104 1.59 -16.43 14.72
CA LEU K 104 0.81 -16.40 15.96
C LEU K 104 -0.11 -17.60 16.07
N PHE K 105 -0.72 -18.00 14.95
CA PHE K 105 -1.56 -19.21 14.98
C PHE K 105 -0.76 -20.47 15.22
N GLU K 106 0.53 -20.48 14.86
CA GLU K 106 1.34 -21.63 15.21
C GLU K 106 1.52 -21.74 16.72
N ASP K 107 1.65 -20.61 17.42
CA ASP K 107 1.74 -20.64 18.87
C ASP K 107 0.40 -20.84 19.53
N THR K 108 -0.67 -20.31 18.92
CA THR K 108 -2.01 -20.54 19.44
C THR K 108 -2.37 -22.02 19.41
N ASN K 109 -1.91 -22.73 18.39
CA ASN K 109 -2.27 -24.13 18.24
C ASN K 109 -1.62 -25.00 19.31
N LEU K 110 -0.42 -24.65 19.75
CA LEU K 110 0.23 -25.38 20.84
C LEU K 110 -0.42 -25.09 22.19
N CYS K 111 -0.90 -23.86 22.39
CA CYS K 111 -1.61 -23.57 23.62
C CYS K 111 -2.94 -24.30 23.71
N ALA K 112 -3.53 -24.64 22.56
CA ALA K 112 -4.75 -25.43 22.56
C ALA K 112 -4.46 -26.89 22.87
N ILE K 113 -3.43 -27.46 22.22
CA ILE K 113 -3.08 -28.84 22.44
C ILE K 113 -2.63 -29.05 23.88
N HIS K 114 -1.93 -28.07 24.44
CA HIS K 114 -1.47 -28.17 25.82
C HIS K 114 -2.64 -28.28 26.78
N ALA K 115 -3.80 -27.75 26.40
CA ALA K 115 -5.00 -27.83 27.22
C ALA K 115 -5.90 -28.98 26.81
N LYS K 116 -5.38 -29.93 26.03
CA LYS K 116 -6.07 -31.16 25.67
C LYS K 116 -7.33 -30.89 24.85
N ARG K 117 -7.16 -30.15 23.78
CA ARG K 117 -8.25 -29.90 22.84
C ARG K 117 -7.66 -29.46 21.51
N VAL K 118 -8.48 -29.52 20.47
CA VAL K 118 -8.03 -29.23 19.11
C VAL K 118 -8.64 -27.97 18.54
N THR K 119 -9.58 -27.35 19.24
CA THR K 119 -10.21 -26.11 18.78
C THR K 119 -9.50 -24.93 19.42
N ILE K 120 -8.93 -24.05 18.60
CA ILE K 120 -8.32 -22.84 19.12
C ILE K 120 -9.41 -21.88 19.58
N MET K 121 -9.17 -21.21 20.69
CA MET K 121 -10.12 -20.29 21.31
C MET K 121 -9.43 -18.99 21.63
N PRO K 122 -10.17 -17.90 21.78
CA PRO K 122 -9.53 -16.60 22.01
C PRO K 122 -8.67 -16.56 23.26
N LYS K 123 -8.95 -17.41 24.25
CA LYS K 123 -8.06 -17.48 25.41
C LYS K 123 -6.70 -18.07 25.05
N ASP K 124 -6.60 -18.77 23.93
CA ASP K 124 -5.32 -19.32 23.49
C ASP K 124 -4.45 -18.24 22.87
N ILE K 125 -5.06 -17.30 22.15
CA ILE K 125 -4.30 -16.19 21.57
C ILE K 125 -3.76 -15.30 22.67
N GLN K 126 -4.57 -15.01 23.68
CA GLN K 126 -4.10 -14.16 24.77
C GLN K 126 -2.98 -14.82 25.56
N LEU K 127 -3.00 -16.14 25.69
CA LEU K 127 -1.89 -16.81 26.35
C LEU K 127 -0.64 -16.75 25.49
N ALA K 128 -0.77 -17.01 24.20
CA ALA K 128 0.38 -16.98 23.31
C ALA K 128 1.01 -15.60 23.27
N ARG K 129 0.19 -14.56 23.16
CA ARG K 129 0.75 -13.21 23.06
C ARG K 129 1.34 -12.75 24.36
N ARG K 130 0.79 -13.18 25.50
CA ARG K 130 1.29 -12.69 26.77
C ARG K 130 2.65 -13.30 27.07
N ILE K 131 2.87 -14.55 26.69
CA ILE K 131 4.18 -15.18 26.86
C ILE K 131 5.23 -14.47 26.00
N ARG K 132 4.89 -14.15 24.75
CA ARG K 132 5.80 -13.40 23.89
C ARG K 132 6.09 -12.00 24.41
N GLY K 133 5.28 -11.49 25.33
CA GLY K 133 5.49 -10.15 25.84
C GLY K 133 4.76 -9.06 25.09
N GLU K 134 3.74 -9.40 24.30
CA GLU K 134 2.98 -8.42 23.54
C GLU K 134 1.76 -7.91 24.29
N ARG K 135 1.59 -8.31 25.54
CA ARG K 135 0.41 -7.94 26.30
C ARG K 135 0.36 -6.43 26.59
BE BEF L . -22.78 5.45 -34.12
F1 BEF L . -22.95 6.31 -32.65
F2 BEF L . -22.07 3.91 -33.90
F3 BEF L . -21.58 6.40 -34.84
MG MG M . -22.13 2.10 -34.68
PB ADP N . -23.65 4.84 -36.48
O1B ADP N . -24.82 5.07 -35.55
O2B ADP N . -22.65 3.83 -35.99
O3B ADP N . -23.02 6.09 -37.00
PA ADP N . -24.97 2.71 -37.64
O1A ADP N . -25.01 2.34 -36.17
O2A ADP N . -24.25 1.81 -38.64
O3A ADP N . -24.31 4.16 -37.76
O5' ADP N . -26.50 3.03 -38.04
C5' ADP N . -27.06 4.27 -37.60
C4' ADP N . -28.57 4.38 -37.80
O4' ADP N . -28.88 4.76 -39.14
C3' ADP N . -29.33 3.09 -37.53
O3' ADP N . -30.28 3.32 -36.50
C2' ADP N . -30.08 2.77 -38.80
O2' ADP N . -31.44 2.47 -38.47
C1' ADP N . -30.02 4.05 -39.62
N9 ADP N . -29.83 3.76 -41.06
C8 ADP N . -28.67 3.92 -41.72
N7 ADP N . -28.80 3.59 -43.03
C5 ADP N . -30.08 3.20 -43.22
C6 ADP N . -30.88 2.73 -44.35
N6 ADP N . -30.32 2.60 -45.58
N1 ADP N . -32.17 2.44 -44.13
C2 ADP N . -32.72 2.57 -42.91
N3 ADP N . -32.05 3.00 -41.83
C4 ADP N . -30.75 3.32 -41.91
#